data_3HFN
# 
_entry.id   3HFN 
# 
_audit_conform.dict_name       mmcif_pdbx.dic 
_audit_conform.dict_version    5.378 
_audit_conform.dict_location   http://mmcif.pdb.org/dictionaries/ascii/mmcif_pdbx.dic 
# 
loop_
_database_2.database_id 
_database_2.database_code 
_database_2.pdbx_database_accession 
_database_2.pdbx_DOI 
PDB   3HFN         pdb_00003hfn 10.2210/pdb3hfn/pdb 
RCSB  RCSB053074   ?            ?                   
WWPDB D_1000053074 ?            ?                   
# 
loop_
_pdbx_database_related.db_name 
_pdbx_database_related.db_id 
_pdbx_database_related.details 
_pdbx_database_related.content_type 
PDB 1HK9 Homologue                   unspecified 
PDB 1U1T Homologue                   unspecified 
PDB 1KQ1 Homologue                   unspecified 
PDB 2QTX Homologue                   unspecified 
PDB 1U1S Homologue                   unspecified 
PDB 1KQ2 'Homologue, with RNA bound' unspecified 
PDB 3HFO .                           unspecified 
# 
_pdbx_database_status.entry_id                        3HFN 
_pdbx_database_status.status_code                     REL 
_pdbx_database_status.deposit_site                    RCSB 
_pdbx_database_status.process_site                    RCSB 
_pdbx_database_status.recvd_initial_deposition_date   2009-05-12 
_pdbx_database_status.status_code_sf                  REL 
_pdbx_database_status.status_code_mr                  ? 
_pdbx_database_status.SG_entry                        ? 
_pdbx_database_status.status_code_cs                  ? 
_pdbx_database_status.pdb_format_compatible           Y 
_pdbx_database_status.status_code_nmr_data            ? 
_pdbx_database_status.methods_development_category    ? 
# 
loop_
_audit_author.name 
_audit_author.pdbx_ordinal 
'Boggild, A.'         1 
'Overgaard, M.'       2 
'Valentin-Hansen, P.' 3 
'Brodersen, D.E.'     4 
# 
_citation.id                        primary 
_citation.title                     
'Cyanobacteria contain a structural homologue of the Hfq protein with altered RNA-binding properties.' 
_citation.journal_abbrev            'Febs J.' 
_citation.journal_volume            276 
_citation.page_first                3904 
_citation.page_last                 3915 
_citation.year                      2009 
_citation.journal_id_ASTM           ? 
_citation.country                   UK 
_citation.journal_id_ISSN           1742-464X 
_citation.journal_id_CSD            ? 
_citation.book_publisher            ? 
_citation.pdbx_database_id_PubMed   19777643 
_citation.pdbx_database_id_DOI      10.1111/j.1742-4658.2009.07104.x 
# 
loop_
_citation_author.citation_id 
_citation_author.name 
_citation_author.ordinal 
_citation_author.identifier_ORCID 
primary 'Boggild, A.'         1 ? 
primary 'Overgaard, M.'       2 ? 
primary 'Valentin-Hansen, P.' 3 ? 
primary 'Brodersen, D.E.'     4 ? 
# 
_cell.entry_id           3HFN 
_cell.length_a           60.580 
_cell.length_b           60.580 
_cell.length_c           32.470 
_cell.angle_alpha        90.00 
_cell.angle_beta         90.00 
_cell.angle_gamma        120.00 
_cell.Z_PDB              6 
_cell.pdbx_unique_axis   ? 
_cell.length_a_esd       ? 
_cell.length_b_esd       ? 
_cell.length_c_esd       ? 
_cell.angle_alpha_esd    ? 
_cell.angle_beta_esd     ? 
_cell.angle_gamma_esd    ? 
# 
_symmetry.entry_id                         3HFN 
_symmetry.space_group_name_H-M             'P 3' 
_symmetry.pdbx_full_space_group_name_H-M   ? 
_symmetry.cell_setting                     ? 
_symmetry.Int_Tables_number                143 
_symmetry.space_group_name_Hall            ? 
# 
_entity.id                         1 
_entity.type                       polymer 
_entity.src_method                 man 
_entity.pdbx_description           'Asl2047 protein' 
_entity.formula_weight             8006.216 
_entity.pdbx_number_of_molecules   2 
_entity.pdbx_ec                    ? 
_entity.pdbx_mutation              ? 
_entity.pdbx_fragment              ? 
_entity.details                    ? 
# 
_entity_poly.entity_id                      1 
_entity_poly.type                           'polypeptide(L)' 
_entity_poly.nstd_linkage                   no 
_entity_poly.nstd_monomer                   no 
_entity_poly.pdbx_seq_one_letter_code       MAITEFDTSLPSIRQLQNLIKQAAPVEIKLVTGDAITGRVLWQDPTCVCIADENSRQTTIWKQAIAYLQPKG 
_entity_poly.pdbx_seq_one_letter_code_can   MAITEFDTSLPSIRQLQNLIKQAAPVEIKLVTGDAITGRVLWQDPTCVCIADENSRQTTIWKQAIAYLQPKG 
_entity_poly.pdbx_strand_id                 A,B 
_entity_poly.pdbx_target_identifier         ? 
# 
loop_
_entity_poly_seq.entity_id 
_entity_poly_seq.num 
_entity_poly_seq.mon_id 
_entity_poly_seq.hetero 
1 1  MET n 
1 2  ALA n 
1 3  ILE n 
1 4  THR n 
1 5  GLU n 
1 6  PHE n 
1 7  ASP n 
1 8  THR n 
1 9  SER n 
1 10 LEU n 
1 11 PRO n 
1 12 SER n 
1 13 ILE n 
1 14 ARG n 
1 15 GLN n 
1 16 LEU n 
1 17 GLN n 
1 18 ASN n 
1 19 LEU n 
1 20 ILE n 
1 21 LYS n 
1 22 GLN n 
1 23 ALA n 
1 24 ALA n 
1 25 PRO n 
1 26 VAL n 
1 27 GLU n 
1 28 ILE n 
1 29 LYS n 
1 30 LEU n 
1 31 VAL n 
1 32 THR n 
1 33 GLY n 
1 34 ASP n 
1 35 ALA n 
1 36 ILE n 
1 37 THR n 
1 38 GLY n 
1 39 ARG n 
1 40 VAL n 
1 41 LEU n 
1 42 TRP n 
1 43 GLN n 
1 44 ASP n 
1 45 PRO n 
1 46 THR n 
1 47 CYS n 
1 48 VAL n 
1 49 CYS n 
1 50 ILE n 
1 51 ALA n 
1 52 ASP n 
1 53 GLU n 
1 54 ASN n 
1 55 SER n 
1 56 ARG n 
1 57 GLN n 
1 58 THR n 
1 59 THR n 
1 60 ILE n 
1 61 TRP n 
1 62 LYS n 
1 63 GLN n 
1 64 ALA n 
1 65 ILE n 
1 66 ALA n 
1 67 TYR n 
1 68 LEU n 
1 69 GLN n 
1 70 PRO n 
1 71 LYS n 
1 72 GLY n 
# 
_entity_src_gen.entity_id                          1 
_entity_src_gen.pdbx_src_id                        1 
_entity_src_gen.pdbx_alt_source_flag               sample 
_entity_src_gen.pdbx_seq_type                      ? 
_entity_src_gen.pdbx_beg_seq_num                   ? 
_entity_src_gen.pdbx_end_seq_num                   ? 
_entity_src_gen.gene_src_common_name               ? 
_entity_src_gen.gene_src_genus                     ? 
_entity_src_gen.pdbx_gene_src_gene                 asl2047 
_entity_src_gen.gene_src_species                   ? 
_entity_src_gen.gene_src_strain                    'PCC 7120' 
_entity_src_gen.gene_src_tissue                    ? 
_entity_src_gen.gene_src_tissue_fraction           ? 
_entity_src_gen.gene_src_details                   'codons optimised for E. coli expression' 
_entity_src_gen.pdbx_gene_src_fragment             ? 
_entity_src_gen.pdbx_gene_src_scientific_name      'Nostoc sp.' 
_entity_src_gen.pdbx_gene_src_ncbi_taxonomy_id     103690 
_entity_src_gen.pdbx_gene_src_variant              ? 
_entity_src_gen.pdbx_gene_src_cell_line            ? 
_entity_src_gen.pdbx_gene_src_atcc                 ? 
_entity_src_gen.pdbx_gene_src_organ                ? 
_entity_src_gen.pdbx_gene_src_organelle            ? 
_entity_src_gen.pdbx_gene_src_cell                 ? 
_entity_src_gen.pdbx_gene_src_cellular_location    ? 
_entity_src_gen.host_org_common_name               ? 
_entity_src_gen.pdbx_host_org_scientific_name      'Escherichia coli' 
_entity_src_gen.pdbx_host_org_ncbi_taxonomy_id     562 
_entity_src_gen.host_org_genus                     ? 
_entity_src_gen.pdbx_host_org_gene                 ? 
_entity_src_gen.pdbx_host_org_organ                ? 
_entity_src_gen.host_org_species                   ? 
_entity_src_gen.pdbx_host_org_tissue               ? 
_entity_src_gen.pdbx_host_org_tissue_fraction      ? 
_entity_src_gen.pdbx_host_org_strain               ER2566 
_entity_src_gen.pdbx_host_org_variant              ? 
_entity_src_gen.pdbx_host_org_cell_line            ? 
_entity_src_gen.pdbx_host_org_atcc                 ? 
_entity_src_gen.pdbx_host_org_culture_collection   ? 
_entity_src_gen.pdbx_host_org_cell                 ? 
_entity_src_gen.pdbx_host_org_organelle            ? 
_entity_src_gen.pdbx_host_org_cellular_location    ? 
_entity_src_gen.pdbx_host_org_vector_type          plasmid 
_entity_src_gen.pdbx_host_org_vector               ? 
_entity_src_gen.host_org_details                   ? 
_entity_src_gen.expression_system_id               ? 
_entity_src_gen.plasmid_name                       pTYP11 
_entity_src_gen.plasmid_details                    ? 
_entity_src_gen.pdbx_description                   ? 
# 
_struct_ref.id                         1 
_struct_ref.db_name                    UNP 
_struct_ref.db_code                    Q8YVD1_ANASP 
_struct_ref.pdbx_db_accession          Q8YVD1 
_struct_ref.entity_id                  1 
_struct_ref.pdbx_seq_one_letter_code   MAITEFDTSLPSIRQLQNLIKQAAPVEIKLVTGDAITGRVLWQDPTCVCIADENSRQTTIWKQAIAYLQPKG 
_struct_ref.pdbx_align_begin           1 
_struct_ref.pdbx_db_isoform            ? 
# 
loop_
_struct_ref_seq.align_id 
_struct_ref_seq.ref_id 
_struct_ref_seq.pdbx_PDB_id_code 
_struct_ref_seq.pdbx_strand_id 
_struct_ref_seq.seq_align_beg 
_struct_ref_seq.pdbx_seq_align_beg_ins_code 
_struct_ref_seq.seq_align_end 
_struct_ref_seq.pdbx_seq_align_end_ins_code 
_struct_ref_seq.pdbx_db_accession 
_struct_ref_seq.db_align_beg 
_struct_ref_seq.pdbx_db_align_beg_ins_code 
_struct_ref_seq.db_align_end 
_struct_ref_seq.pdbx_db_align_end_ins_code 
_struct_ref_seq.pdbx_auth_seq_align_beg 
_struct_ref_seq.pdbx_auth_seq_align_end 
1 1 3HFN A 1 ? 72 ? Q8YVD1 1 ? 72 ? 0 71 
2 1 3HFN B 1 ? 72 ? Q8YVD1 1 ? 72 ? 0 71 
# 
loop_
_chem_comp.id 
_chem_comp.type 
_chem_comp.mon_nstd_flag 
_chem_comp.name 
_chem_comp.pdbx_synonyms 
_chem_comp.formula 
_chem_comp.formula_weight 
ALA 'L-peptide linking' y ALANINE         ? 'C3 H7 N O2'     89.093  
ARG 'L-peptide linking' y ARGININE        ? 'C6 H15 N4 O2 1' 175.209 
ASN 'L-peptide linking' y ASPARAGINE      ? 'C4 H8 N2 O3'    132.118 
ASP 'L-peptide linking' y 'ASPARTIC ACID' ? 'C4 H7 N O4'     133.103 
CYS 'L-peptide linking' y CYSTEINE        ? 'C3 H7 N O2 S'   121.158 
GLN 'L-peptide linking' y GLUTAMINE       ? 'C5 H10 N2 O3'   146.144 
GLU 'L-peptide linking' y 'GLUTAMIC ACID' ? 'C5 H9 N O4'     147.129 
GLY 'peptide linking'   y GLYCINE         ? 'C2 H5 N O2'     75.067  
ILE 'L-peptide linking' y ISOLEUCINE      ? 'C6 H13 N O2'    131.173 
LEU 'L-peptide linking' y LEUCINE         ? 'C6 H13 N O2'    131.173 
LYS 'L-peptide linking' y LYSINE          ? 'C6 H15 N2 O2 1' 147.195 
MET 'L-peptide linking' y METHIONINE      ? 'C5 H11 N O2 S'  149.211 
PHE 'L-peptide linking' y PHENYLALANINE   ? 'C9 H11 N O2'    165.189 
PRO 'L-peptide linking' y PROLINE         ? 'C5 H9 N O2'     115.130 
SER 'L-peptide linking' y SERINE          ? 'C3 H7 N O3'     105.093 
THR 'L-peptide linking' y THREONINE       ? 'C4 H9 N O3'     119.119 
TRP 'L-peptide linking' y TRYPTOPHAN      ? 'C11 H12 N2 O2'  204.225 
TYR 'L-peptide linking' y TYROSINE        ? 'C9 H11 N O3'    181.189 
VAL 'L-peptide linking' y VALINE          ? 'C5 H11 N O2'    117.146 
# 
_exptl.crystals_number   1 
_exptl.entry_id          3HFN 
_exptl.method            'X-RAY DIFFRACTION' 
# 
_exptl_crystal.id                    1 
_exptl_crystal.density_Matthews      2.15 
_exptl_crystal.density_meas          ? 
_exptl_crystal.density_percent_sol   42.74 
_exptl_crystal.description           ? 
_exptl_crystal.F_000                 ? 
_exptl_crystal.preparation           ? 
# 
_exptl_crystal_grow.crystal_id      1 
_exptl_crystal_grow.method          'VAPOR DIFFUSION, SITTING DROP' 
_exptl_crystal_grow.pH              3.5 
_exptl_crystal_grow.temp            277 
_exptl_crystal_grow.pdbx_details    
'2 M ammonium sulphate, 0.1 M citric acid, pH 3.5, VAPOR DIFFUSION, SITTING DROP, temperature 277K' 
_exptl_crystal_grow.temp_details    ? 
_exptl_crystal_grow.pdbx_pH_range   ? 
# 
_diffrn.id                     1 
_diffrn.ambient_temp           100 
_diffrn.ambient_temp_details   ? 
_diffrn.crystal_id             1 
# 
_diffrn_detector.diffrn_id              1 
_diffrn_detector.detector               PIXEL 
_diffrn_detector.type                   'PSI PILATUS 6M' 
_diffrn_detector.pdbx_collection_date   2008-03-03 
_diffrn_detector.details                ? 
# 
_diffrn_radiation.diffrn_id                        1 
_diffrn_radiation.pdbx_diffrn_protocol             'SINGLE WAVELENGTH' 
_diffrn_radiation.monochromator                    'LN2 cooled fixed-exit Si(111)' 
_diffrn_radiation.wavelength_id                    1 
_diffrn_radiation.pdbx_monochromatic_or_laue_m_l   M 
_diffrn_radiation.pdbx_scattering_type             x-ray 
# 
_diffrn_radiation_wavelength.id           1 
_diffrn_radiation_wavelength.wavelength   0.9184 
_diffrn_radiation_wavelength.wt           1.0 
# 
_diffrn_source.diffrn_id                   1 
_diffrn_source.source                      SYNCHROTRON 
_diffrn_source.type                        'SLS BEAMLINE X06SA' 
_diffrn_source.pdbx_wavelength             ? 
_diffrn_source.pdbx_wavelength_list        0.9184 
_diffrn_source.pdbx_synchrotron_site       SLS 
_diffrn_source.pdbx_synchrotron_beamline   X06SA 
# 
_reflns.entry_id                     3HFN 
_reflns.d_resolution_high            2.300 
_reflns.number_obs                   5806 
_reflns.pdbx_Rmerge_I_obs            0.065 
_reflns.percent_possible_obs         97.900 
_reflns.B_iso_Wilson_estimate        27.606 
_reflns.observed_criterion_sigma_I   ? 
_reflns.observed_criterion_sigma_F   ? 
_reflns.d_resolution_low             30.3 
_reflns.number_all                   ? 
_reflns.pdbx_Rsym_value              ? 
_reflns.pdbx_netI_over_sigmaI        14.55 
_reflns.pdbx_redundancy              3.5 
_reflns.R_free_details               ? 
_reflns.limit_h_max                  ? 
_reflns.limit_h_min                  ? 
_reflns.limit_k_max                  ? 
_reflns.limit_k_min                  ? 
_reflns.limit_l_max                  ? 
_reflns.limit_l_min                  ? 
_reflns.observed_criterion_F_max     ? 
_reflns.observed_criterion_F_min     ? 
_reflns.pdbx_chi_squared             ? 
_reflns.pdbx_scaling_rejects         ? 
_reflns.pdbx_ordinal                 1 
_reflns.pdbx_diffrn_id               1 
# 
_reflns_shell.d_res_high             2.30 
_reflns_shell.d_res_low              2.40 
_reflns_shell.number_measured_obs    2232 
_reflns_shell.number_measured_all    ? 
_reflns_shell.number_unique_obs      648 
_reflns_shell.Rmerge_I_obs           0.179 
_reflns_shell.meanI_over_sigI_obs    6.1 
_reflns_shell.pdbx_Rsym_value        ? 
_reflns_shell.pdbx_chi_squared       ? 
_reflns_shell.pdbx_redundancy        3.4 
_reflns_shell.percent_possible_obs   ? 
_reflns_shell.number_unique_all      ? 
_reflns_shell.percent_possible_all   90.60 
_reflns_shell.pdbx_ordinal           1 
_reflns_shell.pdbx_diffrn_id         1 
# 
_refine.entry_id                                 3HFN 
_refine.ls_d_res_high                            2.310 
_refine.ls_d_res_low                             30.290 
_refine.pdbx_ls_sigma_F                          0.00 
_refine.pdbx_data_cutoff_high_absF               ? 
_refine.pdbx_data_cutoff_low_absF                ? 
_refine.ls_percent_reflns_obs                    98.610 
_refine.ls_number_reflns_obs                     5805 
_refine.ls_number_reflns_all                     ? 
_refine.pdbx_ls_cross_valid_method               THROUGHOUT 
_refine.pdbx_R_Free_selection_details            RANDOM 
_refine.details                                  
'HYDROGENS HAVE BEEN ADDED IN THE RIDING POSITIONS U VALUES      : REFINED INDIVIDUALLY' 
_refine.ls_R_factor_all                          ? 
_refine.ls_R_factor_obs                          0.273 
_refine.ls_R_factor_R_work                       0.272 
_refine.ls_wR_factor_R_work                      0.259 
_refine.ls_R_factor_R_free                       0.286 
_refine.ls_wR_factor_R_free                      0.266 
_refine.ls_percent_reflns_R_free                 4.900 
_refine.ls_number_reflns_R_free                  285 
_refine.ls_R_factor_R_free_error                 ? 
_refine.B_iso_mean                               18.630 
_refine.solvent_model_param_bsol                 ? 
_refine.solvent_model_param_ksol                 ? 
_refine.pdbx_isotropic_thermal_model             ? 
_refine.aniso_B[1][1]                            2.530 
_refine.aniso_B[2][2]                            2.530 
_refine.aniso_B[3][3]                            -5.070 
_refine.aniso_B[1][2]                            0.000 
_refine.aniso_B[1][3]                            0.000 
_refine.aniso_B[2][3]                            0.000 
_refine.correlation_coeff_Fo_to_Fc               0.859 
_refine.correlation_coeff_Fo_to_Fc_free          0.850 
_refine.overall_SU_R_Cruickshank_DPI             0.099 
_refine.overall_SU_R_free                        0.059 
_refine.pdbx_overall_ESU_R                       0.099 
_refine.pdbx_overall_ESU_R_Free                  0.059 
_refine.overall_SU_ML                            0.275 
_refine.overall_SU_B                             11.773 
_refine.solvent_model_details                    'BABINET MODEL WITH MASK' 
_refine.pdbx_solvent_vdw_probe_radii             1.400 
_refine.pdbx_solvent_ion_probe_radii             0.800 
_refine.pdbx_solvent_shrinkage_radii             0.800 
_refine.ls_number_parameters                     ? 
_refine.ls_number_restraints                     ? 
_refine.pdbx_starting_model                      'PDB entry 1U1T' 
_refine.pdbx_method_to_determine_struct          'MOLECULAR REPLACEMENT' 
_refine.pdbx_stereochemistry_target_values       'MAXIMUM LIKELIHOOD' 
_refine.pdbx_stereochem_target_val_spec_case     ? 
_refine.overall_FOM_work_R_set                   0.667 
_refine.B_iso_max                                42.01 
_refine.B_iso_min                                2.00 
_refine.occupancy_max                            1.00 
_refine.occupancy_min                            1.00 
_refine.pdbx_ls_sigma_I                          ? 
_refine.ls_redundancy_reflns_obs                 ? 
_refine.ls_R_factor_R_free_error_details         ? 
_refine.pdbx_data_cutoff_high_rms_absF           ? 
_refine.overall_FOM_free_R_set                   ? 
_refine.pdbx_overall_phase_error                 ? 
_refine.pdbx_refine_id                           'X-RAY DIFFRACTION' 
_refine.pdbx_diffrn_id                           1 
_refine.pdbx_TLS_residual_ADP_flag               ? 
_refine.pdbx_overall_SU_R_free_Cruickshank_DPI   ? 
_refine.pdbx_overall_SU_R_Blow_DPI               ? 
_refine.pdbx_overall_SU_R_free_Blow_DPI          ? 
# 
_refine_hist.pdbx_refine_id                   'X-RAY DIFFRACTION' 
_refine_hist.cycle_id                         LAST 
_refine_hist.pdbx_number_atoms_protein        940 
_refine_hist.pdbx_number_atoms_nucleic_acid   0 
_refine_hist.pdbx_number_atoms_ligand         0 
_refine_hist.number_atoms_solvent             0 
_refine_hist.number_atoms_total               940 
_refine_hist.d_res_high                       2.310 
_refine_hist.d_res_low                        30.290 
# 
loop_
_refine_ls_restr.type 
_refine_ls_restr.number 
_refine_ls_restr.dev_ideal 
_refine_ls_restr.dev_ideal_target 
_refine_ls_restr.weight 
_refine_ls_restr.pdbx_refine_id 
_refine_ls_restr.pdbx_restraint_function 
r_bond_refined_d       954  0.024  0.022  ? 'X-RAY DIFFRACTION' ? 
r_angle_refined_deg    1298 2.547  1.969  ? 'X-RAY DIFFRACTION' ? 
r_dihedral_angle_1_deg 116  8.853  5.000  ? 'X-RAY DIFFRACTION' ? 
r_dihedral_angle_2_deg 36   40.435 25.000 ? 'X-RAY DIFFRACTION' ? 
r_dihedral_angle_3_deg 174  25.713 15.000 ? 'X-RAY DIFFRACTION' ? 
r_dihedral_angle_4_deg 6    25.052 15.000 ? 'X-RAY DIFFRACTION' ? 
r_chiral_restr         160  0.154  0.200  ? 'X-RAY DIFFRACTION' ? 
r_gen_planes_refined   678  0.014  0.021  ? 'X-RAY DIFFRACTION' ? 
r_mcbond_it            600  0.984  1.500  ? 'X-RAY DIFFRACTION' ? 
r_mcangle_it           980  1.720  2.000  ? 'X-RAY DIFFRACTION' ? 
r_scbond_it            354  2.180  3.000  ? 'X-RAY DIFFRACTION' ? 
r_scangle_it           318  3.761  4.500  ? 'X-RAY DIFFRACTION' ? 
# 
loop_
_refine_ls_restr_ncs.pdbx_refine_id 
_refine_ls_restr_ncs.pdbx_ens_id 
_refine_ls_restr_ncs.dom_id 
_refine_ls_restr_ncs.pdbx_type 
_refine_ls_restr_ncs.pdbx_auth_asym_id 
_refine_ls_restr_ncs.pdbx_number 
_refine_ls_restr_ncs.rms_dev_position 
_refine_ls_restr_ncs.weight_position 
_refine_ls_restr_ncs.pdbx_ordinal 
_refine_ls_restr_ncs.ncs_model_details 
_refine_ls_restr_ncs.rms_dev_B_iso 
_refine_ls_restr_ncs.weight_B_iso 
_refine_ls_restr_ncs.pdbx_asym_id 
_refine_ls_restr_ncs.pdbx_rms 
_refine_ls_restr_ncs.pdbx_weight 
'X-RAY DIFFRACTION' 1 1 'TIGHT POSITIONAL'  A 240 0.170 0.050 1 ? ? ? ? ? ? 
'X-RAY DIFFRACTION' 1 1 'MEDIUM POSITIONAL' B 230 0.330 0.500 2 ? ? ? ? ? ? 
'X-RAY DIFFRACTION' 1 1 'TIGHT THERMAL'     A 240 0.430 0.500 3 ? ? ? ? ? ? 
'X-RAY DIFFRACTION' 1 1 'MEDIUM THERMAL'    B 230 0.520 2.000 4 ? ? ? ? ? ? 
# 
_refine_ls_shell.d_res_high                       2.305 
_refine_ls_shell.d_res_low                        2.365 
_refine_ls_shell.pdbx_total_number_of_bins_used   20 
_refine_ls_shell.percent_reflns_obs               94.340 
_refine_ls_shell.number_reflns_R_work             390 
_refine_ls_shell.R_factor_all                     ? 
_refine_ls_shell.R_factor_R_work                  0.429 
_refine_ls_shell.R_factor_R_free                  0.348 
_refine_ls_shell.percent_reflns_R_free            ? 
_refine_ls_shell.number_reflns_R_free             10 
_refine_ls_shell.R_factor_R_free_error            ? 
_refine_ls_shell.number_reflns_all                400 
_refine_ls_shell.number_reflns_obs                ? 
_refine_ls_shell.redundancy_reflns_obs            ? 
_refine_ls_shell.pdbx_refine_id                   'X-RAY DIFFRACTION' 
# 
loop_
_struct_ncs_dom.pdbx_ens_id 
_struct_ncs_dom.id 
_struct_ncs_dom.details 
1 1 A 
1 2 B 
# 
loop_
_struct_ncs_dom_lim.pdbx_ens_id 
_struct_ncs_dom_lim.dom_id 
_struct_ncs_dom_lim.pdbx_component_id 
_struct_ncs_dom_lim.beg_label_asym_id 
_struct_ncs_dom_lim.beg_label_comp_id 
_struct_ncs_dom_lim.beg_label_seq_id 
_struct_ncs_dom_lim.beg_label_alt_id 
_struct_ncs_dom_lim.end_label_asym_id 
_struct_ncs_dom_lim.end_label_comp_id 
_struct_ncs_dom_lim.end_label_seq_id 
_struct_ncs_dom_lim.end_label_alt_id 
_struct_ncs_dom_lim.beg_auth_asym_id 
_struct_ncs_dom_lim.beg_auth_comp_id 
_struct_ncs_dom_lim.beg_auth_seq_id 
_struct_ncs_dom_lim.end_auth_asym_id 
_struct_ncs_dom_lim.end_auth_comp_id 
_struct_ncs_dom_lim.end_auth_seq_id 
_struct_ncs_dom_lim.pdbx_refine_code 
_struct_ncs_dom_lim.selection_details 
1 1 1 A SER 9 . A LYS 71 . A SER 8 A LYS 70 2 ? 
1 2 1 B SER 9 . B LYS 71 . B SER 8 B LYS 70 2 ? 
# 
_struct_ncs_ens.id        1 
_struct_ncs_ens.details   ? 
# 
_struct.entry_id                  3HFN 
_struct.title                     'Crystal Structure of an Hfq protein from Anabaena sp.' 
_struct.pdbx_model_details        ? 
_struct.pdbx_CASP_flag            ? 
_struct.pdbx_model_type_details   ? 
# 
_struct_keywords.entry_id        3HFN 
_struct_keywords.text            'HFQ, SM, RNA-BINDING PROTEIN, SRNA, TRANSLATIONAL REGULATION, RNA BINDING PROTEIN' 
_struct_keywords.pdbx_keywords   'RNA BINDING PROTEIN' 
# 
loop_
_struct_asym.id 
_struct_asym.pdbx_blank_PDB_chainid_flag 
_struct_asym.pdbx_modified 
_struct_asym.entity_id 
_struct_asym.details 
A N N 1 ? 
B N N 1 ? 
# 
_struct_biol.id        1 
_struct_biol.details   ? 
# 
_struct_conf.conf_type_id            HELX_P 
_struct_conf.id                      HELX_P1 
_struct_conf.pdbx_PDB_helix_id       2 
_struct_conf.beg_label_comp_id       SER 
_struct_conf.beg_label_asym_id       A 
_struct_conf.beg_label_seq_id        9 
_struct_conf.pdbx_beg_PDB_ins_code   ? 
_struct_conf.end_label_comp_id       LYS 
_struct_conf.end_label_asym_id       A 
_struct_conf.end_label_seq_id        21 
_struct_conf.pdbx_end_PDB_ins_code   ? 
_struct_conf.beg_auth_comp_id        SER 
_struct_conf.beg_auth_asym_id        A 
_struct_conf.beg_auth_seq_id         8 
_struct_conf.end_auth_comp_id        LYS 
_struct_conf.end_auth_asym_id        A 
_struct_conf.end_auth_seq_id         20 
_struct_conf.pdbx_PDB_helix_class    1 
_struct_conf.details                 ? 
_struct_conf.pdbx_PDB_helix_length   13 
# 
_struct_conf_type.id          HELX_P 
_struct_conf_type.criteria    ? 
_struct_conf_type.reference   ? 
# 
_struct_sheet.id               A 
_struct_sheet.type             ? 
_struct_sheet.number_strands   5 
_struct_sheet.details          ? 
# 
loop_
_struct_sheet_order.sheet_id 
_struct_sheet_order.range_id_1 
_struct_sheet_order.range_id_2 
_struct_sheet_order.offset 
_struct_sheet_order.sense 
A 1 2 ? anti-parallel 
A 2 3 ? anti-parallel 
A 3 4 ? anti-parallel 
A 4 5 ? anti-parallel 
# 
loop_
_struct_sheet_range.sheet_id 
_struct_sheet_range.id 
_struct_sheet_range.beg_label_comp_id 
_struct_sheet_range.beg_label_asym_id 
_struct_sheet_range.beg_label_seq_id 
_struct_sheet_range.pdbx_beg_PDB_ins_code 
_struct_sheet_range.end_label_comp_id 
_struct_sheet_range.end_label_asym_id 
_struct_sheet_range.end_label_seq_id 
_struct_sheet_range.pdbx_end_PDB_ins_code 
_struct_sheet_range.beg_auth_comp_id 
_struct_sheet_range.beg_auth_asym_id 
_struct_sheet_range.beg_auth_seq_id 
_struct_sheet_range.end_auth_comp_id 
_struct_sheet_range.end_auth_asym_id 
_struct_sheet_range.end_auth_seq_id 
A 1 THR A 58 ? TRP A 61 ? THR A 57 TRP A 60 
A 2 CYS A 47 ? ALA A 51 ? CYS A 46 ALA A 50 
A 3 ALA A 35 ? GLN A 43 ? ALA A 34 GLN A 42 
A 4 PRO A 25 ? LEU A 30 ? PRO A 24 LEU A 29 
A 5 ILE A 65 ? PRO A 70 ? ILE A 64 PRO A 69 
# 
loop_
_pdbx_struct_sheet_hbond.sheet_id 
_pdbx_struct_sheet_hbond.range_id_1 
_pdbx_struct_sheet_hbond.range_id_2 
_pdbx_struct_sheet_hbond.range_1_label_atom_id 
_pdbx_struct_sheet_hbond.range_1_label_comp_id 
_pdbx_struct_sheet_hbond.range_1_label_asym_id 
_pdbx_struct_sheet_hbond.range_1_label_seq_id 
_pdbx_struct_sheet_hbond.range_1_PDB_ins_code 
_pdbx_struct_sheet_hbond.range_1_auth_atom_id 
_pdbx_struct_sheet_hbond.range_1_auth_comp_id 
_pdbx_struct_sheet_hbond.range_1_auth_asym_id 
_pdbx_struct_sheet_hbond.range_1_auth_seq_id 
_pdbx_struct_sheet_hbond.range_2_label_atom_id 
_pdbx_struct_sheet_hbond.range_2_label_comp_id 
_pdbx_struct_sheet_hbond.range_2_label_asym_id 
_pdbx_struct_sheet_hbond.range_2_label_seq_id 
_pdbx_struct_sheet_hbond.range_2_PDB_ins_code 
_pdbx_struct_sheet_hbond.range_2_auth_atom_id 
_pdbx_struct_sheet_hbond.range_2_auth_comp_id 
_pdbx_struct_sheet_hbond.range_2_auth_asym_id 
_pdbx_struct_sheet_hbond.range_2_auth_seq_id 
A 1 2 O ILE A 60 ? O ILE A 59 N VAL A 48 ? N VAL A 47 
A 2 3 O CYS A 49 ? O CYS A 48 N TRP A 42 ? N TRP A 41 
A 3 4 O GLY A 38 ? O GLY A 37 N VAL A 26 ? N VAL A 25 
A 4 5 N LYS A 29 ? N LYS A 28 O TYR A 67 ? O TYR A 66 
# 
_atom_sites.entry_id                    3HFN 
_atom_sites.fract_transf_matrix[1][1]   0.00549468 
_atom_sites.fract_transf_matrix[1][2]   0.01372821 
_atom_sites.fract_transf_matrix[1][3]   -0.01202692 
_atom_sites.fract_transf_matrix[2][1]   0.01855401 
_atom_sites.fract_transf_matrix[2][2]   0.00328609 
_atom_sites.fract_transf_matrix[2][3]   -0.00287612 
_atom_sites.fract_transf_matrix[3][1]   0.00000368 
_atom_sites.fract_transf_matrix[3][2]   -0.02029554 
_atom_sites.fract_transf_matrix[3][3]   -0.02316480 
_atom_sites.fract_transf_vector[1]      0.233292 
_atom_sites.fract_transf_vector[2]      -0.128520 
_atom_sites.fract_transf_vector[3]      0.145892 
# 
loop_
_atom_type.symbol 
C 
N 
O 
S 
# 
loop_
_atom_site.group_PDB 
_atom_site.id 
_atom_site.type_symbol 
_atom_site.label_atom_id 
_atom_site.label_alt_id 
_atom_site.label_comp_id 
_atom_site.label_asym_id 
_atom_site.label_entity_id 
_atom_site.label_seq_id 
_atom_site.pdbx_PDB_ins_code 
_atom_site.Cartn_x 
_atom_site.Cartn_y 
_atom_site.Cartn_z 
_atom_site.occupancy 
_atom_site.B_iso_or_equiv 
_atom_site.pdbx_formal_charge 
_atom_site.auth_seq_id 
_atom_site.auth_comp_id 
_atom_site.auth_asym_id 
_atom_site.auth_atom_id 
_atom_site.pdbx_PDB_model_num 
ATOM 1   N N   . SER A 1 9  ? -0.671  -9.032  -10.817 1.00 31.50 ? 8  SER A N   1 
ATOM 2   C CA  . SER A 1 9  ? -0.417  -8.309  -9.562  1.00 31.48 ? 8  SER A CA  1 
ATOM 3   C C   . SER A 1 9  ? 0.123   -9.316  -8.595  1.00 31.26 ? 8  SER A C   1 
ATOM 4   O O   . SER A 1 9  ? -0.603  -9.827  -7.723  1.00 32.06 ? 8  SER A O   1 
ATOM 5   C CB  . SER A 1 9  ? -1.690  -7.663  -9.021  1.00 31.71 ? 8  SER A CB  1 
ATOM 6   O OG  . SER A 1 9  ? -1.987  -6.445  -9.677  1.00 33.30 ? 8  SER A OG  1 
ATOM 7   N N   . LEU A 1 10 ? 1.399   -9.643  -8.754  1.00 30.32 ? 9  LEU A N   1 
ATOM 8   C CA  . LEU A 1 10 ? 2.008   -10.558 -7.796  1.00 29.32 ? 9  LEU A CA  1 
ATOM 9   C C   . LEU A 1 10 ? 2.466   -9.887  -6.449  1.00 28.36 ? 9  LEU A C   1 
ATOM 10  O O   . LEU A 1 10 ? 1.916   -10.234 -5.391  1.00 27.59 ? 9  LEU A O   1 
ATOM 11  C CB  . LEU A 1 10 ? 3.005   -11.532 -8.477  1.00 28.86 ? 9  LEU A CB  1 
ATOM 12  C CG  . LEU A 1 10 ? 2.248   -12.716 -9.129  1.00 28.28 ? 9  LEU A CG  1 
ATOM 13  C CD1 . LEU A 1 10 ? 1.405   -12.349 -10.381 1.00 27.41 ? 9  LEU A CD1 1 
ATOM 14  C CD2 . LEU A 1 10 ? 3.084   -13.968 -9.407  1.00 26.95 ? 9  LEU A CD2 1 
ATOM 15  N N   . PRO A 1 11 ? 3.360   -8.870  -6.502  1.00 27.55 ? 10 PRO A N   1 
ATOM 16  C CA  . PRO A 1 11 ? 4.001   -8.435  -5.275  1.00 27.40 ? 10 PRO A CA  1 
ATOM 17  C C   . PRO A 1 11 ? 3.009   -7.948  -4.180  1.00 26.81 ? 10 PRO A C   1 
ATOM 18  O O   . PRO A 1 11 ? 3.345   -7.984  -2.979  1.00 26.85 ? 10 PRO A O   1 
ATOM 19  C CB  . PRO A 1 11 ? 4.982   -7.348  -5.757  1.00 27.01 ? 10 PRO A CB  1 
ATOM 20  C CG  . PRO A 1 11 ? 5.053   -7.491  -7.247  1.00 26.67 ? 10 PRO A CG  1 
ATOM 21  C CD  . PRO A 1 11 ? 3.701   -7.960  -7.614  1.00 27.81 ? 10 PRO A CD  1 
ATOM 22  N N   . SER A 1 12 ? 1.800   -7.553  -4.597  1.00 25.79 ? 11 SER A N   1 
ATOM 23  C CA  . SER A 1 12 ? 0.700   -7.204  -3.664  1.00 24.51 ? 11 SER A CA  1 
ATOM 24  C C   . SER A 1 12 ? -0.183  -8.363  -3.210  1.00 24.21 ? 11 SER A C   1 
ATOM 25  O O   . SER A 1 12 ? -0.540  -8.459  -2.068  1.00 24.79 ? 11 SER A O   1 
ATOM 26  C CB  . SER A 1 12 ? -0.165  -6.088  -4.228  1.00 23.69 ? 11 SER A CB  1 
ATOM 27  O OG  . SER A 1 12 ? -0.772  -6.476  -5.418  1.00 20.85 ? 11 SER A OG  1 
ATOM 28  N N   . ILE A 1 13 ? -0.564  -9.246  -4.099  1.00 23.82 ? 12 ILE A N   1 
ATOM 29  C CA  . ILE A 1 13 ? -1.339  -10.364 -3.650  1.00 23.65 ? 12 ILE A CA  1 
ATOM 30  C C   . ILE A 1 13 ? -0.482  -11.182 -2.704  1.00 24.27 ? 12 ILE A C   1 
ATOM 31  O O   . ILE A 1 13 ? -0.984  -11.711 -1.728  1.00 24.76 ? 12 ILE A O   1 
ATOM 32  C CB  . ILE A 1 13 ? -1.808  -11.207 -4.834  1.00 23.37 ? 12 ILE A CB  1 
ATOM 33  C CG1 . ILE A 1 13 ? -3.105  -10.625 -5.362  1.00 22.89 ? 12 ILE A CG1 1 
ATOM 34  C CG2 . ILE A 1 13 ? -1.910  -12.691 -4.491  1.00 21.84 ? 12 ILE A CG2 1 
ATOM 35  C CD1 . ILE A 1 13 ? -2.884  -9.651  -6.401  1.00 21.36 ? 12 ILE A CD1 1 
ATOM 36  N N   . ARG A 1 14 ? 0.815   -11.246 -2.996  1.00 24.60 ? 13 ARG A N   1 
ATOM 37  C CA  . ARG A 1 14 ? 1.750   -12.084 -2.292  1.00 24.89 ? 13 ARG A CA  1 
ATOM 38  C C   . ARG A 1 14 ? 2.031   -11.636 -0.873  1.00 25.52 ? 13 ARG A C   1 
ATOM 39  O O   . ARG A 1 14 ? 2.026   -12.449 0.039   1.00 26.33 ? 13 ARG A O   1 
ATOM 40  C CB  . ARG A 1 14 ? 3.002   -12.164 -3.093  1.00 25.02 ? 13 ARG A CB  1 
ATOM 41  C CG  . ARG A 1 14 ? 2.774   -13.025 -4.343  1.00 26.61 ? 13 ARG A CG  1 
ATOM 42  C CD  . ARG A 1 14 ? 4.012   -13.163 -5.188  1.00 28.05 ? 13 ARG A CD  1 
ATOM 43  N NE  . ARG A 1 14 ? 5.221   -13.122 -4.374  1.00 31.18 ? 13 ARG A NE  1 
ATOM 44  C CZ  . ARG A 1 14 ? 6.137   -12.154 -4.425  1.00 34.96 ? 13 ARG A CZ  1 
ATOM 45  N NH1 . ARG A 1 14 ? 6.015   -11.115 -5.272  1.00 35.01 ? 13 ARG A NH1 1 
ATOM 46  N NH2 . ARG A 1 14 ? 7.203   -12.231 -3.635  1.00 36.31 ? 13 ARG A NH2 1 
ATOM 47  N N   . GLN A 1 15 ? 2.239   -10.347 -0.662  1.00 25.86 ? 14 GLN A N   1 
ATOM 48  C CA  . GLN A 1 15 ? 2.285   -9.796  0.697   1.00 25.97 ? 14 GLN A CA  1 
ATOM 49  C C   . GLN A 1 15 ? 1.098   -10.261 1.554   1.00 25.54 ? 14 GLN A C   1 
ATOM 50  O O   . GLN A 1 15 ? 1.331   -10.870 2.597   1.00 25.43 ? 14 GLN A O   1 
ATOM 51  C CB  . GLN A 1 15 ? 2.415   -8.267  0.677   1.00 26.19 ? 14 GLN A CB  1 
ATOM 52  C CG  . GLN A 1 15 ? 1.406   -7.573  1.566   1.00 28.50 ? 14 GLN A CG  1 
ATOM 53  C CD  . GLN A 1 15 ? 1.333   -6.106  1.298   1.00 29.97 ? 14 GLN A CD  1 
ATOM 54  O OE1 . GLN A 1 15 ? 2.313   -5.409  1.514   1.00 30.61 ? 14 GLN A OE1 1 
ATOM 55  N NE2 . GLN A 1 15 ? 0.176   -5.619  0.815   1.00 29.25 ? 14 GLN A NE2 1 
ATOM 56  N N   . LEU A 1 16 ? -0.144  -10.018 1.102   1.00 25.14 ? 15 LEU A N   1 
ATOM 57  C CA  . LEU A 1 16 ? -1.352  -10.457 1.848   1.00 25.17 ? 15 LEU A CA  1 
ATOM 58  C C   . LEU A 1 16 ? -1.373  -11.946 2.106   1.00 25.07 ? 15 LEU A C   1 
ATOM 59  O O   . LEU A 1 16 ? -1.648  -12.374 3.220   1.00 25.16 ? 15 LEU A O   1 
ATOM 60  C CB  . LEU A 1 16 ? -2.655  -10.064 1.146   1.00 25.30 ? 15 LEU A CB  1 
ATOM 61  C CG  . LEU A 1 16 ? -2.637  -8.744  0.394   1.00 25.15 ? 15 LEU A CG  1 
ATOM 62  C CD1 . LEU A 1 16 ? -3.471  -8.885  -0.866  1.00 24.61 ? 15 LEU A CD1 1 
ATOM 63  C CD2 . LEU A 1 16 ? -3.065  -7.556  1.287   1.00 25.08 ? 15 LEU A CD2 1 
ATOM 64  N N   . GLN A 1 17 ? -1.066  -12.712 1.068   1.00 25.15 ? 16 GLN A N   1 
ATOM 65  C CA  . GLN A 1 17 ? -0.915  -14.155 1.134   1.00 25.64 ? 16 GLN A CA  1 
ATOM 66  C C   . GLN A 1 17 ? 0.026   -14.643 2.228   1.00 25.40 ? 16 GLN A C   1 
ATOM 67  O O   . GLN A 1 17 ? -0.358  -15.460 3.032   1.00 25.15 ? 16 GLN A O   1 
ATOM 68  C CB  . GLN A 1 17 ? -0.507  -14.685 -0.244  1.00 25.65 ? 16 GLN A CB  1 
ATOM 69  C CG  . GLN A 1 17 ? -1.564  -14.351 -1.286  1.00 26.58 ? 16 GLN A CG  1 
ATOM 70  C CD  . GLN A 1 17 ? -1.994  -15.508 -2.211  1.00 26.97 ? 16 GLN A CD  1 
ATOM 71  O OE1 . GLN A 1 17 ? -1.174  -16.183 -2.811  1.00 26.67 ? 16 GLN A OE1 1 
ATOM 72  N NE2 . GLN A 1 17 ? -3.305  -15.678 -2.359  1.00 27.14 ? 16 GLN A NE2 1 
ATOM 73  N N   . ASN A 1 18 ? 1.241   -14.101 2.248   1.00 26.26 ? 17 ASN A N   1 
ATOM 74  C CA  . ASN A 1 18 ? 2.290   -14.308 3.276   1.00 26.59 ? 17 ASN A CA  1 
ATOM 75  C C   . ASN A 1 18 ? 2.041   -13.691 4.657   1.00 26.79 ? 17 ASN A C   1 
ATOM 76  O O   . ASN A 1 18 ? 2.807   -13.922 5.599   1.00 27.40 ? 17 ASN A O   1 
ATOM 77  C CB  . ASN A 1 18 ? 3.607   -13.723 2.786   1.00 26.93 ? 17 ASN A CB  1 
ATOM 78  C CG  . ASN A 1 18 ? 4.032   -14.248 1.386   1.00 28.83 ? 17 ASN A CG  1 
ATOM 79  O OD1 . ASN A 1 18 ? 3.292   -14.965 0.684   1.00 30.15 ? 17 ASN A OD1 1 
ATOM 80  N ND2 . ASN A 1 18 ? 5.240   -13.879 0.989   1.00 29.68 ? 17 ASN A ND2 1 
ATOM 81  N N   . LEU A 1 19 ? 0.974   -12.901 4.762   1.00 26.37 ? 18 LEU A N   1 
ATOM 82  C CA  . LEU A 1 19 ? 0.562   -12.245 5.985   1.00 25.27 ? 18 LEU A CA  1 
ATOM 83  C C   . LEU A 1 19 ? -0.761  -12.840 6.500   1.00 25.21 ? 18 LEU A C   1 
ATOM 84  O O   . LEU A 1 19 ? -1.071  -12.730 7.694   1.00 25.05 ? 18 LEU A O   1 
ATOM 85  C CB  . LEU A 1 19 ? 0.465   -10.766 5.688   1.00 24.47 ? 18 LEU A CB  1 
ATOM 86  C CG  . LEU A 1 19 ? -0.075  -9.712  6.605   1.00 24.05 ? 18 LEU A CG  1 
ATOM 87  C CD1 . LEU A 1 19 ? 1.061   -8.984  7.381   1.00 21.47 ? 18 LEU A CD1 1 
ATOM 88  C CD2 . LEU A 1 19 ? -0.791  -8.783  5.646   1.00 24.87 ? 18 LEU A CD2 1 
ATOM 89  N N   . ILE A 1 20 ? -1.531  -13.486 5.613   1.00 24.92 ? 19 ILE A N   1 
ATOM 90  C CA  . ILE A 1 20 ? -2.601  -14.369 6.080   1.00 24.61 ? 19 ILE A CA  1 
ATOM 91  C C   . ILE A 1 20 ? -1.988  -15.712 6.473   1.00 24.36 ? 19 ILE A C   1 
ATOM 92  O O   . ILE A 1 20 ? -2.507  -16.406 7.351   1.00 24.82 ? 19 ILE A O   1 
ATOM 93  C CB  . ILE A 1 20 ? -3.898  -14.493 5.135   1.00 25.02 ? 19 ILE A CB  1 
ATOM 94  C CG1 . ILE A 1 20 ? -3.594  -14.768 3.649   1.00 25.49 ? 19 ILE A CG1 1 
ATOM 95  C CG2 . ILE A 1 20 ? -4.762  -13.250 5.224   1.00 25.75 ? 19 ILE A CG2 1 
ATOM 96  C CD1 . ILE A 1 20 ? -4.650  -14.182 2.628   1.00 21.42 ? 19 ILE A CD1 1 
ATOM 97  N N   . LYS A 1 21 ? -0.849  -16.044 5.874   1.00 23.61 ? 20 LYS A N   1 
ATOM 98  C CA  . LYS A 1 21 ? -0.178  -17.320 6.117   1.00 23.22 ? 20 LYS A CA  1 
ATOM 99  C C   . LYS A 1 21 ? 0.538   -17.418 7.470   1.00 23.28 ? 20 LYS A C   1 
ATOM 100 O O   . LYS A 1 21 ? 0.684   -18.518 8.029   1.00 24.26 ? 20 LYS A O   1 
ATOM 101 C CB  . LYS A 1 21 ? 0.764   -17.646 4.971   1.00 22.88 ? 20 LYS A CB  1 
ATOM 102 C CG  . LYS A 1 21 ? 1.941   -18.494 5.351   1.00 23.76 ? 20 LYS A CG  1 
ATOM 103 C CD  . LYS A 1 21 ? 1.906   -19.895 4.769   1.00 26.30 ? 20 LYS A CD  1 
ATOM 104 C CE  . LYS A 1 21 ? 2.402   -19.918 3.304   1.00 26.90 ? 20 LYS A CE  1 
ATOM 105 N NZ  . LYS A 1 21 ? 1.275   -19.722 2.314   1.00 27.30 ? 20 LYS A NZ  1 
ATOM 106 N N   . GLN A 1 22 ? 0.965   -16.266 7.988   1.00 23.07 ? 21 GLN A N   1 
ATOM 107 C CA  . GLN A 1 22 ? 1.659   -16.088 9.264   1.00 21.39 ? 21 GLN A CA  1 
ATOM 108 C C   . GLN A 1 22 ? 0.863   -15.271 10.314  1.00 20.65 ? 21 GLN A C   1 
ATOM 109 O O   . GLN A 1 22 ? 1.432   -14.820 11.320  1.00 20.11 ? 21 GLN A O   1 
ATOM 110 C CB  . GLN A 1 22 ? 2.876   -15.250 9.009   1.00 22.13 ? 21 GLN A CB  1 
ATOM 111 C CG  . GLN A 1 22 ? 3.861   -15.744 8.032   1.00 24.39 ? 21 GLN A CG  1 
ATOM 112 C CD  . GLN A 1 22 ? 4.727   -16.893 8.549   1.00 26.11 ? 21 GLN A CD  1 
ATOM 113 O OE1 . GLN A 1 22 ? 4.463   -17.510 9.586   1.00 27.17 ? 21 GLN A OE1 1 
ATOM 114 N NE2 . GLN A 1 22 ? 5.750   -17.201 7.792   1.00 27.14 ? 21 GLN A NE2 1 
ATOM 115 N N   . ALA A 1 23 ? -0.419  -15.010 10.041  1.00 19.28 ? 22 ALA A N   1 
ATOM 116 C CA  . ALA A 1 23 ? -1.357  -14.406 11.008  1.00 17.86 ? 22 ALA A CA  1 
ATOM 117 C C   . ALA A 1 23 ? -1.044  -12.973 11.334  1.00 17.11 ? 22 ALA A C   1 
ATOM 118 O O   . ALA A 1 23 ? -1.822  -12.318 12.015  1.00 17.94 ? 22 ALA A O   1 
ATOM 119 C CB  . ALA A 1 23 ? -1.403  -15.190 12.258  1.00 17.46 ? 22 ALA A CB  1 
ATOM 120 N N   . ALA A 1 24 ? 0.100   -12.520 10.826  1.00 15.32 ? 23 ALA A N   1 
ATOM 121 C CA  . ALA A 1 24 ? 0.754   -11.256 11.121  1.00 11.63 ? 23 ALA A CA  1 
ATOM 122 C C   . ALA A 1 24 ? -0.011  -9.993  11.102  1.00 10.34 ? 23 ALA A C   1 
ATOM 123 O O   . ALA A 1 24 ? -0.765  -9.714  10.116  1.00 10.57 ? 23 ALA A O   1 
ATOM 124 C CB  . ALA A 1 24 ? 1.696   -10.896 9.966   1.00 12.58 ? 23 ALA A CB  1 
ATOM 125 N N   . PRO A 1 25 ? 0.182   -9.199  12.167  1.00 9.71  ? 24 PRO A N   1 
ATOM 126 C CA  . PRO A 1 25 ? -0.656  -8.084  12.542  1.00 9.65  ? 24 PRO A CA  1 
ATOM 127 C C   . PRO A 1 25 ? -0.403  -6.956  11.549  1.00 9.50  ? 24 PRO A C   1 
ATOM 128 O O   . PRO A 1 25 ? 0.635   -6.959  10.916  1.00 8.61  ? 24 PRO A O   1 
ATOM 129 C CB  . PRO A 1 25 ? -0.144  -7.698  13.914  1.00 8.36  ? 24 PRO A CB  1 
ATOM 130 C CG  . PRO A 1 25 ? 1.033   -8.492  14.177  1.00 9.60  ? 24 PRO A CG  1 
ATOM 131 C CD  . PRO A 1 25 ? 1.443   -9.169  12.906  1.00 9.78  ? 24 PRO A CD  1 
ATOM 132 N N   . VAL A 1 26 ? -1.371  -6.043  11.423  1.00 10.13 ? 25 VAL A N   1 
ATOM 133 C CA  . VAL A 1 26 ? -1.392  -5.088  10.338  1.00 12.28 ? 25 VAL A CA  1 
ATOM 134 C C   . VAL A 1 26 ? -2.291  -3.946  10.683  1.00 12.91 ? 25 VAL A C   1 
ATOM 135 O O   . VAL A 1 26 ? -3.324  -4.138  11.267  1.00 13.26 ? 25 VAL A O   1 
ATOM 136 C CB  . VAL A 1 26 ? -1.825  -5.785  8.989   1.00 12.79 ? 25 VAL A CB  1 
ATOM 137 C CG1 . VAL A 1 26 ? -3.325  -5.909  8.899   1.00 13.93 ? 25 VAL A CG1 1 
ATOM 138 C CG2 . VAL A 1 26 ? -1.315  -5.050  7.769   1.00 12.52 ? 25 VAL A CG2 1 
ATOM 139 N N   . GLU A 1 27 ? -1.815  -2.750  10.379  1.00 15.16 ? 26 GLU A N   1 
ATOM 140 C CA  . GLU A 1 27 ? -2.593  -1.499  10.292  1.00 17.55 ? 26 GLU A CA  1 
ATOM 141 C C   . GLU A 1 27 ? -2.917  -1.129  8.845   1.00 18.25 ? 26 GLU A C   1 
ATOM 142 O O   . GLU A 1 27 ? -2.031  -0.890  8.021   1.00 18.06 ? 26 GLU A O   1 
ATOM 143 C CB  . GLU A 1 27 ? -1.804  -0.333  10.893  1.00 18.33 ? 26 GLU A CB  1 
ATOM 144 C CG  . GLU A 1 27 ? -2.535  0.990   10.922  1.00 21.42 ? 26 GLU A CG  1 
ATOM 145 C CD  . GLU A 1 27 ? -1.639  2.106   11.398  1.00 25.55 ? 26 GLU A CD  1 
ATOM 146 O OE1 . GLU A 1 27 ? -0.623  2.322   10.702  1.00 26.36 ? 26 GLU A OE1 1 
ATOM 147 O OE2 . GLU A 1 27 ? -1.920  2.762   12.459  1.00 28.12 ? 26 GLU A OE2 1 
ATOM 148 N N   . ILE A 1 28 ? -4.211  -1.033  8.556   1.00 19.58 ? 27 ILE A N   1 
ATOM 149 C CA  . ILE A 1 28 ? -4.739  -0.662  7.228   1.00 19.08 ? 27 ILE A CA  1 
ATOM 150 C C   . ILE A 1 28 ? -5.361  0.727   7.314   1.00 18.78 ? 27 ILE A C   1 
ATOM 151 O O   . ILE A 1 28 ? -6.385  0.917   7.985   1.00 17.62 ? 27 ILE A O   1 
ATOM 152 C CB  . ILE A 1 28 ? -5.844  -1.645  6.804   1.00 19.76 ? 27 ILE A CB  1 
ATOM 153 C CG1 . ILE A 1 28 ? -5.337  -3.110  6.846   1.00 18.97 ? 27 ILE A CG1 1 
ATOM 154 C CG2 . ILE A 1 28 ? -6.403  -1.238  5.434   1.00 20.09 ? 27 ILE A CG2 1 
ATOM 155 C CD1 . ILE A 1 28 ? -6.365  -4.077  7.277   1.00 21.00 ? 27 ILE A CD1 1 
ATOM 156 N N   . LYS A 1 29 ? -4.769  1.696   6.624   1.00 18.68 ? 28 LYS A N   1 
ATOM 157 C CA  . LYS A 1 29 ? -5.275  3.059   6.744   1.00 18.74 ? 28 LYS A CA  1 
ATOM 158 C C   . LYS A 1 29 ? -6.245  3.300   5.635   1.00 18.83 ? 28 LYS A C   1 
ATOM 159 O O   . LYS A 1 29 ? -5.875  3.396   4.474   1.00 18.75 ? 28 LYS A O   1 
ATOM 160 C CB  . LYS A 1 29 ? -4.183  4.125   6.721   1.00 18.59 ? 28 LYS A CB  1 
ATOM 161 C CG  . LYS A 1 29 ? -4.610  5.493   7.201   1.00 18.86 ? 28 LYS A CG  1 
ATOM 162 C CD  . LYS A 1 29 ? -4.356  5.627   8.702   1.00 22.90 ? 28 LYS A CD  1 
ATOM 163 C CE  . LYS A 1 29 ? -4.873  6.960   9.329   1.00 25.08 ? 28 LYS A CE  1 
ATOM 164 N NZ  . LYS A 1 29 ? -4.540  8.192   8.571   1.00 25.57 ? 28 LYS A NZ  1 
ATOM 165 N N   . LEU A 1 30 ? -7.504  3.386   6.028   1.00 19.39 ? 29 LEU A N   1 
ATOM 166 C CA  . LEU A 1 30 ? -8.593  3.642   5.104   1.00 19.43 ? 29 LEU A CA  1 
ATOM 167 C C   . LEU A 1 30 ? -8.624  5.114   4.788   1.00 19.98 ? 29 LEU A C   1 
ATOM 168 O O   . LEU A 1 30 ? -8.137  5.925   5.553   1.00 20.56 ? 29 LEU A O   1 
ATOM 169 C CB  . LEU A 1 30 ? -9.917  3.119   5.656   1.00 18.65 ? 29 LEU A CB  1 
ATOM 170 C CG  . LEU A 1 30 ? -10.388 1.666   5.332   1.00 15.93 ? 29 LEU A CG  1 
ATOM 171 C CD1 . LEU A 1 30 ? -9.281  0.674   5.053   1.00 12.67 ? 29 LEU A CD1 1 
ATOM 172 C CD2 . LEU A 1 30 ? -11.279 1.184   6.439   1.00 13.46 ? 29 LEU A CD2 1 
ATOM 173 N N   . VAL A 1 31 ? -9.158  5.452   3.631   1.00 20.84 ? 30 VAL A N   1 
ATOM 174 C CA  . VAL A 1 31 ? -9.119  6.809   3.093   1.00 21.10 ? 30 VAL A CA  1 
ATOM 175 C C   . VAL A 1 31 ? -10.002 7.724   3.878   1.00 21.44 ? 30 VAL A C   1 
ATOM 176 O O   . VAL A 1 31 ? -10.158 8.913   3.518   1.00 21.29 ? 30 VAL A O   1 
ATOM 177 C CB  . VAL A 1 31 ? -9.532  6.832   1.604   1.00 21.34 ? 30 VAL A CB  1 
ATOM 178 C CG1 . VAL A 1 31 ? -8.761  5.768   0.854   1.00 22.60 ? 30 VAL A CG1 1 
ATOM 179 C CG2 . VAL A 1 31 ? -11.018 6.584   1.439   1.00 21.19 ? 30 VAL A CG2 1 
ATOM 180 N N   . THR A 1 32 ? -10.556 7.142   4.950   1.00 21.85 ? 31 THR A N   1 
ATOM 181 C CA  . THR A 1 32 ? -11.462 7.782   5.937   1.00 22.14 ? 31 THR A CA  1 
ATOM 182 C C   . THR A 1 32 ? -10.693 8.361   7.117   1.00 21.95 ? 31 THR A C   1 
ATOM 183 O O   . THR A 1 32 ? -11.181 9.257   7.777   1.00 22.23 ? 31 THR A O   1 
ATOM 184 C CB  . THR A 1 32 ? -12.497 6.746   6.487   1.00 21.95 ? 31 THR A CB  1 
ATOM 185 O OG1 . THR A 1 32 ? -13.197 6.150   5.398   1.00 21.97 ? 31 THR A OG1 1 
ATOM 186 C CG2 . THR A 1 32 ? -13.501 7.376   7.365   1.00 23.69 ? 31 THR A CG2 1 
ATOM 187 N N   . GLY A 1 33 ? -9.489  7.840   7.377   1.00 22.17 ? 32 GLY A N   1 
ATOM 188 C CA  . GLY A 1 33 ? -8.794  8.075   8.643   1.00 21.90 ? 32 GLY A CA  1 
ATOM 189 C C   . GLY A 1 33 ? -8.948  6.881   9.553   1.00 21.75 ? 32 GLY A C   1 
ATOM 190 O O   . GLY A 1 33 ? -8.670  6.962   10.732  1.00 22.31 ? 32 GLY A O   1 
ATOM 191 N N   . ASP A 1 34 ? -9.425  5.778   9.008   1.00 22.30 ? 33 ASP A N   1 
ATOM 192 C CA  . ASP A 1 34 ? -9.719  4.604   9.790   1.00 23.55 ? 33 ASP A CA  1 
ATOM 193 C C   . ASP A 1 34 ? -8.475  3.727   9.889   1.00 23.75 ? 33 ASP A C   1 
ATOM 194 O O   . ASP A 1 34 ? -8.293  2.813   9.042   1.00 24.59 ? 33 ASP A O   1 
ATOM 195 C CB  . ASP A 1 34 ? -10.843 3.749   9.129   1.00 23.80 ? 33 ASP A CB  1 
ATOM 196 C CG  . ASP A 1 34 ? -12.297 4.307   9.364   1.00 26.54 ? 33 ASP A CG  1 
ATOM 197 O OD1 . ASP A 1 34 ? -12.749 4.475   10.529  1.00 26.72 ? 33 ASP A OD1 1 
ATOM 198 O OD2 . ASP A 1 34 ? -13.033 4.508   8.351   1.00 29.34 ? 33 ASP A OD2 1 
ATOM 199 N N   . ALA A 1 35 ? -7.656  3.919   10.921  1.00 22.62 ? 34 ALA A N   1 
ATOM 200 C CA  . ALA A 1 35 ? -6.515  3.011   11.125  1.00 22.42 ? 34 ALA A CA  1 
ATOM 201 C C   . ALA A 1 35 ? -7.068  1.713   11.709  1.00 22.64 ? 34 ALA A C   1 
ATOM 202 O O   . ALA A 1 35 ? -7.557  1.703   12.831  1.00 23.51 ? 34 ALA A O   1 
ATOM 203 C CB  . ALA A 1 35 ? -5.471  3.627   12.043  1.00 22.05 ? 34 ALA A CB  1 
ATOM 204 N N   . ILE A 1 36 ? -7.036  0.630   10.940  1.00 22.32 ? 35 ILE A N   1 
ATOM 205 C CA  . ILE A 1 36 ? -7.690  -0.599  11.352  1.00 21.49 ? 35 ILE A CA  1 
ATOM 206 C C   . ILE A 1 36 ? -6.656  -1.549  11.881  1.00 20.78 ? 35 ILE A C   1 
ATOM 207 O O   . ILE A 1 36 ? -5.845  -2.052  11.159  1.00 22.03 ? 35 ILE A O   1 
ATOM 208 C CB  . ILE A 1 36 ? -8.570  -1.271  10.210  1.00 21.38 ? 35 ILE A CB  1 
ATOM 209 C CG1 . ILE A 1 36 ? -9.665  -0.303  9.672   1.00 20.70 ? 35 ILE A CG1 1 
ATOM 210 C CG2 . ILE A 1 36 ? -9.115  -2.613  10.683  1.00 21.73 ? 35 ILE A CG2 1 
ATOM 211 C CD1 . ILE A 1 36 ? -11.126 -0.843  9.722   1.00 16.92 ? 35 ILE A CD1 1 
ATOM 212 N N   . THR A 1 37 ? -6.703  -1.822  13.156  1.00 20.12 ? 36 THR A N   1 
ATOM 213 C CA  . THR A 1 37 ? -5.703  -2.660  13.743  1.00 19.68 ? 36 THR A CA  1 
ATOM 214 C C   . THR A 1 37 ? -6.241  -4.091  13.729  1.00 19.47 ? 36 THR A C   1 
ATOM 215 O O   . THR A 1 37 ? -7.262  -4.399  14.392  1.00 20.13 ? 36 THR A O   1 
ATOM 216 C CB  . THR A 1 37 ? -5.266  -2.073  15.124  1.00 19.36 ? 36 THR A CB  1 
ATOM 217 O OG1 . THR A 1 37 ? -4.368  -0.988  14.878  1.00 19.53 ? 36 THR A OG1 1 
ATOM 218 C CG2 . THR A 1 37 ? -4.526  -3.075  16.001  1.00 21.22 ? 36 THR A CG2 1 
ATOM 219 N N   . GLY A 1 38 ? -5.603  -4.958  12.937  1.00 18.12 ? 37 GLY A N   1 
ATOM 220 C CA  . GLY A 1 38 ? -6.076  -6.337  12.893  1.00 16.97 ? 37 GLY A CA  1 
ATOM 221 C C   . GLY A 1 38 ? -5.021  -7.368  12.584  1.00 16.08 ? 37 GLY A C   1 
ATOM 222 O O   . GLY A 1 38 ? -3.854  -7.075  12.576  1.00 15.91 ? 37 GLY A O   1 
ATOM 223 N N   . ARG A 1 39 ? -5.494  -8.564  12.283  1.00 15.38 ? 38 ARG A N   1 
ATOM 224 C CA  . ARG A 1 39 ? -4.750  -9.666  11.754  1.00 14.66 ? 38 ARG A CA  1 
ATOM 225 C C   . ARG A 1 39 ? -5.597  -10.088 10.577  1.00 14.08 ? 38 ARG A C   1 
ATOM 226 O O   . ARG A 1 39 ? -6.780  -10.205 10.693  1.00 13.30 ? 38 ARG A O   1 
ATOM 227 C CB  . ARG A 1 39 ? -4.717  -10.778 12.804  1.00 15.05 ? 38 ARG A CB  1 
ATOM 228 C CG  . ARG A 1 39 ? -3.347  -11.210 13.249  1.00 15.41 ? 38 ARG A CG  1 
ATOM 229 C CD  . ARG A 1 39 ? -3.237  -11.537 14.718  1.00 18.07 ? 38 ARG A CD  1 
ATOM 230 N NE  . ARG A 1 39 ? -1.833  -11.352 15.153  1.00 21.18 ? 38 ARG A NE  1 
ATOM 231 C CZ  . ARG A 1 39 ? -1.048  -12.226 15.790  1.00 20.28 ? 38 ARG A CZ  1 
ATOM 232 N NH1 . ARG A 1 39 ? -1.497  -13.415 16.172  1.00 24.23 ? 38 ARG A NH1 1 
ATOM 233 N NH2 . ARG A 1 39 ? 0.190   -11.878 16.086  1.00 19.97 ? 38 ARG A NH2 1 
ATOM 234 N N   . VAL A 1 40 ? -4.985  -10.322 9.434   1.00 14.92 ? 39 VAL A N   1 
ATOM 235 C CA  . VAL A 1 40 ? -5.700  -10.528 8.177   1.00 14.81 ? 39 VAL A CA  1 
ATOM 236 C C   . VAL A 1 40 ? -6.105  -11.998 8.093   1.00 15.05 ? 39 VAL A C   1 
ATOM 237 O O   . VAL A 1 40 ? -5.237  -12.850 8.309   1.00 13.99 ? 39 VAL A O   1 
ATOM 238 C CB  . VAL A 1 40 ? -4.768  -10.083 6.990   1.00 14.99 ? 39 VAL A CB  1 
ATOM 239 C CG1 . VAL A 1 40 ? -5.420  -10.193 5.619   1.00 13.94 ? 39 VAL A CG1 1 
ATOM 240 C CG2 . VAL A 1 40 ? -4.239  -8.705  7.255   1.00 13.49 ? 39 VAL A CG2 1 
ATOM 241 N N   . LEU A 1 41 ? -7.413  -12.238 7.803   1.00 15.61 ? 40 LEU A N   1 
ATOM 242 C CA  . LEU A 1 41 ? -8.121  -13.553 7.645   1.00 16.20 ? 40 LEU A CA  1 
ATOM 243 C C   . LEU A 1 41 ? -8.121  -14.031 6.210   1.00 17.28 ? 40 LEU A C   1 
ATOM 244 O O   . LEU A 1 41 ? -7.826  -15.187 5.911   1.00 17.07 ? 40 LEU A O   1 
ATOM 245 C CB  . LEU A 1 41 ? -9.613  -13.436 7.964   1.00 15.96 ? 40 LEU A CB  1 
ATOM 246 C CG  . LEU A 1 41 ? -10.499 -13.554 9.192   1.00 14.77 ? 40 LEU A CG  1 
ATOM 247 C CD1 . LEU A 1 41 ? -10.521 -14.959 9.720   1.00 14.94 ? 40 LEU A CD1 1 
ATOM 248 C CD2 . LEU A 1 41 ? -10.250 -12.553 10.264  1.00 12.25 ? 40 LEU A CD2 1 
ATOM 249 N N   . TRP A 1 42 ? -8.535  -13.117 5.338   1.00 19.43 ? 41 TRP A N   1 
ATOM 250 C CA  . TRP A 1 42 ? -8.606  -13.316 3.908   1.00 20.75 ? 41 TRP A CA  1 
ATOM 251 C C   . TRP A 1 42 ? -8.793  -11.999 3.178   1.00 19.41 ? 41 TRP A C   1 
ATOM 252 O O   . TRP A 1 42 ? -8.999  -10.927 3.806   1.00 19.31 ? 41 TRP A O   1 
ATOM 253 C CB  . TRP A 1 42 ? -9.752  -14.290 3.510   1.00 22.74 ? 41 TRP A CB  1 
ATOM 254 C CG  . TRP A 1 42 ? -11.170 -13.768 3.869   1.00 29.12 ? 41 TRP A CG  1 
ATOM 255 C CD1 . TRP A 1 42 ? -11.486 -12.576 4.357   1.00 33.65 ? 41 TRP A CD1 1 
ATOM 256 C CD2 . TRP A 1 42 ? -12.388 -14.432 3.688   1.00 36.12 ? 41 TRP A CD2 1 
ATOM 257 N NE1 . TRP A 1 42 ? -12.825 -12.433 4.526   1.00 36.86 ? 41 TRP A NE1 1 
ATOM 258 C CE2 . TRP A 1 42 ? -13.416 -13.581 4.143   1.00 38.14 ? 41 TRP A CE2 1 
ATOM 259 C CE3 . TRP A 1 42 ? -12.723 -15.676 3.212   1.00 39.86 ? 41 TRP A CE3 1 
ATOM 260 C CZ2 . TRP A 1 42 ? -14.759 -13.922 4.129   1.00 40.67 ? 41 TRP A CZ2 1 
ATOM 261 C CZ3 . TRP A 1 42 ? -14.052 -16.025 3.205   1.00 41.23 ? 41 TRP A CZ3 1 
ATOM 262 C CH2 . TRP A 1 42 ? -15.060 -15.149 3.657   1.00 42.01 ? 41 TRP A CH2 1 
ATOM 263 N N   . GLN A 1 43 ? -8.740  -12.154 1.841   1.00 17.44 ? 42 GLN A N   1 
ATOM 264 C CA  . GLN A 1 43 ? -8.836  -11.149 0.820   1.00 15.38 ? 42 GLN A CA  1 
ATOM 265 C C   . GLN A 1 43 ? -9.625  -11.715 -0.365  1.00 13.44 ? 42 GLN A C   1 
ATOM 266 O O   . GLN A 1 43 ? -10.111 -12.833 -0.311  1.00 14.10 ? 42 GLN A O   1 
ATOM 267 C CB  . GLN A 1 43 ? -7.422  -10.792 0.380   1.00 16.33 ? 42 GLN A CB  1 
ATOM 268 C CG  . GLN A 1 43 ? -6.563  -11.968 -0.080  1.00 18.95 ? 42 GLN A CG  1 
ATOM 269 C CD  . GLN A 1 43 ? -6.143  -11.903 -1.549  1.00 21.47 ? 42 GLN A CD  1 
ATOM 270 O OE1 . GLN A 1 43 ? -5.116  -12.387 -1.879  1.00 24.19 ? 42 GLN A OE1 1 
ATOM 271 N NE2 . GLN A 1 43 ? -6.950  -11.320 -2.408  1.00 24.46 ? 42 GLN A NE2 1 
ATOM 272 N N   . ASP A 1 44 ? -9.805  -10.978 -1.449  1.00 9.43  ? 43 ASP A N   1 
ATOM 273 C CA  . ASP A 1 44 ? -10.406 -11.562 -2.635  1.00 7.51  ? 43 ASP A CA  1 
ATOM 274 C C   . ASP A 1 44 ? -10.470 -10.339 -3.490  1.00 7.60  ? 43 ASP A C   1 
ATOM 275 O O   . ASP A 1 44 ? -10.004 -9.318  -3.063  1.00 7.32  ? 43 ASP A O   1 
ATOM 276 C CB  . ASP A 1 44 ? -11.796 -12.197 -2.359  1.00 7.39  ? 43 ASP A CB  1 
ATOM 277 C CG  . ASP A 1 44 ? -12.911 -11.147 -2.176  1.00 11.11 ? 43 ASP A CG  1 
ATOM 278 O OD1 . ASP A 1 44 ? -12.642 -9.990  -2.478  1.00 18.22 ? 43 ASP A OD1 1 
ATOM 279 O OD2 . ASP A 1 44 ? -14.032 -11.429 -1.711  1.00 13.80 ? 43 ASP A OD2 1 
ATOM 280 N N   . PRO A 1 45 ? -11.112 -10.313 -4.619  1.00 7.21  ? 44 PRO A N   1 
ATOM 281 C CA  . PRO A 1 45 ? -10.874 -9.232  -5.587  1.00 7.01  ? 44 PRO A CA  1 
ATOM 282 C C   . PRO A 1 45 ? -11.175 -7.844  -4.990  1.00 7.43  ? 44 PRO A C   1 
ATOM 283 O O   . PRO A 1 45 ? -10.377 -6.929  -5.148  1.00 6.98  ? 44 PRO A O   1 
ATOM 284 C CB  . PRO A 1 45 ? -11.806 -9.579  -6.768  1.00 6.56  ? 44 PRO A CB  1 
ATOM 285 C CG  . PRO A 1 45 ? -11.634 -11.048 -6.866  1.00 7.53  ? 44 PRO A CG  1 
ATOM 286 C CD  . PRO A 1 45 ? -11.492 -11.574 -5.416  1.00 7.31  ? 44 PRO A CD  1 
ATOM 287 N N   . THR A 1 46 ? -12.307 -7.705  -4.289  1.00 7.33  ? 45 THR A N   1 
ATOM 288 C CA  . THR A 1 46 ? -12.811 -6.409  -3.962  1.00 7.40  ? 45 THR A CA  1 
ATOM 289 C C   . THR A 1 46 ? -12.548 -6.024  -2.511  1.00 7.60  ? 45 THR A C   1 
ATOM 290 O O   . THR A 1 46 ? -12.496 -4.773  -2.194  1.00 7.84  ? 45 THR A O   1 
ATOM 291 C CB  . THR A 1 46 ? -14.296 -6.399  -3.903  1.00 7.67  ? 45 THR A CB  1 
ATOM 292 O OG1 . THR A 1 46 ? -14.648 -7.065  -2.717  1.00 8.33  ? 45 THR A OG1 1 
ATOM 293 C CG2 . THR A 1 46 ? -14.987 -7.097  -5.094  1.00 7.76  ? 45 THR A CG2 1 
ATOM 294 N N   . CYS A 1 47 ? -12.515 -7.029  -1.626  1.00 7.81  ? 46 CYS A N   1 
ATOM 295 C CA  . CYS A 1 47 ? -12.253 -6.837  -0.167  1.00 7.61  ? 46 CYS A CA  1 
ATOM 296 C C   . CYS A 1 47 ? -11.146 -7.633  0.581   1.00 7.62  ? 46 CYS A C   1 
ATOM 297 O O   . CYS A 1 47 ? -10.633 -8.610  0.103   1.00 6.73  ? 46 CYS A O   1 
ATOM 298 C CB  . CYS A 1 47 ? -13.499 -6.978  0.739   1.00 7.52  ? 46 CYS A CB  1 
ATOM 299 S SG  . CYS A 1 47 ? -15.133 -6.914  0.148   1.00 9.54  ? 46 CYS A SG  1 
ATOM 300 N N   . VAL A 1 48 ? -10.850 -7.138  1.804   1.00 7.23  ? 47 VAL A N   1 
ATOM 301 C CA  . VAL A 1 48 ? -9.976  -7.730  2.879   1.00 6.67  ? 47 VAL A CA  1 
ATOM 302 C C   . VAL A 1 48 ? -10.762 -7.924  4.205   1.00 7.28  ? 47 VAL A C   1 
ATOM 303 O O   . VAL A 1 48 ? -11.620 -7.115  4.562   1.00 4.88  ? 47 VAL A O   1 
ATOM 304 C CB  . VAL A 1 48 ? -8.763  -6.822  3.335   1.00 6.63  ? 47 VAL A CB  1 
ATOM 305 C CG1 . VAL A 1 48 ? -7.900  -7.633  4.269   1.00 6.57  ? 47 VAL A CG1 1 
ATOM 306 C CG2 . VAL A 1 48 ? -7.954  -6.388  2.240   1.00 2.00  ? 47 VAL A CG2 1 
ATOM 307 N N   . CYS A 1 49 ? -10.396 -8.957  4.965   1.00 8.59  ? 48 CYS A N   1 
ATOM 308 C CA  . CYS A 1 49 ? -11.027 -9.228  6.260   1.00 10.91 ? 48 CYS A CA  1 
ATOM 309 C C   . CYS A 1 49 ? -10.026 -9.176  7.379   1.00 13.49 ? 48 CYS A C   1 
ATOM 310 O O   . CYS A 1 49 ? -8.950  -9.796  7.333   1.00 14.12 ? 48 CYS A O   1 
ATOM 311 C CB  . CYS A 1 49 ? -11.755 -10.565 6.303   1.00 11.48 ? 48 CYS A CB  1 
ATOM 312 S SG  . CYS A 1 49 ? -13.136 -10.596 7.464   1.00 15.38 ? 48 CYS A SG  1 
ATOM 313 N N   . ILE A 1 50 ? -10.434 -8.443  8.401   1.00 16.27 ? 49 ILE A N   1 
ATOM 314 C CA  . ILE A 1 50 ? -9.563  -8.036  9.458   1.00 18.52 ? 49 ILE A CA  1 
ATOM 315 C C   . ILE A 1 50 ? -10.210 -8.461  10.731  1.00 19.61 ? 49 ILE A C   1 
ATOM 316 O O   . ILE A 1 50 ? -11.428 -8.352  10.866  1.00 19.61 ? 49 ILE A O   1 
ATOM 317 C CB  . ILE A 1 50 ? -9.354  -6.504  9.466   1.00 18.67 ? 49 ILE A CB  1 
ATOM 318 C CG1 . ILE A 1 50 ? -8.587  -6.009  8.205   1.00 18.82 ? 49 ILE A CG1 1 
ATOM 319 C CG2 . ILE A 1 50 ? -8.693  -6.049  10.788  1.00 20.06 ? 49 ILE A CG2 1 
ATOM 320 C CD1 . ILE A 1 50 ? -7.448  -6.826  7.645   1.00 15.23 ? 49 ILE A CD1 1 
ATOM 321 N N   . ALA A 1 51 ? -9.365  -8.923  11.657  1.00 21.28 ? 50 ALA A N   1 
ATOM 322 C CA  . ALA A 1 51 ? -9.776  -9.674  12.837  1.00 22.35 ? 50 ALA A CA  1 
ATOM 323 C C   . ALA A 1 51 ? -9.360  -9.011  14.117  1.00 23.27 ? 50 ALA A C   1 
ATOM 324 O O   . ALA A 1 51 ? -8.236  -9.189  14.572  1.00 22.40 ? 50 ALA A O   1 
ATOM 325 C CB  . ALA A 1 51 ? -9.198  -11.081 12.797  1.00 22.87 ? 50 ALA A CB  1 
ATOM 326 N N   . ASP A 1 52 ? -10.306 -8.279  14.708  1.00 24.95 ? 51 ASP A N   1 
ATOM 327 C CA  . ASP A 1 52 ? -10.124 -7.609  16.004  1.00 25.86 ? 51 ASP A CA  1 
ATOM 328 C C   . ASP A 1 52 ? -11.122 -8.046  17.088  1.00 26.02 ? 51 ASP A C   1 
ATOM 329 O O   . ASP A 1 52 ? -11.050 -9.152  17.631  1.00 25.53 ? 51 ASP A O   1 
ATOM 330 C CB  . ASP A 1 52 ? -10.131 -6.055  15.901  1.00 26.37 ? 51 ASP A CB  1 
ATOM 331 C CG  . ASP A 1 52 ? -10.519 -5.475  14.493  1.00 28.19 ? 51 ASP A CG  1 
ATOM 332 O OD1 . ASP A 1 52 ? -11.495 -5.871  13.804  1.00 29.19 ? 51 ASP A OD1 1 
ATOM 333 O OD2 . ASP A 1 52 ? -9.825  -4.522  14.100  1.00 28.70 ? 51 ASP A OD2 1 
ATOM 334 N N   . ARG A 1 56 ? -14.436 -8.314  17.173  1.00 18.80 ? 55 ARG A N   1 
ATOM 335 C CA  . ARG A 1 56 ? -15.221 -7.966  16.010  1.00 18.84 ? 55 ARG A CA  1 
ATOM 336 C C   . ARG A 1 56 ? -14.423 -7.971  14.761  1.00 17.81 ? 55 ARG A C   1 
ATOM 337 O O   . ARG A 1 56 ? -13.320 -7.477  14.733  1.00 17.08 ? 55 ARG A O   1 
ATOM 338 C CB  . ARG A 1 56 ? -15.943 -6.630  16.171  1.00 19.82 ? 55 ARG A CB  1 
ATOM 339 C CG  . ARG A 1 56 ? -17.449 -6.807  16.649  1.00 21.79 ? 55 ARG A CG  1 
ATOM 340 C CD  . ARG A 1 56 ? -17.863 -5.671  17.614  1.00 23.47 ? 55 ARG A CD  1 
ATOM 341 N NE  . ARG A 1 56 ? -19.284 -5.683  17.974  1.00 25.01 ? 55 ARG A NE  1 
ATOM 342 C CZ  . ARG A 1 56 ? -20.178 -4.809  17.524  1.00 25.78 ? 55 ARG A CZ  1 
ATOM 343 N NH1 . ARG A 1 56 ? -19.816 -3.835  16.672  1.00 27.13 ? 55 ARG A NH1 1 
ATOM 344 N NH2 . ARG A 1 56 ? -21.442 -4.921  17.903  1.00 23.49 ? 55 ARG A NH2 1 
ATOM 345 N N   . GLN A 1 57 ? -15.002 -8.589  13.741  1.00 17.02 ? 56 GLN A N   1 
ATOM 346 C CA  . GLN A 1 57 ? -14.431 -8.620  12.428  1.00 16.64 ? 56 GLN A CA  1 
ATOM 347 C C   . GLN A 1 57 ? -14.918 -7.432  11.685  1.00 15.29 ? 56 GLN A C   1 
ATOM 348 O O   . GLN A 1 57 ? -15.937 -6.881  12.021  1.00 14.53 ? 56 GLN A O   1 
ATOM 349 C CB  . GLN A 1 57 ? -14.847 -9.875  11.693  1.00 16.85 ? 56 GLN A CB  1 
ATOM 350 C CG  . GLN A 1 57 ? -14.165 -11.121 12.132  1.00 17.09 ? 56 GLN A CG  1 
ATOM 351 C CD  . GLN A 1 57 ? -14.500 -12.226 11.175  1.00 18.76 ? 56 GLN A CD  1 
ATOM 352 O OE1 . GLN A 1 57 ? -15.158 -11.992 10.120  1.00 18.61 ? 56 GLN A OE1 1 
ATOM 353 N NE2 . GLN A 1 57 ? -14.073 -13.433 11.514  1.00 19.37 ? 56 GLN A NE2 1 
ATOM 354 N N   . THR A 1 58 ? -14.149 -7.060  10.674  1.00 15.08 ? 57 THR A N   1 
ATOM 355 C CA  . THR A 1 58 ? -14.389 -5.866  9.894   1.00 14.69 ? 57 THR A CA  1 
ATOM 356 C C   . THR A 1 58 ? -13.933 -6.084  8.526   1.00 13.89 ? 57 THR A C   1 
ATOM 357 O O   . THR A 1 58 ? -12.833 -5.679  8.227   1.00 15.99 ? 57 THR A O   1 
ATOM 358 C CB  . THR A 1 58 ? -13.597 -4.621  10.455  1.00 14.92 ? 57 THR A CB  1 
ATOM 359 O OG1 . THR A 1 58 ? -13.372 -3.632  9.447   1.00 12.14 ? 57 THR A OG1 1 
ATOM 360 C CG2 . THR A 1 58 ? -12.270 -5.033  11.046  1.00 16.48 ? 57 THR A CG2 1 
ATOM 361 N N   . THR A 1 59 ? -14.754 -6.650  7.652   1.00 12.96 ? 58 THR A N   1 
ATOM 362 C CA  . THR A 1 59 ? -14.387 -6.678  6.224   1.00 11.53 ? 58 THR A CA  1 
ATOM 363 C C   . THR A 1 59 ? -14.305 -5.279  5.608   1.00 9.90  ? 58 THR A C   1 
ATOM 364 O O   . THR A 1 59 ? -15.170 -4.452  5.881   1.00 9.53  ? 58 THR A O   1 
ATOM 365 C CB  . THR A 1 59 ? -15.154 -7.735  5.462   1.00 11.45 ? 58 THR A CB  1 
ATOM 366 O OG1 . THR A 1 59 ? -16.245 -7.185  4.730   1.00 14.74 ? 58 THR A OG1 1 
ATOM 367 C CG2 . THR A 1 59 ? -15.641 -8.725  6.460   1.00 11.94 ? 58 THR A CG2 1 
ATOM 368 N N   . ILE A 1 60 ? -13.187 -5.022  4.879   1.00 8.55  ? 59 ILE A N   1 
ATOM 369 C CA  . ILE A 1 60 ? -12.806 -3.701  4.293   1.00 7.76  ? 59 ILE A CA  1 
ATOM 370 C C   . ILE A 1 60 ? -12.952 -3.779  2.794   1.00 7.51  ? 59 ILE A C   1 
ATOM 371 O O   . ILE A 1 60 ? -12.786 -4.890  2.257   1.00 7.68  ? 59 ILE A O   1 
ATOM 372 C CB  . ILE A 1 60 ? -11.356 -3.298  4.622   1.00 7.91  ? 59 ILE A CB  1 
ATOM 373 C CG1 . ILE A 1 60 ? -11.135 -3.363  6.117   1.00 7.06  ? 59 ILE A CG1 1 
ATOM 374 C CG2 . ILE A 1 60 ? -11.054 -1.893  4.163   1.00 7.71  ? 59 ILE A CG2 1 
ATOM 375 C CD1 . ILE A 1 60 ? -9.800  -2.945  6.610   1.00 9.40  ? 59 ILE A CD1 1 
ATOM 376 N N   . TRP A 1 61 ? -13.251 -2.644  2.121   1.00 6.08  ? 60 TRP A N   1 
ATOM 377 C CA  . TRP A 1 61 ? -13.336 -2.718  0.706   1.00 6.15  ? 60 TRP A CA  1 
ATOM 378 C C   . TRP A 1 61 ? -12.026 -2.236  0.110   1.00 6.80  ? 60 TRP A C   1 
ATOM 379 O O   . TRP A 1 61 ? -11.628 -1.140  0.306   1.00 5.68  ? 60 TRP A O   1 
ATOM 380 C CB  . TRP A 1 61 ? -14.507 -1.870  0.226   1.00 7.00  ? 60 TRP A CB  1 
ATOM 381 C CG  . TRP A 1 61 ? -15.569 -2.655  -0.398  1.00 7.62  ? 60 TRP A CG  1 
ATOM 382 C CD1 . TRP A 1 61 ? -15.895 -2.703  -1.719  1.00 8.29  ? 60 TRP A CD1 1 
ATOM 383 C CD2 . TRP A 1 61 ? -16.443 -3.573  0.272   1.00 8.47  ? 60 TRP A CD2 1 
ATOM 384 N NE1 . TRP A 1 61 ? -16.921 -3.592  -1.895  1.00 8.93  ? 60 TRP A NE1 1 
ATOM 385 C CE2 . TRP A 1 61 ? -17.270 -4.133  -0.685  1.00 9.54  ? 60 TRP A CE2 1 
ATOM 386 C CE3 . TRP A 1 61 ? -16.581 -3.990  1.606   1.00 13.08 ? 60 TRP A CE3 1 
ATOM 387 C CZ2 . TRP A 1 61 ? -18.256 -5.086  -0.356  1.00 12.79 ? 60 TRP A CZ2 1 
ATOM 388 C CZ3 . TRP A 1 61 ? -17.551 -4.944  1.924   1.00 13.51 ? 60 TRP A CZ3 1 
ATOM 389 C CH2 . TRP A 1 61 ? -18.361 -5.483  0.945   1.00 11.93 ? 60 TRP A CH2 1 
ATOM 390 N N   . LYS A 1 62 ? -11.398 -3.049  -0.723  1.00 7.19  ? 61 LYS A N   1 
ATOM 391 C CA  . LYS A 1 62 ? -9.977  -2.823  -0.987  1.00 7.17  ? 61 LYS A CA  1 
ATOM 392 C C   . LYS A 1 62 ? -9.898  -1.474  -1.551  1.00 6.89  ? 61 LYS A C   1 
ATOM 393 O O   . LYS A 1 62 ? -8.803  -0.950  -1.866  1.00 7.01  ? 61 LYS A O   1 
ATOM 394 C CB  . LYS A 1 62 ? -9.390  -3.886  -1.913  1.00 7.35  ? 61 LYS A CB  1 
ATOM 395 C CG  . LYS A 1 62 ? -9.359  -5.244  -1.221  1.00 7.51  ? 61 LYS A CG  1 
ATOM 396 C CD  . LYS A 1 62 ? -8.977  -6.360  -2.191  1.00 9.53  ? 61 LYS A CD  1 
ATOM 397 C CE  . LYS A 1 62 ? -7.514  -6.826  -2.083  1.00 9.54  ? 61 LYS A CE  1 
ATOM 398 N NZ  . LYS A 1 62 ? -6.958  -7.606  -0.907  1.00 13.08 ? 61 LYS A NZ  1 
ATOM 399 N N   . GLN A 1 63 ? -11.081 -0.904  -1.668  1.00 5.30  ? 62 GLN A N   1 
ATOM 400 C CA  . GLN A 1 63 ? -11.214 0.396   -2.406  1.00 5.96  ? 62 GLN A CA  1 
ATOM 401 C C   . GLN A 1 63 ? -11.170 1.673   -1.541  1.00 3.71  ? 62 GLN A C   1 
ATOM 402 O O   . GLN A 1 63 ? -10.957 2.778   -2.058  1.00 6.80  ? 62 GLN A O   1 
ATOM 403 C CB  . GLN A 1 63 ? -12.309 0.369   -3.514  1.00 4.87  ? 62 GLN A CB  1 
ATOM 404 C CG  . GLN A 1 63 ? -13.482 -0.503  -3.196  1.00 7.21  ? 62 GLN A CG  1 
ATOM 405 C CD  . GLN A 1 63 ? -14.778 0.245   -2.970  1.00 10.62 ? 62 GLN A CD  1 
ATOM 406 O OE1 . GLN A 1 63 ? -15.247 0.407   -1.835  1.00 13.99 ? 62 GLN A OE1 1 
ATOM 407 N NE2 . GLN A 1 63 ? -15.370 0.707   -4.054  1.00 12.25 ? 62 GLN A NE2 1 
ATOM 408 N N   . ALA A 1 64 ? -11.490 1.510   -0.245  1.00 4.94  ? 63 ALA A N   1 
ATOM 409 C CA  . ALA A 1 64 ? -11.295 2.532   0.781   1.00 3.60  ? 63 ALA A CA  1 
ATOM 410 C C   . ALA A 1 64 ? -9.862  2.459   1.344   1.00 5.21  ? 63 ALA A C   1 
ATOM 411 O O   . ALA A 1 64 ? -9.620  3.009   2.391   1.00 6.27  ? 63 ALA A O   1 
ATOM 412 C CB  . ALA A 1 64 ? -12.209 2.313   1.857   1.00 2.00  ? 63 ALA A CB  1 
ATOM 413 N N   . ILE A 1 65 ? -8.951  1.782   0.651   1.00 4.85  ? 64 ILE A N   1 
ATOM 414 C CA  . ILE A 1 65 ? -7.640  1.532   1.074   1.00 4.79  ? 64 ILE A CA  1 
ATOM 415 C C   . ILE A 1 65 ? -6.564  2.523   0.630   1.00 6.73  ? 64 ILE A C   1 
ATOM 416 O O   . ILE A 1 65 ? -6.291  2.707   -0.551  1.00 6.79  ? 64 ILE A O   1 
ATOM 417 C CB  . ILE A 1 65 ? -7.134  0.111   0.862   1.00 5.78  ? 64 ILE A CB  1 
ATOM 418 C CG1 . ILE A 1 65 ? -7.953  -0.872  1.779   1.00 6.12  ? 64 ILE A CG1 1 
ATOM 419 C CG2 . ILE A 1 65 ? -5.797  0.089   1.423   1.00 2.00  ? 64 ILE A CG2 1 
ATOM 420 C CD1 . ILE A 1 65 ? -7.565  -2.412  1.593   1.00 7.02  ? 64 ILE A CD1 1 
ATOM 421 N N   . ALA A 1 66 ? -5.906  3.174   1.580   1.00 7.30  ? 65 ALA A N   1 
ATOM 422 C CA  . ALA A 1 66 ? -4.920  4.162   1.240   1.00 7.57  ? 65 ALA A CA  1 
ATOM 423 C C   . ALA A 1 66 ? -3.606  3.447   1.274   1.00 7.89  ? 65 ALA A C   1 
ATOM 424 O O   . ALA A 1 66 ? -2.788  3.544   0.355   1.00 8.01  ? 65 ALA A O   1 
ATOM 425 C CB  . ALA A 1 66 ? -4.938  5.269   2.305   1.00 7.53  ? 65 ALA A CB  1 
ATOM 426 N N   . TYR A 1 67 ? -3.371  2.765   2.385   1.00 7.79  ? 66 TYR A N   1 
ATOM 427 C CA  . TYR A 1 67 ? -2.083  2.163   2.568   1.00 7.58  ? 66 TYR A CA  1 
ATOM 428 C C   . TYR A 1 67 ? -2.151  1.200   3.685   1.00 7.52  ? 66 TYR A C   1 
ATOM 429 O O   . TYR A 1 67 ? -2.976  1.382   4.580   1.00 8.26  ? 66 TYR A O   1 
ATOM 430 C CB  . TYR A 1 67 ? -0.968  3.207   2.749   1.00 7.81  ? 66 TYR A CB  1 
ATOM 431 C CG  . TYR A 1 67 ? -0.816  3.781   4.120   1.00 8.32  ? 66 TYR A CG  1 
ATOM 432 C CD1 . TYR A 1 67 ? -0.729  2.984   5.237   1.00 9.87  ? 66 TYR A CD1 1 
ATOM 433 C CD2 . TYR A 1 67 ? -0.736  5.155   4.306   1.00 9.86  ? 66 TYR A CD2 1 
ATOM 434 C CE1 . TYR A 1 67 ? -0.597  3.539   6.525   1.00 10.18 ? 66 TYR A CE1 1 
ATOM 435 C CE2 . TYR A 1 67 ? -0.576  5.706   5.564   1.00 8.74  ? 66 TYR A CE2 1 
ATOM 436 C CZ  . TYR A 1 67 ? -0.513  4.904   6.669   1.00 10.69 ? 66 TYR A CZ  1 
ATOM 437 O OH  . TYR A 1 67 ? -0.387  5.452   7.943   1.00 14.57 ? 66 TYR A OH  1 
ATOM 438 N N   . LEU A 1 68 ? -1.261  0.195   3.630   1.00 9.43  ? 67 LEU A N   1 
ATOM 439 C CA  . LEU A 1 68 ? -1.194  -0.862  4.605   1.00 12.13 ? 67 LEU A CA  1 
ATOM 440 C C   . LEU A 1 68 ? 0.225   -1.037  5.081   1.00 14.01 ? 67 LEU A C   1 
ATOM 441 O O   . LEU A 1 68 ? 1.137   -0.910  4.306   1.00 14.70 ? 67 LEU A O   1 
ATOM 442 C CB  . LEU A 1 68 ? -1.673  -2.145  3.956   1.00 12.46 ? 67 LEU A CB  1 
ATOM 443 C CG  . LEU A 1 68 ? -1.270  -3.484  4.577   1.00 13.89 ? 67 LEU A CG  1 
ATOM 444 C CD1 . LEU A 1 68 ? -2.149  -4.535  3.982   1.00 17.43 ? 67 LEU A CD1 1 
ATOM 445 C CD2 . LEU A 1 68 ? 0.168   -3.838  4.288   1.00 14.32 ? 67 LEU A CD2 1 
ATOM 446 N N   . GLN A 1 69 ? 0.406   -1.357  6.361   1.00 17.41 ? 68 GLN A N   1 
ATOM 447 C CA  . GLN A 1 69 ? 1.726   -1.651  6.931   1.00 19.09 ? 68 GLN A CA  1 
ATOM 448 C C   . GLN A 1 69 ? 1.716   -2.807  7.924   1.00 20.42 ? 68 GLN A C   1 
ATOM 449 O O   . GLN A 1 69 ? 0.824   -2.928  8.733   1.00 20.71 ? 68 GLN A O   1 
ATOM 450 C CB  . GLN A 1 69 ? 2.289   -0.456  7.676   1.00 19.32 ? 68 GLN A CB  1 
ATOM 451 C CG  . GLN A 1 69 ? 1.547   0.819   7.537   1.00 21.07 ? 68 GLN A CG  1 
ATOM 452 C CD  . GLN A 1 69 ? 2.260   1.979   8.206   1.00 23.31 ? 68 GLN A CD  1 
ATOM 453 O OE1 . GLN A 1 69 ? 2.681   1.897   9.366   1.00 22.69 ? 68 GLN A OE1 1 
ATOM 454 N NE2 . GLN A 1 69 ? 2.372   3.088   7.478   1.00 26.34 ? 68 GLN A NE2 1 
ATOM 455 N N   . PRO A 1 70 ? 2.741   -3.655  7.864   1.00 21.82 ? 69 PRO A N   1 
ATOM 456 C CA  . PRO A 1 70 ? 3.070   -4.510  8.998   1.00 22.19 ? 69 PRO A CA  1 
ATOM 457 C C   . PRO A 1 70 ? 3.512   -3.686  10.202  1.00 22.87 ? 69 PRO A C   1 
ATOM 458 O O   . PRO A 1 70 ? 4.452   -2.890  10.119  1.00 22.34 ? 69 PRO A O   1 
ATOM 459 C CB  . PRO A 1 70 ? 4.243   -5.322  8.482   1.00 22.00 ? 69 PRO A CB  1 
ATOM 460 C CG  . PRO A 1 70 ? 4.048   -5.370  7.051   1.00 22.82 ? 69 PRO A CG  1 
ATOM 461 C CD  . PRO A 1 70 ? 3.400   -4.084  6.622   1.00 21.66 ? 69 PRO A CD  1 
ATOM 462 N N   . LYS A 1 71 ? 2.835   -3.896  11.320  1.00 24.18 ? 70 LYS A N   1 
ATOM 463 C CA  . LYS A 1 71 ? 3.182   -3.265  12.585  1.00 25.35 ? 70 LYS A CA  1 
ATOM 464 C C   . LYS A 1 71 ? 4.571   -3.703  13.101  1.00 26.10 ? 70 LYS A C   1 
ATOM 465 O O   . LYS A 1 71 ? 5.495   -2.887  13.358  1.00 25.90 ? 70 LYS A O   1 
ATOM 466 C CB  . LYS A 1 71 ? 2.118   -3.643  13.585  1.00 25.46 ? 70 LYS A CB  1 
ATOM 467 C CG  . LYS A 1 71 ? 0.742   -3.235  13.125  1.00 27.90 ? 70 LYS A CG  1 
ATOM 468 C CD  . LYS A 1 71 ? -0.211  -2.930  14.308  1.00 31.70 ? 70 LYS A CD  1 
ATOM 469 C CE  . LYS A 1 71 ? -1.385  -2.000  13.908  1.00 33.46 ? 70 LYS A CE  1 
ATOM 470 N NZ  . LYS A 1 71 ? -1.292  -0.620  14.510  1.00 34.48 ? 70 LYS A NZ  1 
ATOM 471 N N   . SER B 1 9  ? 0.651   2.645   -20.743 1.00 32.03 ? 8  SER B N   1 
ATOM 472 C CA  . SER B 1 9  ? 1.184   3.488   -19.642 1.00 32.16 ? 8  SER B CA  1 
ATOM 473 C C   . SER B 1 9  ? 2.691   3.309   -19.584 1.00 32.16 ? 8  SER B C   1 
ATOM 474 O O   . SER B 1 9  ? 3.225   2.600   -18.672 1.00 32.85 ? 8  SER B O   1 
ATOM 475 C CB  . SER B 1 9  ? 0.575   3.101   -18.288 1.00 32.21 ? 8  SER B CB  1 
ATOM 476 O OG  . SER B 1 9  ? -0.781  3.502   -18.151 1.00 34.37 ? 8  SER B OG  1 
ATOM 477 N N   . LEU B 1 10 ? 3.378   3.907   -20.566 1.00 31.03 ? 9  LEU B N   1 
ATOM 478 C CA  . LEU B 1 10 ? 4.837   3.973   -20.524 1.00 29.51 ? 9  LEU B CA  1 
ATOM 479 C C   . LEU B 1 10 ? 5.368   5.237   -19.774 1.00 28.48 ? 9  LEU B C   1 
ATOM 480 O O   . LEU B 1 10 ? 6.139   5.106   -18.850 1.00 28.04 ? 9  LEU B O   1 
ATOM 481 C CB  . LEU B 1 10 ? 5.484   3.652   -21.895 1.00 29.10 ? 9  LEU B CB  1 
ATOM 482 C CG  . LEU B 1 10 ? 5.509   2.132   -22.195 1.00 29.66 ? 9  LEU B CG  1 
ATOM 483 C CD1 . LEU B 1 10 ? 4.132   1.605   -22.746 1.00 28.69 ? 9  LEU B CD1 1 
ATOM 484 C CD2 . LEU B 1 10 ? 6.635   1.665   -23.121 1.00 28.03 ? 9  LEU B CD2 1 
ATOM 485 N N   . PRO B 1 11 ? 4.912   6.446   -20.126 1.00 27.75 ? 10 PRO B N   1 
ATOM 486 C CA  . PRO B 1 11 ? 5.404   7.604   -19.404 1.00 27.56 ? 10 PRO B CA  1 
ATOM 487 C C   . PRO B 1 11 ? 5.426   7.550   -17.822 1.00 27.02 ? 10 PRO B C   1 
ATOM 488 O O   . PRO B 1 11 ? 6.283   8.167   -17.160 1.00 27.05 ? 10 PRO B O   1 
ATOM 489 C CB  . PRO B 1 11 ? 4.518   8.720   -19.969 1.00 27.21 ? 10 PRO B CB  1 
ATOM 490 C CG  . PRO B 1 11 ? 4.363   8.342   -21.347 1.00 26.79 ? 10 PRO B CG  1 
ATOM 491 C CD  . PRO B 1 11 ? 4.106   6.880   -21.284 1.00 27.98 ? 10 PRO B CD  1 
ATOM 492 N N   . SER B 1 12 ? 4.505   6.808   -17.225 1.00 26.23 ? 11 SER B N   1 
ATOM 493 C CA  . SER B 1 12 ? 4.442   6.744   -15.769 1.00 24.84 ? 11 SER B CA  1 
ATOM 494 C C   . SER B 1 12 ? 5.247   5.571   -15.245 1.00 24.74 ? 11 SER B C   1 
ATOM 495 O O   . SER B 1 12 ? 5.937   5.683   -14.247 1.00 25.14 ? 11 SER B O   1 
ATOM 496 C CB  . SER B 1 12 ? 2.988   6.704   -15.250 1.00 24.55 ? 11 SER B CB  1 
ATOM 497 O OG  . SER B 1 12 ? 2.139   5.925   -16.067 1.00 21.84 ? 11 SER B OG  1 
ATOM 498 N N   . ILE B 1 13 ? 5.152   4.447   -15.932 1.00 24.14 ? 12 ILE B N   1 
ATOM 499 C CA  . ILE B 1 13 ? 5.833   3.252   -15.523 1.00 23.53 ? 12 ILE B CA  1 
ATOM 500 C C   . ILE B 1 13 ? 7.339   3.398   -15.711 1.00 23.69 ? 12 ILE B C   1 
ATOM 501 O O   . ILE B 1 13 ? 8.109   2.700   -15.103 1.00 23.90 ? 12 ILE B O   1 
ATOM 502 C CB  . ILE B 1 13 ? 5.254   1.982   -16.239 1.00 23.14 ? 12 ILE B CB  1 
ATOM 503 C CG1 . ILE B 1 13 ? 4.013   1.483   -15.503 1.00 22.53 ? 12 ILE B CG1 1 
ATOM 504 C CG2 . ILE B 1 13 ? 6.226   0.878   -16.224 1.00 21.98 ? 12 ILE B CG2 1 
ATOM 505 C CD1 . ILE B 1 13 ? 2.822   1.700   -16.224 1.00 20.71 ? 12 ILE B CD1 1 
ATOM 506 N N   . ARG B 1 14 ? 7.764   4.314   -16.549 1.00 24.01 ? 13 ARG B N   1 
ATOM 507 C CA  . ARG B 1 14 ? 9.161   4.467   -16.801 1.00 24.85 ? 13 ARG B CA  1 
ATOM 508 C C   . ARG B 1 14 ? 9.777   5.392   -15.766 1.00 25.29 ? 13 ARG B C   1 
ATOM 509 O O   . ARG B 1 14 ? 10.986  5.514   -15.675 1.00 25.44 ? 13 ARG B O   1 
ATOM 510 C CB  . ARG B 1 14 ? 9.342   5.005   -18.207 1.00 25.10 ? 13 ARG B CB  1 
ATOM 511 C CG  . ARG B 1 14 ? 8.992   3.953   -19.264 1.00 26.83 ? 13 ARG B CG  1 
ATOM 512 C CD  . ARG B 1 14 ? 8.542   4.551   -20.574 1.00 28.66 ? 13 ARG B CD  1 
ATOM 513 N NE  . ARG B 1 14 ? 9.568   5.393   -21.128 1.00 31.92 ? 13 ARG B NE  1 
ATOM 514 C CZ  . ARG B 1 14 ? 9.425   6.686   -21.410 1.00 34.70 ? 13 ARG B CZ  1 
ATOM 515 N NH1 . ARG B 1 14 ? 8.270   7.288   -21.204 1.00 34.61 ? 13 ARG B NH1 1 
ATOM 516 N NH2 . ARG B 1 14 ? 10.451  7.377   -21.909 1.00 36.14 ? 13 ARG B NH2 1 
ATOM 517 N N   . GLN B 1 15 ? 8.919   6.038   -14.982 1.00 25.61 ? 14 GLN B N   1 
ATOM 518 C CA  . GLN B 1 15 ? 9.318   7.038   -14.008 1.00 25.62 ? 14 GLN B CA  1 
ATOM 519 C C   . GLN B 1 15 ? 9.504   6.389   -12.689 1.00 24.96 ? 14 GLN B C   1 
ATOM 520 O O   . GLN B 1 15 ? 10.423  6.722   -11.986 1.00 24.92 ? 14 GLN B O   1 
ATOM 521 C CB  . GLN B 1 15 ? 8.288   8.153   -13.937 1.00 26.17 ? 14 GLN B CB  1 
ATOM 522 C CG  . GLN B 1 15 ? 8.056   8.724   -12.546 1.00 28.71 ? 14 GLN B CG  1 
ATOM 523 C CD  . GLN B 1 15 ? 6.611   9.091   -12.325 1.00 29.24 ? 14 GLN B CD  1 
ATOM 524 O OE1 . GLN B 1 15 ? 6.248   10.225  -12.543 1.00 30.91 ? 14 GLN B OE1 1 
ATOM 525 N NE2 . GLN B 1 15 ? 5.776   8.129   -11.939 1.00 27.87 ? 14 GLN B NE2 1 
ATOM 526 N N   . LEU B 1 16 ? 8.598   5.471   -12.380 1.00 25.04 ? 15 LEU B N   1 
ATOM 527 C CA  . LEU B 1 16 ? 8.676   4.545   -11.253 1.00 25.10 ? 15 LEU B CA  1 
ATOM 528 C C   . LEU B 1 16 ? 9.765   3.506   -11.443 1.00 25.07 ? 15 LEU B C   1 
ATOM 529 O O   . LEU B 1 16 ? 10.414  3.140   -10.478 1.00 24.93 ? 15 LEU B O   1 
ATOM 530 C CB  . LEU B 1 16 ? 7.337   3.807   -11.072 1.00 25.63 ? 15 LEU B CB  1 
ATOM 531 C CG  . LEU B 1 16 ? 6.010   4.478   -11.451 1.00 25.51 ? 15 LEU B CG  1 
ATOM 532 C CD1 . LEU B 1 16 ? 4.949   3.471   -11.851 1.00 25.45 ? 15 LEU B CD1 1 
ATOM 533 C CD2 . LEU B 1 16 ? 5.521   5.382   -10.312 1.00 25.70 ? 15 LEU B CD2 1 
ATOM 534 N N   . GLN B 1 17 ? 9.928   3.018   -12.680 1.00 25.29 ? 16 GLN B N   1 
ATOM 535 C CA  . GLN B 1 17 ? 11.040  2.113   -13.101 1.00 25.82 ? 16 GLN B CA  1 
ATOM 536 C C   . GLN B 1 17 ? 12.451  2.663   -13.059 1.00 25.56 ? 16 GLN B C   1 
ATOM 537 O O   . GLN B 1 17 ? 13.357  1.923   -12.722 1.00 24.76 ? 16 GLN B O   1 
ATOM 538 C CB  . GLN B 1 17 ? 10.800  1.525   -14.484 1.00 25.78 ? 16 GLN B CB  1 
ATOM 539 C CG  . GLN B 1 17 ? 9.718   0.463   -14.453 1.00 26.58 ? 16 GLN B CG  1 
ATOM 540 C CD  . GLN B 1 17 ? 9.633   -0.369  -15.696 1.00 26.30 ? 16 GLN B CD  1 
ATOM 541 O OE1 . GLN B 1 17 ? 9.957   0.095   -16.769 1.00 26.78 ? 16 GLN B OE1 1 
ATOM 542 N NE2 . GLN B 1 17 ? 9.161   -1.611  -15.557 1.00 26.46 ? 16 GLN B NE2 1 
ATOM 543 N N   . ASN B 1 18 ? 12.599  3.950   -13.414 1.00 26.36 ? 17 ASN B N   1 
ATOM 544 C CA  . ASN B 1 18 ? 13.844  4.741   -13.279 1.00 26.61 ? 17 ASN B CA  1 
ATOM 545 C C   . ASN B 1 18 ? 14.076  5.396   -11.939 1.00 26.39 ? 17 ASN B C   1 
ATOM 546 O O   . ASN B 1 18 ? 14.978  6.198   -11.825 1.00 27.43 ? 17 ASN B O   1 
ATOM 547 C CB  . ASN B 1 18 ? 13.863  5.874   -14.273 1.00 26.57 ? 17 ASN B CB  1 
ATOM 548 C CG  . ASN B 1 18 ? 13.550  5.427   -15.633 1.00 28.57 ? 17 ASN B CG  1 
ATOM 549 O OD1 . ASN B 1 18 ? 13.488  4.223   -15.899 1.00 30.34 ? 17 ASN B OD1 1 
ATOM 550 N ND2 . ASN B 1 18 ? 13.325  6.385   -16.536 1.00 30.94 ? 17 ASN B ND2 1 
ATOM 551 N N   . LEU B 1 19 ? 13.227  5.096   -10.965 1.00 26.02 ? 18 LEU B N   1 
ATOM 552 C CA  . LEU B 1 19 ? 13.253  5.652   -9.621  1.00 24.78 ? 18 LEU B CA  1 
ATOM 553 C C   . LEU B 1 19 ? 13.437  4.536   -8.602  1.00 24.83 ? 18 LEU B C   1 
ATOM 554 O O   . LEU B 1 19 ? 14.056  4.733   -7.565  1.00 24.97 ? 18 LEU B O   1 
ATOM 555 C CB  . LEU B 1 19 ? 11.946  6.370   -9.365  1.00 24.36 ? 18 LEU B CB  1 
ATOM 556 C CG  . LEU B 1 19 ? 11.731  7.322   -8.207  1.00 23.91 ? 18 LEU B CG  1 
ATOM 557 C CD1 . LEU B 1 19 ? 12.410  8.656   -8.417  1.00 21.48 ? 18 LEU B CD1 1 
ATOM 558 C CD2 . LEU B 1 19 ? 10.269  7.484   -8.154  1.00 24.66 ? 18 LEU B CD2 1 
ATOM 559 N N   . ILE B 1 20 ? 12.885  3.358   -8.891  1.00 25.04 ? 19 ILE B N   1 
ATOM 560 C CA  . ILE B 1 20 ? 13.284  2.136   -8.210  1.00 24.44 ? 19 ILE B CA  1 
ATOM 561 C C   . ILE B 1 20 ? 14.666  1.675   -8.697  1.00 24.18 ? 19 ILE B C   1 
ATOM 562 O O   . ILE B 1 20 ? 15.377  0.979   -7.963  1.00 24.53 ? 19 ILE B O   1 
ATOM 563 C CB  . ILE B 1 20 ? 12.223  0.975   -8.292  1.00 25.10 ? 19 ILE B CB  1 
ATOM 564 C CG1 . ILE B 1 20 ? 11.605  0.798   -9.716  1.00 25.63 ? 19 ILE B CG1 1 
ATOM 565 C CG2 . ILE B 1 20 ? 11.143  1.174   -7.237  1.00 25.35 ? 19 ILE B CG2 1 
ATOM 566 C CD1 . ILE B 1 20 ? 10.199  -0.024  -9.785  1.00 21.45 ? 19 ILE B CD1 1 
ATOM 567 N N   . LYS B 1 21 ? 15.076  2.072   -9.898  1.00 23.44 ? 20 LYS B N   1 
ATOM 568 C CA  . LYS B 1 21 ? 16.430  1.737   -10.348 1.00 23.29 ? 20 LYS B CA  1 
ATOM 569 C C   . LYS B 1 21 ? 17.530  2.676   -9.758  1.00 23.83 ? 20 LYS B C   1 
ATOM 570 O O   . LYS B 1 21 ? 18.736  2.384   -9.810  1.00 24.58 ? 20 LYS B O   1 
ATOM 571 C CB  . LYS B 1 21 ? 16.483  1.643   -11.865 1.00 22.78 ? 20 LYS B CB  1 
ATOM 572 C CG  . LYS B 1 21 ? 17.867  1.784   -12.447 1.00 23.69 ? 20 LYS B CG  1 
ATOM 573 C CD  . LYS B 1 21 ? 18.020  1.227   -13.846 1.00 25.83 ? 20 LYS B CD  1 
ATOM 574 C CE  . LYS B 1 21 ? 17.083  1.886   -14.863 1.00 26.89 ? 20 LYS B CE  1 
ATOM 575 N NZ  . LYS B 1 21 ? 15.712  1.253   -14.953 1.00 28.20 ? 20 LYS B NZ  1 
ATOM 576 N N   . GLN B 1 22 ? 17.119  3.811   -9.190  1.00 23.46 ? 21 GLN B N   1 
ATOM 577 C CA  . GLN B 1 22 ? 18.038  4.767   -8.622  1.00 22.10 ? 21 GLN B CA  1 
ATOM 578 C C   . GLN B 1 22 ? 17.898  4.841   -7.120  1.00 21.25 ? 21 GLN B C   1 
ATOM 579 O O   . GLN B 1 22 ? 18.652  5.527   -6.463  1.00 21.98 ? 21 GLN B O   1 
ATOM 580 C CB  . GLN B 1 22 ? 17.687  6.148   -9.156  1.00 22.70 ? 21 GLN B CB  1 
ATOM 581 C CG  . GLN B 1 22 ? 17.778  6.306   -10.631 1.00 24.38 ? 21 GLN B CG  1 
ATOM 582 C CD  . GLN B 1 22 ? 19.181  6.244   -11.120 1.00 26.67 ? 21 GLN B CD  1 
ATOM 583 O OE1 . GLN B 1 22 ? 20.158  6.310   -10.355 1.00 28.03 ? 21 GLN B OE1 1 
ATOM 584 N NE2 . GLN B 1 22 ? 19.305  6.114   -12.411 1.00 28.55 ? 21 GLN B NE2 1 
ATOM 585 N N   . ALA B 1 23 ? 16.885  4.199   -6.567  1.00 20.07 ? 22 ALA B N   1 
ATOM 586 C CA  . ALA B 1 23 ? 16.514  4.392   -5.176  1.00 18.26 ? 22 ALA B CA  1 
ATOM 587 C C   . ALA B 1 23 ? 16.337  5.867   -4.851  1.00 17.21 ? 22 ALA B C   1 
ATOM 588 O O   . ALA B 1 23 ? 16.470  6.251   -3.734  1.00 17.56 ? 22 ALA B O   1 
ATOM 589 C CB  . ALA B 1 23 ? 17.551  3.749   -4.268  1.00 18.26 ? 22 ALA B CB  1 
ATOM 590 N N   . ALA B 1 24 ? 16.021  6.694   -5.845  1.00 16.16 ? 23 ALA B N   1 
ATOM 591 C CA  . ALA B 1 24 ? 15.888  8.126   -5.672  1.00 13.41 ? 23 ALA B CA  1 
ATOM 592 C C   . ALA B 1 24 ? 14.760  8.334   -4.733  1.00 12.49 ? 23 ALA B C   1 
ATOM 593 O O   . ALA B 1 24 ? 13.778  7.584   -4.779  1.00 12.70 ? 23 ALA B O   1 
ATOM 594 C CB  . ALA B 1 24 ? 15.585  8.786   -6.999  1.00 14.25 ? 23 ALA B CB  1 
ATOM 595 N N   . PRO B 1 25 ? 14.851  9.389   -3.923  1.00 11.79 ? 24 PRO B N   1 
ATOM 596 C CA  . PRO B 1 25 ? 13.861  9.709   -2.905  1.00 11.54 ? 24 PRO B CA  1 
ATOM 597 C C   . PRO B 1 25 ? 12.628  10.281  -3.576  1.00 11.47 ? 24 PRO B C   1 
ATOM 598 O O   . PRO B 1 25 ? 12.682  10.615  -4.738  1.00 12.36 ? 24 PRO B O   1 
ATOM 599 C CB  . PRO B 1 25 ? 14.573  10.732  -2.056  1.00 10.74 ? 24 PRO B CB  1 
ATOM 600 C CG  . PRO B 1 25 ? 15.382  11.559  -3.097  1.00 12.10 ? 24 PRO B CG  1 
ATOM 601 C CD  . PRO B 1 25 ? 15.683  10.561  -4.254  1.00 12.22 ? 24 PRO B CD  1 
ATOM 602 N N   . VAL B 1 26 ? 11.528  10.373  -2.853  1.00 12.93 ? 25 VAL B N   1 
ATOM 603 C CA  . VAL B 1 26 ? 10.207  10.628  -3.432  1.00 13.79 ? 25 VAL B CA  1 
ATOM 604 C C   . VAL B 1 26 ? 9.204   11.013  -2.337  1.00 14.73 ? 25 VAL B C   1 
ATOM 605 O O   . VAL B 1 26 ? 9.191   10.424  -1.265  1.00 15.05 ? 25 VAL B O   1 
ATOM 606 C CB  . VAL B 1 26 ? 9.706   9.377   -4.173  1.00 13.72 ? 25 VAL B CB  1 
ATOM 607 C CG1 . VAL B 1 26 ? 8.841   8.596   -3.258  1.00 14.11 ? 25 VAL B CG1 1 
ATOM 608 C CG2 . VAL B 1 26 ? 8.934   9.730   -5.466  1.00 13.22 ? 25 VAL B CG2 1 
ATOM 609 N N   . GLU B 1 27 ? 8.388   12.029  -2.601  1.00 16.45 ? 26 GLU B N   1 
ATOM 610 C CA  . GLU B 1 27 ? 7.107   12.175  -1.895  1.00 18.35 ? 26 GLU B CA  1 
ATOM 611 C C   . GLU B 1 27 ? 5.865   11.750  -2.750  1.00 18.72 ? 26 GLU B C   1 
ATOM 612 O O   . GLU B 1 27 ? 5.680   12.133  -3.911  1.00 18.10 ? 26 GLU B O   1 
ATOM 613 C CB  . GLU B 1 27 ? 6.948   13.578  -1.358  1.00 19.03 ? 26 GLU B CB  1 
ATOM 614 C CG  . GLU B 1 27 ? 5.633   13.821  -0.653  1.00 21.60 ? 26 GLU B CG  1 
ATOM 615 C CD  . GLU B 1 27 ? 5.336   15.280  -0.524  1.00 24.94 ? 26 GLU B CD  1 
ATOM 616 O OE1 . GLU B 1 27 ? 5.348   16.009  -1.542  1.00 24.86 ? 26 GLU B OE1 1 
ATOM 617 O OE2 . GLU B 1 27 ? 5.086   15.681  0.620   1.00 28.41 ? 26 GLU B OE2 1 
ATOM 618 N N   . ILE B 1 28 ? 5.024   10.924  -2.146  1.00 19.70 ? 27 ILE B N   1 
ATOM 619 C CA  . ILE B 1 28 ? 3.744   10.557  -2.738  1.00 19.55 ? 27 ILE B CA  1 
ATOM 620 C C   . ILE B 1 28 ? 2.593   11.153  -1.913  1.00 19.52 ? 27 ILE B C   1 
ATOM 621 O O   . ILE B 1 28 ? 2.462   10.872  -0.725  1.00 18.61 ? 27 ILE B O   1 
ATOM 622 C CB  . ILE B 1 28 ? 3.614   9.042   -2.823  1.00 20.15 ? 27 ILE B CB  1 
ATOM 623 C CG1 . ILE B 1 28 ? 4.952   8.470   -3.321  1.00 18.82 ? 27 ILE B CG1 1 
ATOM 624 C CG2 . ILE B 1 28 ? 2.303   8.663   -3.610  1.00 19.75 ? 27 ILE B CG2 1 
ATOM 625 C CD1 . ILE B 1 28 ? 4.974   7.031   -3.685  1.00 20.68 ? 27 ILE B CD1 1 
ATOM 626 N N   . LYS B 1 29 ? 1.773   11.996  -2.544  1.00 19.55 ? 28 LYS B N   1 
ATOM 627 C CA  . LYS B 1 29 ? 0.762   12.693  -1.771  1.00 19.30 ? 28 LYS B CA  1 
ATOM 628 C C   . LYS B 1 29 ? -0.469  11.867  -1.950  1.00 19.34 ? 28 LYS B C   1 
ATOM 629 O O   . LYS B 1 29 ? -0.894  11.590  -3.081  1.00 18.62 ? 28 LYS B O   1 
ATOM 630 C CB  . LYS B 1 29 ? 0.547   14.133  -2.224  1.00 18.83 ? 28 LYS B CB  1 
ATOM 631 C CG  . LYS B 1 29 ? -0.195  14.989  -1.244  1.00 19.20 ? 28 LYS B CG  1 
ATOM 632 C CD  . LYS B 1 29 ? 0.756   15.661  -0.249  1.00 23.54 ? 28 LYS B CD  1 
ATOM 633 C CE  . LYS B 1 29 ? 0.022   16.504  0.777   1.00 24.83 ? 28 LYS B CE  1 
ATOM 634 N NZ  . LYS B 1 29 ? -0.864  17.481  0.096   1.00 26.21 ? 28 LYS B NZ  1 
ATOM 635 N N   . LEU B 1 30 ? -1.019  11.448  -0.806  1.00 19.73 ? 29 LEU B N   1 
ATOM 636 C CA  . LEU B 1 30 ? -2.214  10.609  -0.804  1.00 19.46 ? 29 LEU B CA  1 
ATOM 637 C C   . LEU B 1 30 ? -3.398  11.514  -0.814  1.00 20.00 ? 29 LEU B C   1 
ATOM 638 O O   . LEU B 1 30 ? -3.249  12.730  -0.765  1.00 19.86 ? 29 LEU B O   1 
ATOM 639 C CB  . LEU B 1 30 ? -2.240  9.571   0.319   1.00 18.19 ? 29 LEU B CB  1 
ATOM 640 C CG  . LEU B 1 30 ? -1.701  8.146   -0.043  1.00 15.82 ? 29 LEU B CG  1 
ATOM 641 C CD1 . LEU B 1 30 ? -0.661  8.107   -1.171  1.00 12.83 ? 29 LEU B CD1 1 
ATOM 642 C CD2 . LEU B 1 30 ? -1.172  7.457   1.204   1.00 14.20 ? 29 LEU B CD2 1 
ATOM 643 N N   . VAL B 1 31 ? -4.572  10.917  -0.913  1.00 20.71 ? 30 VAL B N   1 
ATOM 644 C CA  . VAL B 1 31 ? -5.807  11.656  -1.063  1.00 21.18 ? 30 VAL B CA  1 
ATOM 645 C C   . VAL B 1 31 ? -6.458  11.794  0.288   1.00 21.72 ? 30 VAL B C   1 
ATOM 646 O O   . VAL B 1 31 ? -7.649  12.109  0.384   1.00 22.67 ? 30 VAL B O   1 
ATOM 647 C CB  . VAL B 1 31 ? -6.761  10.942  -2.057  1.00 21.66 ? 30 VAL B CB  1 
ATOM 648 C CG1 . VAL B 1 31 ? -6.033  10.701  -3.390  1.00 22.30 ? 30 VAL B CG1 1 
ATOM 649 C CG2 . VAL B 1 31 ? -7.327  9.611   -1.433  1.00 21.08 ? 30 VAL B CG2 1 
ATOM 650 N N   . THR B 1 32 ? -5.677  11.493  1.322   1.00 22.06 ? 31 THR B N   1 
ATOM 651 C CA  . THR B 1 32 ? -6.024  11.632  2.725   1.00 21.92 ? 31 THR B CA  1 
ATOM 652 C C   . THR B 1 32 ? -5.374  12.931  3.088   1.00 21.61 ? 31 THR B C   1 
ATOM 653 O O   . THR B 1 32 ? -5.846  13.620  3.957   1.00 22.02 ? 31 THR B O   1 
ATOM 654 C CB  . THR B 1 32 ? -5.361  10.509  3.552   1.00 22.17 ? 31 THR B CB  1 
ATOM 655 O OG1 . THR B 1 32 ? -5.560  9.239   2.926   1.00 21.93 ? 31 THR B OG1 1 
ATOM 656 C CG2 . THR B 1 32 ? -5.920  10.437  4.981   1.00 24.45 ? 31 THR B CG2 1 
ATOM 657 N N   . GLY B 1 33 ? -4.321  13.287  2.351   1.00 21.91 ? 32 GLY B N   1 
ATOM 658 C CA  . GLY B 1 33 ? -3.425  14.402  2.655   1.00 21.79 ? 32 GLY B CA  1 
ATOM 659 C C   . GLY B 1 33 ? -2.051  13.937  3.101   1.00 21.55 ? 32 GLY B C   1 
ATOM 660 O O   . GLY B 1 33 ? -1.227  14.724  3.505   1.00 22.28 ? 32 GLY B O   1 
ATOM 661 N N   . ASP B 1 34 ? -1.789  12.651  3.009   1.00 22.24 ? 33 ASP B N   1 
ATOM 662 C CA  . ASP B 1 34 ? -0.553  12.072  3.500   1.00 23.07 ? 33 ASP B CA  1 
ATOM 663 C C   . ASP B 1 34 ? 0.580   12.346  2.554   1.00 23.41 ? 33 ASP B C   1 
ATOM 664 O O   . ASP B 1 34 ? 0.447   12.133  1.322   1.00 24.44 ? 33 ASP B O   1 
ATOM 665 C CB  . ASP B 1 34 ? -0.710  10.559  3.623   1.00 23.78 ? 33 ASP B CB  1 
ATOM 666 C CG  . ASP B 1 34 ? -1.819  10.195  4.525   1.00 25.94 ? 33 ASP B CG  1 
ATOM 667 O OD1 . ASP B 1 34 ? -1.709  10.509  5.743   1.00 28.26 ? 33 ASP B OD1 1 
ATOM 668 O OD2 . ASP B 1 34 ? -2.815  9.647   4.005   1.00 28.14 ? 33 ASP B OD2 1 
ATOM 669 N N   . ALA B 1 35 ? 1.690   12.810  3.118   1.00 22.21 ? 34 ALA B N   1 
ATOM 670 C CA  . ALA B 1 35 ? 2.884   12.995  2.369   1.00 21.69 ? 34 ALA B CA  1 
ATOM 671 C C   . ALA B 1 35 ? 3.692   11.804  2.798   1.00 21.92 ? 34 ALA B C   1 
ATOM 672 O O   . ALA B 1 35 ? 3.919   11.609  3.983   1.00 22.18 ? 34 ALA B O   1 
ATOM 673 C CB  . ALA B 1 35 ? 3.534   14.274  2.749   1.00 21.50 ? 34 ALA B CB  1 
ATOM 674 N N   . ILE B 1 36 ? 4.090   10.963  1.842   1.00 22.31 ? 35 ILE B N   1 
ATOM 675 C CA  . ILE B 1 36 ? 4.806   9.710   2.164   1.00 21.38 ? 35 ILE B CA  1 
ATOM 676 C C   . ILE B 1 36 ? 6.271   9.702   1.760   1.00 20.40 ? 35 ILE B C   1 
ATOM 677 O O   . ILE B 1 36 ? 6.623   9.242   0.718   1.00 21.85 ? 35 ILE B O   1 
ATOM 678 C CB  . ILE B 1 36 ? 4.059   8.441   1.609   1.00 21.56 ? 35 ILE B CB  1 
ATOM 679 C CG1 . ILE B 1 36 ? 2.519   8.545   1.900   1.00 20.90 ? 35 ILE B CG1 1 
ATOM 680 C CG2 . ILE B 1 36 ? 4.813   7.128   2.052   1.00 20.90 ? 35 ILE B CG2 1 
ATOM 681 C CD1 . ILE B 1 36 ? 1.890   7.413   2.715   1.00 16.69 ? 35 ILE B CD1 1 
ATOM 682 N N   . THR B 1 37 ? 7.128   10.199  2.609   1.00 19.63 ? 36 THR B N   1 
ATOM 683 C CA  . THR B 1 37 ? 8.499   10.432  2.223   1.00 19.35 ? 36 THR B CA  1 
ATOM 684 C C   . THR B 1 37 ? 9.265   9.089   2.259   1.00 19.28 ? 36 THR B C   1 
ATOM 685 O O   . THR B 1 37 ? 9.158   8.321   3.231   1.00 19.48 ? 36 THR B O   1 
ATOM 686 C CB  . THR B 1 37 ? 9.092   11.594  3.102   1.00 19.39 ? 36 THR B CB  1 
ATOM 687 O OG1 . THR B 1 37 ? 8.427   12.831  2.759   1.00 18.06 ? 36 THR B OG1 1 
ATOM 688 C CG2 . THR B 1 37 ? 10.630  11.736  2.974   1.00 20.73 ? 36 THR B CG2 1 
ATOM 689 N N   . GLY B 1 38 ? 10.001  8.768   1.194   1.00 17.61 ? 37 GLY B N   1 
ATOM 690 C CA  . GLY B 1 38 ? 10.710  7.534   1.213   1.00 16.20 ? 37 GLY B CA  1 
ATOM 691 C C   . GLY B 1 38 ? 11.228  7.248   -0.137  1.00 15.71 ? 37 GLY B C   1 
ATOM 692 O O   . GLY B 1 38 ? 11.108  8.058   -0.998  1.00 16.04 ? 37 GLY B O   1 
ATOM 693 N N   . ARG B 1 39 ? 11.828  6.083   -0.298  1.00 15.35 ? 38 ARG B N   1 
ATOM 694 C CA  . ARG B 1 39 ? 12.402  5.657   -1.556  1.00 14.84 ? 38 ARG B CA  1 
ATOM 695 C C   . ARG B 1 39 ? 11.571  4.500   -2.062  1.00 14.23 ? 38 ARG B C   1 
ATOM 696 O O   . ARG B 1 39 ? 11.034  3.752   -1.301  1.00 12.46 ? 38 ARG B O   1 
ATOM 697 C CB  . ARG B 1 39 ? 13.898  5.299   -1.381  1.00 15.39 ? 38 ARG B CB  1 
ATOM 698 C CG  . ARG B 1 39 ? 14.825  6.569   -1.223  1.00 14.95 ? 38 ARG B CG  1 
ATOM 699 C CD  . ARG B 1 39 ? 16.340  6.270   -1.003  1.00 17.31 ? 38 ARG B CD  1 
ATOM 700 N NE  . ARG B 1 39 ? 17.169  7.440   -1.314  1.00 20.01 ? 38 ARG B NE  1 
ATOM 701 C CZ  . ARG B 1 39 ? 18.456  7.423   -1.633  1.00 20.00 ? 38 ARG B CZ  1 
ATOM 702 N NH1 . ARG B 1 39 ? 19.134  6.296   -1.697  1.00 23.89 ? 38 ARG B NH1 1 
ATOM 703 N NH2 . ARG B 1 39 ? 19.077  8.547   -1.924  1.00 21.25 ? 38 ARG B NH2 1 
ATOM 704 N N   . VAL B 1 40 ? 11.391  4.423   -3.370  1.00 15.04 ? 39 VAL B N   1 
ATOM 705 C CA  . VAL B 1 40 ? 10.481  3.440   -3.976  1.00 15.12 ? 39 VAL B CA  1 
ATOM 706 C C   . VAL B 1 40 ? 11.179  2.061   -4.124  1.00 15.46 ? 39 VAL B C   1 
ATOM 707 O O   . VAL B 1 40 ? 12.270  1.978   -4.662  1.00 15.45 ? 39 VAL B O   1 
ATOM 708 C CB  . VAL B 1 40 ? 9.885   4.027   -5.365  1.00 15.47 ? 39 VAL B CB  1 
ATOM 709 C CG1 . VAL B 1 40 ? 8.865   3.072   -6.054  1.00 13.71 ? 39 VAL B CG1 1 
ATOM 710 C CG2 . VAL B 1 40 ? 9.285   5.387   -5.164  1.00 13.18 ? 39 VAL B CG2 1 
ATOM 711 N N   . LEU B 1 41 ? 10.539  1.000   -3.628  1.00 16.24 ? 40 LEU B N   1 
ATOM 712 C CA  . LEU B 1 41 ? 11.047  -0.415  -3.623  1.00 16.73 ? 40 LEU B CA  1 
ATOM 713 C C   . LEU B 1 41 ? 10.388  -1.372  -4.609  1.00 17.82 ? 40 LEU B C   1 
ATOM 714 O O   . LEU B 1 41 ? 10.974  -2.281  -5.168  1.00 17.52 ? 40 LEU B O   1 
ATOM 715 C CB  . LEU B 1 41 ? 10.760  -1.035  -2.281  1.00 16.55 ? 40 LEU B CB  1 
ATOM 716 C CG  . LEU B 1 41 ? 11.632  -0.748  -1.077  1.00 15.24 ? 40 LEU B CG  1 
ATOM 717 C CD1 . LEU B 1 41 ? 10.755  -0.341  0.067   1.00 12.55 ? 40 LEU B CD1 1 
ATOM 718 C CD2 . LEU B 1 41 ? 12.374  -2.005  -0.823  1.00 13.01 ? 40 LEU B CD2 1 
ATOM 719 N N   . TRP B 1 42 ? 9.100   -1.377  -4.727  1.00 20.03 ? 41 TRP B N   1 
ATOM 720 C CA  . TRP B 1 42 ? 8.469   -1.897  -5.918  1.00 21.08 ? 41 TRP B CA  1 
ATOM 721 C C   . TRP B 1 42 ? 7.165   -1.153  -6.187  1.00 19.51 ? 41 TRP B C   1 
ATOM 722 O O   . TRP B 1 42 ? 6.799   -0.241  -5.407  1.00 18.78 ? 41 TRP B O   1 
ATOM 723 C CB  . TRP B 1 42 ? 8.309   -3.414  -5.861  1.00 22.68 ? 41 TRP B CB  1 
ATOM 724 C CG  . TRP B 1 42 ? 7.846   -3.982  -4.557  1.00 29.01 ? 41 TRP B CG  1 
ATOM 725 C CD1 . TRP B 1 42 ? 8.602   -4.282  -3.495  1.00 33.48 ? 41 TRP B CD1 1 
ATOM 726 C CD2 . TRP B 1 42 ? 6.536   -4.369  -4.219  1.00 35.19 ? 41 TRP B CD2 1 
ATOM 727 N NE1 . TRP B 1 42 ? 7.852   -4.820  -2.490  1.00 36.12 ? 41 TRP B NE1 1 
ATOM 728 C CE2 . TRP B 1 42 ? 6.566   -4.884  -2.908  1.00 37.11 ? 41 TRP B CE2 1 
ATOM 729 C CE3 . TRP B 1 42 ? 5.351   -4.312  -4.874  1.00 37.71 ? 41 TRP B CE3 1 
ATOM 730 C CZ2 . TRP B 1 42 ? 5.464   -5.351  -2.255  1.00 39.57 ? 41 TRP B CZ2 1 
ATOM 731 C CZ3 . TRP B 1 42 ? 4.270   -4.757  -4.236  1.00 40.45 ? 41 TRP B CZ3 1 
ATOM 732 C CH2 . TRP B 1 42 ? 4.318   -5.284  -2.931  1.00 41.36 ? 41 TRP B CH2 1 
ATOM 733 N N   . GLN B 1 43 ? 6.575   -1.493  -7.394  1.00 17.74 ? 42 GLN B N   1 
ATOM 734 C CA  . GLN B 1 43 ? 5.254   -1.100  -7.909  1.00 15.95 ? 42 GLN B CA  1 
ATOM 735 C C   . GLN B 1 43 ? 4.505   -2.300  -8.482  1.00 13.63 ? 42 GLN B C   1 
ATOM 736 O O   . GLN B 1 43 ? 5.131   -3.272  -8.832  1.00 14.51 ? 42 GLN B O   1 
ATOM 737 C CB  . GLN B 1 43 ? 5.405   -0.032  -9.013  1.00 16.76 ? 42 GLN B CB  1 
ATOM 738 C CG  . GLN B 1 43 ? 6.154   -0.443  -10.313 1.00 18.89 ? 42 GLN B CG  1 
ATOM 739 C CD  . GLN B 1 43 ? 5.217   -0.711  -11.502 1.00 22.50 ? 42 GLN B CD  1 
ATOM 740 O OE1 . GLN B 1 43 ? 5.635   -1.206  -12.553 1.00 24.49 ? 42 GLN B OE1 1 
ATOM 741 N NE2 . GLN B 1 43 ? 3.944   -0.381  -11.335 1.00 24.81 ? 42 GLN B NE2 1 
ATOM 742 N N   . ASP B 1 44 ? 3.176   -2.237  -8.603  1.00 9.46  ? 43 ASP B N   1 
ATOM 743 C CA  . ASP B 1 44 ? 2.445   -3.222  -9.403  1.00 6.68  ? 43 ASP B CA  1 
ATOM 744 C C   . ASP B 1 44 ? 1.116   -2.642  -9.955  1.00 6.78  ? 43 ASP B C   1 
ATOM 745 O O   . ASP B 1 44 ? 0.854   -1.445  -9.813  1.00 7.19  ? 43 ASP B O   1 
ATOM 746 C CB  . ASP B 1 44 ? 2.380   -4.655  -8.745  1.00 4.11  ? 43 ASP B CB  1 
ATOM 747 C CG  . ASP B 1 44 ? 1.339   -4.770  -7.586  1.00 10.10 ? 43 ASP B CG  1 
ATOM 748 O OD1 . ASP B 1 44 ? 0.281   -4.151  -7.572  1.00 16.50 ? 43 ASP B OD1 1 
ATOM 749 O OD2 . ASP B 1 44 ? 1.555   -5.498  -6.617  1.00 15.10 ? 43 ASP B OD2 1 
ATOM 750 N N   . PRO B 1 45 ? 0.289   -3.449  -10.628 1.00 6.27  ? 44 PRO B N   1 
ATOM 751 C CA  . PRO B 1 45 ? -0.934  -2.727  -11.072 1.00 6.87  ? 44 PRO B CA  1 
ATOM 752 C C   . PRO B 1 45 ? -1.664  -1.879  -9.937  1.00 7.08  ? 44 PRO B C   1 
ATOM 753 O O   . PRO B 1 45 ? -2.225  -0.842  -10.254 1.00 7.39  ? 44 PRO B O   1 
ATOM 754 C CB  . PRO B 1 45 ? -1.806  -3.817  -11.762 1.00 6.81  ? 44 PRO B CB  1 
ATOM 755 C CG  . PRO B 1 45 ? -0.721  -4.869  -12.250 1.00 7.12  ? 44 PRO B CG  1 
ATOM 756 C CD  . PRO B 1 45 ? 0.476   -4.769  -11.261 1.00 5.42  ? 44 PRO B CD  1 
ATOM 757 N N   . THR B 1 46 ? -1.627  -2.271  -8.640  1.00 6.58  ? 45 THR B N   1 
ATOM 758 C CA  . THR B 1 46 ? -2.441  -1.654  -7.584  1.00 4.25  ? 45 THR B CA  1 
ATOM 759 C C   . THR B 1 46 ? -1.608  -0.921  -6.571  1.00 6.93  ? 45 THR B C   1 
ATOM 760 O O   . THR B 1 46 ? -2.084  0.072   -5.972  1.00 5.81  ? 45 THR B O   1 
ATOM 761 C CB  . THR B 1 46 ? -3.177  -2.734  -6.830  1.00 6.85  ? 45 THR B CB  1 
ATOM 762 O OG1 . THR B 1 46 ? -2.217  -3.416  -6.073  1.00 8.50  ? 45 THR B OG1 1 
ATOM 763 C CG2 . THR B 1 46 ? -3.786  -3.770  -7.740  1.00 7.40  ? 45 THR B CG2 1 
ATOM 764 N N   . CYS B 1 47 ? -0.362  -1.382  -6.356  1.00 7.19  ? 46 CYS B N   1 
ATOM 765 C CA  . CYS B 1 47 ? 0.557   -0.738  -5.348  1.00 7.36  ? 46 CYS B CA  1 
ATOM 766 C C   . CYS B 1 47 ? 1.927   -0.183  -5.757  1.00 7.13  ? 46 CYS B C   1 
ATOM 767 O O   . CYS B 1 47 ? 2.520   -0.530  -6.759  1.00 6.39  ? 46 CYS B O   1 
ATOM 768 C CB  . CYS B 1 47 ? 0.705   -1.582  -4.049  1.00 7.62  ? 46 CYS B CB  1 
ATOM 769 S SG  . CYS B 1 47 ? -0.856  -2.240  -3.401  1.00 10.89 ? 46 CYS B SG  1 
ATOM 770 N N   . VAL B 1 48 ? 2.370   0.723   -4.913  1.00 6.78  ? 47 VAL B N   1 
ATOM 771 C CA  . VAL B 1 48 ? 3.727   1.250   -4.834  1.00 5.79  ? 47 VAL B CA  1 
ATOM 772 C C   . VAL B 1 48 ? 4.274   0.899   -3.415  1.00 7.19  ? 47 VAL B C   1 
ATOM 773 O O   . VAL B 1 48 ? 3.553   0.869   -2.445  1.00 7.04  ? 47 VAL B O   1 
ATOM 774 C CB  . VAL B 1 48 ? 3.733   2.792   -4.964  1.00 2.00  ? 47 VAL B CB  1 
ATOM 775 C CG1 . VAL B 1 48 ? 5.092   3.207   -5.238  1.00 4.21  ? 47 VAL B CG1 1 
ATOM 776 C CG2 . VAL B 1 48 ? 2.923   3.205   -6.086  1.00 4.86  ? 47 VAL B CG2 1 
ATOM 777 N N   . CYS B 1 49 ? 5.558   0.660   -3.299  1.00 10.32 ? 48 CYS B N   1 
ATOM 778 C CA  . CYS B 1 49 ? 6.111   0.389   -1.982  1.00 12.97 ? 48 CYS B CA  1 
ATOM 779 C C   . CYS B 1 49 ? 7.183   1.423   -1.751  1.00 14.88 ? 48 CYS B C   1 
ATOM 780 O O   . CYS B 1 49 ? 8.078   1.595   -2.601  1.00 15.06 ? 48 CYS B O   1 
ATOM 781 C CB  . CYS B 1 49 ? 6.718   -1.022  -1.889  1.00 13.51 ? 48 CYS B CB  1 
ATOM 782 S SG  . CYS B 1 49 ? 6.712   -1.865  -0.246  1.00 14.31 ? 48 CYS B SG  1 
ATOM 783 N N   . ILE B 1 50 ? 7.041   2.143   -0.635  1.00 17.04 ? 49 ILE B N   1 
ATOM 784 C CA  . ILE B 1 50 ? 8.039   3.120   -0.204  1.00 19.05 ? 49 ILE B CA  1 
ATOM 785 C C   . ILE B 1 50 ? 8.785   2.532   0.999   1.00 20.29 ? 49 ILE B C   1 
ATOM 786 O O   . ILE B 1 50 ? 8.268   1.618   1.692   1.00 20.35 ? 49 ILE B O   1 
ATOM 787 C CB  . ILE B 1 50 ? 7.395   4.463   0.112   1.00 19.10 ? 49 ILE B CB  1 
ATOM 788 C CG1 . ILE B 1 50 ? 6.673   5.051   -1.121  1.00 19.62 ? 49 ILE B CG1 1 
ATOM 789 C CG2 . ILE B 1 50 ? 8.349   5.409   0.808   1.00 19.41 ? 49 ILE B CG2 1 
ATOM 790 C CD1 . ILE B 1 50 ? 7.199   4.681   -2.510  1.00 17.09 ? 49 ILE B CD1 1 
ATOM 791 N N   . ALA B 1 51 ? 9.999   3.040   1.211   1.00 21.41 ? 50 ALA B N   1 
ATOM 792 C CA  . ALA B 1 51 ? 10.865  2.606   2.286   1.00 22.44 ? 50 ALA B CA  1 
ATOM 793 C C   . ALA B 1 51 ? 11.488  3.770   3.044   1.00 23.30 ? 50 ALA B C   1 
ATOM 794 O O   . ALA B 1 51 ? 12.397  4.400   2.550   1.00 23.11 ? 50 ALA B O   1 
ATOM 795 C CB  . ALA B 1 51 ? 11.934  1.748   1.726   1.00 22.94 ? 50 ALA B CB  1 
ATOM 796 N N   . ASP B 1 52 ? 11.001  4.033   4.259   1.00 24.85 ? 51 ASP B N   1 
ATOM 797 C CA  . ASP B 1 52 ? 11.573  5.051   5.126   1.00 25.55 ? 51 ASP B CA  1 
ATOM 798 C C   . ASP B 1 52 ? 11.725  4.578   6.567   1.00 26.03 ? 51 ASP B C   1 
ATOM 799 O O   . ASP B 1 52 ? 12.667  3.856   6.908   1.00 26.44 ? 51 ASP B O   1 
ATOM 800 C CB  . ASP B 1 52 ? 10.778  6.358   5.059   1.00 25.98 ? 51 ASP B CB  1 
ATOM 801 C CG  . ASP B 1 52 ? 9.286   6.188   5.323   1.00 28.00 ? 51 ASP B CG  1 
ATOM 802 O OD1 . ASP B 1 52 ? 8.830   5.073   5.688   1.00 30.98 ? 51 ASP B OD1 1 
ATOM 803 O OD2 . ASP B 1 52 ? 8.568   7.213   5.186   1.00 28.27 ? 51 ASP B OD2 1 
ATOM 804 N N   . ARG B 1 56 ? 10.588  1.705   8.530   1.00 19.47 ? 55 ARG B N   1 
ATOM 805 C CA  . ARG B 1 56 ? 9.218   1.245   8.249   1.00 19.55 ? 55 ARG B CA  1 
ATOM 806 C C   . ARG B 1 56 ? 8.796   1.288   6.726   1.00 18.78 ? 55 ARG B C   1 
ATOM 807 O O   . ARG B 1 56 ? 9.036   2.274   5.989   1.00 17.72 ? 55 ARG B O   1 
ATOM 808 C CB  . ARG B 1 56 ? 8.194   1.914   9.204   1.00 20.30 ? 55 ARG B CB  1 
ATOM 809 C CG  . ARG B 1 56 ? 7.698   0.966   10.351  1.00 22.56 ? 55 ARG B CG  1 
ATOM 810 C CD  . ARG B 1 56 ? 7.444   1.651   11.734  1.00 23.67 ? 55 ARG B CD  1 
ATOM 811 N NE  . ARG B 1 56 ? 6.984   0.669   12.747  1.00 26.36 ? 55 ARG B NE  1 
ATOM 812 C CZ  . ARG B 1 56 ? 5.706   0.435   13.098  1.00 26.88 ? 55 ARG B CZ  1 
ATOM 813 N NH1 . ARG B 1 56 ? 4.700   1.115   12.533  1.00 28.79 ? 55 ARG B NH1 1 
ATOM 814 N NH2 . ARG B 1 56 ? 5.421   -0.476  14.023  1.00 24.14 ? 55 ARG B NH2 1 
ATOM 815 N N   . GLN B 1 57 ? 8.228   0.170   6.277   1.00 17.53 ? 56 GLN B N   1 
ATOM 816 C CA  . GLN B 1 57 ? 7.678   0.072   4.947   1.00 17.29 ? 56 GLN B CA  1 
ATOM 817 C C   . GLN B 1 57 ? 6.161   0.231   4.934   1.00 16.92 ? 56 GLN B C   1 
ATOM 818 O O   . GLN B 1 57 ? 5.457   -0.143  5.898   1.00 15.87 ? 56 GLN B O   1 
ATOM 819 C CB  . GLN B 1 57 ? 8.079   -1.225  4.266   1.00 17.00 ? 56 GLN B CB  1 
ATOM 820 C CG  . GLN B 1 57 ? 9.545   -1.280  3.993   1.00 17.18 ? 56 GLN B CG  1 
ATOM 821 C CD  . GLN B 1 57 ? 9.979   -2.579  3.350   1.00 18.79 ? 56 GLN B CD  1 
ATOM 822 O OE1 . GLN B 1 57 ? 9.202   -3.502  3.123   1.00 17.02 ? 56 GLN B OE1 1 
ATOM 823 N NE2 . GLN B 1 57 ? 11.246  -2.645  3.042   1.00 20.91 ? 56 GLN B NE2 1 
ATOM 824 N N   . THR B 1 58 ? 5.688   0.814   3.827   1.00 16.09 ? 57 THR B N   1 
ATOM 825 C CA  . THR B 1 58 ? 4.320   1.262   3.680   1.00 15.37 ? 57 THR B CA  1 
ATOM 826 C C   . THR B 1 58 ? 3.992   1.029   2.229   1.00 15.23 ? 57 THR B C   1 
ATOM 827 O O   . THR B 1 58 ? 4.536   1.691   1.355   1.00 16.70 ? 57 THR B O   1 
ATOM 828 C CB  . THR B 1 58 ? 4.170   2.759   4.121   1.00 15.64 ? 57 THR B CB  1 
ATOM 829 O OG1 . THR B 1 58 ? 3.170   3.431   3.352   1.00 15.10 ? 57 THR B OG1 1 
ATOM 830 C CG2 . THR B 1 58 ? 5.498   3.542   4.036   1.00 16.22 ? 57 THR B CG2 1 
ATOM 831 N N   . THR B 1 59 ? 3.166   0.023   1.935   1.00 14.55 ? 58 THR B N   1 
ATOM 832 C CA  . THR B 1 59 ? 2.675   -0.160  0.553   1.00 13.15 ? 58 THR B CA  1 
ATOM 833 C C   . THR B 1 59 ? 1.417   0.679   0.410   1.00 11.89 ? 58 THR B C   1 
ATOM 834 O O   . THR B 1 59 ? 0.510   0.584   1.291   1.00 11.53 ? 58 THR B O   1 
ATOM 835 C CB  . THR B 1 59 ? 2.222   -1.569  0.274   1.00 13.00 ? 58 THR B CB  1 
ATOM 836 O OG1 . THR B 1 59 ? 0.834   -1.641  0.634   1.00 15.06 ? 58 THR B OG1 1 
ATOM 837 C CG2 . THR B 1 59 ? 3.066   -2.563  1.058   1.00 13.42 ? 58 THR B CG2 1 
ATOM 838 N N   . ILE B 1 60 ? 1.382   1.480   -0.671  1.00 9.86  ? 59 ILE B N   1 
ATOM 839 C CA  . ILE B 1 60 ? 0.332   2.464   -0.953  1.00 8.07  ? 59 ILE B CA  1 
ATOM 840 C C   . ILE B 1 60 ? -0.539  1.829   -1.985  1.00 7.36  ? 59 ILE B C   1 
ATOM 841 O O   . ILE B 1 60 ? -0.014  1.287   -2.954  1.00 7.10  ? 59 ILE B O   1 
ATOM 842 C CB  . ILE B 1 60 ? 0.922   3.777   -1.544  1.00 8.12  ? 59 ILE B CB  1 
ATOM 843 C CG1 . ILE B 1 60 ? 2.101   4.256   -0.712  1.00 8.38  ? 59 ILE B CG1 1 
ATOM 844 C CG2 . ILE B 1 60 ? -0.118  4.874   -1.515  1.00 9.20  ? 59 ILE B CG2 1 
ATOM 845 C CD1 . ILE B 1 60 ? 2.879   5.427   -1.278  1.00 11.66 ? 59 ILE B CD1 1 
ATOM 846 N N   . TRP B 1 61 ? -1.852  1.831   -1.801  1.00 7.05  ? 60 TRP B N   1 
ATOM 847 C CA  . TRP B 1 61 ? -2.719  1.512   -2.920  1.00 6.82  ? 60 TRP B CA  1 
ATOM 848 C C   . TRP B 1 61 ? -2.653  2.661   -3.886  1.00 6.48  ? 60 TRP B C   1 
ATOM 849 O O   . TRP B 1 61 ? -2.898  3.826   -3.523  1.00 4.71  ? 60 TRP B O   1 
ATOM 850 C CB  . TRP B 1 61 ? -4.170  1.283   -2.502  1.00 7.09  ? 60 TRP B CB  1 
ATOM 851 C CG  . TRP B 1 61 ? -4.469  -0.153  -2.479  1.00 7.66  ? 60 TRP B CG  1 
ATOM 852 C CD1 . TRP B 1 61 ? -5.333  -0.815  -3.261  1.00 9.17  ? 60 TRP B CD1 1 
ATOM 853 C CD2 . TRP B 1 61 ? -3.823  -1.119  -1.685  1.00 8.60  ? 60 TRP B CD2 1 
ATOM 854 N NE1 . TRP B 1 61 ? -5.309  -2.152  -2.988  1.00 6.56  ? 60 TRP B NE1 1 
ATOM 855 C CE2 . TRP B 1 61 ? -4.378  -2.367  -2.016  1.00 9.45  ? 60 TRP B CE2 1 
ATOM 856 C CE3 . TRP B 1 61 ? -2.792  -1.056  -0.737  1.00 13.12 ? 60 TRP B CE3 1 
ATOM 857 C CZ2 . TRP B 1 61 ? -3.965  -3.574  -1.410  1.00 12.71 ? 60 TRP B CZ2 1 
ATOM 858 C CZ3 . TRP B 1 61 ? -2.354  -2.257  -0.139  1.00 14.84 ? 60 TRP B CZ3 1 
ATOM 859 C CH2 . TRP B 1 61 ? -2.964  -3.505  -0.479  1.00 13.88 ? 60 TRP B CH2 1 
ATOM 860 N N   . LYS B 1 62 ? -2.311  2.344   -5.111  1.00 7.06  ? 61 LYS B N   1 
ATOM 861 C CA  . LYS B 1 62 ? -1.985  3.379   -6.089  1.00 6.99  ? 61 LYS B CA  1 
ATOM 862 C C   . LYS B 1 62 ? -3.201  4.227   -6.309  1.00 7.03  ? 61 LYS B C   1 
ATOM 863 O O   . LYS B 1 62 ? -3.112  5.292   -6.890  1.00 6.76  ? 61 LYS B O   1 
ATOM 864 C CB  . LYS B 1 62 ? -1.515  2.788   -7.426  1.00 6.63  ? 61 LYS B CB  1 
ATOM 865 C CG  . LYS B 1 62 ? -0.133  2.246   -7.356  1.00 7.26  ? 61 LYS B CG  1 
ATOM 866 C CD  . LYS B 1 62 ? 0.152   1.158   -8.396  1.00 8.92  ? 61 LYS B CD  1 
ATOM 867 C CE  . LYS B 1 62 ? 1.123   1.575   -9.543  1.00 8.19  ? 61 LYS B CE  1 
ATOM 868 N NZ  . LYS B 1 62 ? 2.463   2.120   -9.217  1.00 12.09 ? 61 LYS B NZ  1 
ATOM 869 N N   . GLN B 1 63 ? -4.335  3.751   -5.828  1.00 6.47  ? 62 GLN B N   1 
ATOM 870 C CA  . GLN B 1 63 ? -5.641  4.380   -6.084  1.00 6.61  ? 62 GLN B CA  1 
ATOM 871 C C   . GLN B 1 63 ? -5.959  5.566   -5.113  1.00 6.20  ? 62 GLN B C   1 
ATOM 872 O O   . GLN B 1 63 ? -6.813  6.380   -5.409  1.00 7.26  ? 62 GLN B O   1 
ATOM 873 C CB  . GLN B 1 63 ? -6.766  3.325   -6.125  1.00 6.38  ? 62 GLN B CB  1 
ATOM 874 C CG  . GLN B 1 63 ? -6.381  1.974   -5.432  1.00 6.69  ? 62 GLN B CG  1 
ATOM 875 C CD  . GLN B 1 63 ? -7.311  1.542   -4.268  1.00 8.89  ? 62 GLN B CD  1 
ATOM 876 O OE1 . GLN B 1 63 ? -7.135  1.951   -3.095  1.00 12.47 ? 62 GLN B OE1 1 
ATOM 877 N NE2 . GLN B 1 63 ? -8.236  0.646   -4.578  1.00 11.22 ? 62 GLN B NE2 1 
ATOM 878 N N   . ALA B 1 64 ? -5.266  5.631   -3.966  1.00 5.74  ? 63 ALA B N   1 
ATOM 879 C CA  . ALA B 1 64 ? -5.254  6.797   -3.072  1.00 4.28  ? 63 ALA B CA  1 
ATOM 880 C C   . ALA B 1 64 ? -4.266  7.925   -3.491  1.00 5.45  ? 63 ALA B C   1 
ATOM 881 O O   . ALA B 1 64 ? -4.299  8.967   -2.858  1.00 6.49  ? 63 ALA B O   1 
ATOM 882 C CB  . ALA B 1 64 ? -4.964  6.360   -1.686  1.00 2.00  ? 63 ALA B CB  1 
ATOM 883 N N   . ILE B 1 65 ? -3.421  7.717   -4.530  1.00 5.75  ? 64 ILE B N   1 
ATOM 884 C CA  . ILE B 1 65 ? -2.428  8.657   -5.034  1.00 4.58  ? 64 ILE B CA  1 
ATOM 885 C C   . ILE B 1 65 ? -3.022  9.817   -5.777  1.00 6.59  ? 64 ILE B C   1 
ATOM 886 O O   . ILE B 1 65 ? -3.688  9.653   -6.831  1.00 5.87  ? 64 ILE B O   1 
ATOM 887 C CB  . ILE B 1 65 ? -1.309  8.016   -5.981  1.00 5.41  ? 64 ILE B CB  1 
ATOM 888 C CG1 . ILE B 1 65 ? -0.617  6.872   -5.261  1.00 3.00  ? 64 ILE B CG1 1 
ATOM 889 C CG2 . ILE B 1 65 ? -0.202  9.082   -6.467  1.00 2.00  ? 64 ILE B CG2 1 
ATOM 890 C CD1 . ILE B 1 65 ? 0.021   5.918   -6.152  1.00 3.41  ? 64 ILE B CD1 1 
ATOM 891 N N   . ALA B 1 66 ? -2.739  10.986  -5.198  1.00 7.08  ? 65 ALA B N   1 
ATOM 892 C CA  . ALA B 1 66 ? -2.940  12.330  -5.800  1.00 7.44  ? 65 ALA B CA  1 
ATOM 893 C C   . ALA B 1 66 ? -1.798  12.644  -6.799  1.00 7.75  ? 65 ALA B C   1 
ATOM 894 O O   . ALA B 1 66 ? -2.012  12.935  -7.949  1.00 7.85  ? 65 ALA B O   1 
ATOM 895 C CB  . ALA B 1 66 ? -2.981  13.407  -4.703  1.00 7.06  ? 65 ALA B CB  1 
ATOM 896 N N   . TYR B 1 67 ? -0.578  12.588  -6.293  1.00 7.25  ? 66 TYR B N   1 
ATOM 897 C CA  . TYR B 1 67 ? 0.577   12.941  -7.036  1.00 8.15  ? 66 TYR B CA  1 
ATOM 898 C C   . TYR B 1 67 ? 1.846   12.540  -6.392  1.00 8.85  ? 66 TYR B C   1 
ATOM 899 O O   . TYR B 1 67 ? 1.948   12.419  -5.159  1.00 9.36  ? 66 TYR B O   1 
ATOM 900 C CB  . TYR B 1 67 ? 0.645   14.457  -7.271  1.00 9.21  ? 66 TYR B CB  1 
ATOM 901 C CG  . TYR B 1 67 ? 1.005   15.344  -6.088  1.00 8.70  ? 66 TYR B CG  1 
ATOM 902 C CD1 . TYR B 1 67 ? 2.238   15.259  -5.468  1.00 10.08 ? 66 TYR B CD1 1 
ATOM 903 C CD2 . TYR B 1 67 ? 0.116   16.312  -5.633  1.00 9.98  ? 66 TYR B CD2 1 
ATOM 904 C CE1 . TYR B 1 67 ? 2.581   16.102  -4.420  1.00 10.09 ? 66 TYR B CE1 1 
ATOM 905 C CE2 . TYR B 1 67 ? 0.470   17.161  -4.584  1.00 9.74  ? 66 TYR B CE2 1 
ATOM 906 C CZ  . TYR B 1 67 ? 1.689   17.045  -3.998  1.00 9.73  ? 66 TYR B CZ  1 
ATOM 907 O OH  . TYR B 1 67 ? 1.969   17.845  -2.951  1.00 13.14 ? 66 TYR B OH  1 
ATOM 908 N N   . LEU B 1 68 ? 2.849   12.438  -7.271  1.00 11.02 ? 67 LEU B N   1 
ATOM 909 C CA  . LEU B 1 68 ? 4.199   12.023  -6.958  1.00 12.86 ? 67 LEU B CA  1 
ATOM 910 C C   . LEU B 1 68 ? 5.205   13.087  -7.391  1.00 14.30 ? 67 LEU B C   1 
ATOM 911 O O   . LEU B 1 68 ? 5.153   13.608  -8.476  1.00 14.15 ? 67 LEU B O   1 
ATOM 912 C CB  . LEU B 1 68 ? 4.507   10.720  -7.686  1.00 12.82 ? 67 LEU B CB  1 
ATOM 913 C CG  . LEU B 1 68 ? 5.998   10.377  -7.669  1.00 13.56 ? 67 LEU B CG  1 
ATOM 914 C CD1 . LEU B 1 68 ? 6.214   8.899   -7.707  1.00 17.60 ? 67 LEU B CD1 1 
ATOM 915 C CD2 . LEU B 1 68 ? 6.674   10.973  -8.819  1.00 14.15 ? 67 LEU B CD2 1 
ATOM 916 N N   . GLN B 1 69 ? 6.148   13.401  -6.525  1.00 17.35 ? 68 GLN B N   1 
ATOM 917 C CA  . GLN B 1 69 ? 7.281   14.227  -6.907  1.00 18.91 ? 68 GLN B CA  1 
ATOM 918 C C   . GLN B 1 69 ? 8.654   13.679  -6.488  1.00 19.97 ? 68 GLN B C   1 
ATOM 919 O O   . GLN B 1 69 ? 8.898   13.396  -5.319  1.00 19.65 ? 68 GLN B O   1 
ATOM 920 C CB  . GLN B 1 69 ? 7.168   15.593  -6.277  1.00 19.60 ? 68 GLN B CB  1 
ATOM 921 C CG  . GLN B 1 69 ? 5.804   16.155  -5.982  1.00 21.28 ? 68 GLN B CG  1 
ATOM 922 C CD  . GLN B 1 69 ? 5.906   17.645  -5.698  1.00 22.39 ? 68 GLN B CD  1 
ATOM 923 O OE1 . GLN B 1 69 ? 6.909   18.113  -5.226  1.00 20.82 ? 68 GLN B OE1 1 
ATOM 924 N NE2 . GLN B 1 69 ? 4.866   18.380  -5.995  1.00 26.35 ? 68 GLN B NE2 1 
ATOM 925 N N   . PRO B 1 70 ? 9.576   13.581  -7.449  1.00 21.36 ? 69 PRO B N   1 
ATOM 926 C CA  . PRO B 1 70 ? 11.000  13.576  -7.064  1.00 21.91 ? 69 PRO B CA  1 
ATOM 927 C C   . PRO B 1 70 ? 11.406  14.833  -6.229  1.00 22.26 ? 69 PRO B C   1 
ATOM 928 O O   . PRO B 1 70 ? 11.003  15.954  -6.522  1.00 21.05 ? 69 PRO B O   1 
ATOM 929 C CB  . PRO B 1 70 ? 11.715  13.589  -8.406  1.00 21.84 ? 69 PRO B CB  1 
ATOM 930 C CG  . PRO B 1 70 ? 10.735  13.074  -9.404  1.00 22.79 ? 69 PRO B CG  1 
ATOM 931 C CD  . PRO B 1 70 ? 9.348   13.173  -8.846  1.00 21.12 ? 69 PRO B CD  1 
ATOM 932 N N   . LYS B 1 71 ? 12.225  14.617  -5.209  1.00 23.70 ? 70 LYS B N   1 
ATOM 933 C CA  . LYS B 1 71 ? 12.602  15.666  -4.254  1.00 25.04 ? 70 LYS B CA  1 
ATOM 934 C C   . LYS B 1 71 ? 13.937  16.410  -4.574  1.00 25.21 ? 70 LYS B C   1 
ATOM 935 O O   . LYS B 1 71 ? 14.096  17.641  -4.428  1.00 24.34 ? 70 LYS B O   1 
ATOM 936 C CB  . LYS B 1 71 ? 12.639  15.058  -2.842  1.00 25.67 ? 70 LYS B CB  1 
ATOM 937 C CG  . LYS B 1 71 ? 11.292  14.606  -2.290  1.00 26.69 ? 70 LYS B CG  1 
ATOM 938 C CD  . LYS B 1 71 ? 11.430  14.383  -0.763  1.00 31.18 ? 70 LYS B CD  1 
ATOM 939 C CE  . LYS B 1 71 ? 10.088  14.297  -0.018  1.00 32.70 ? 70 LYS B CE  1 
ATOM 940 N NZ  . LYS B 1 71 ? 9.606   15.591  0.554   1.00 32.99 ? 70 LYS B NZ  1 
# 
loop_
_pdbx_poly_seq_scheme.asym_id 
_pdbx_poly_seq_scheme.entity_id 
_pdbx_poly_seq_scheme.seq_id 
_pdbx_poly_seq_scheme.mon_id 
_pdbx_poly_seq_scheme.ndb_seq_num 
_pdbx_poly_seq_scheme.pdb_seq_num 
_pdbx_poly_seq_scheme.auth_seq_num 
_pdbx_poly_seq_scheme.pdb_mon_id 
_pdbx_poly_seq_scheme.auth_mon_id 
_pdbx_poly_seq_scheme.pdb_strand_id 
_pdbx_poly_seq_scheme.pdb_ins_code 
_pdbx_poly_seq_scheme.hetero 
A 1 1  MET 1  0  ?  ?   ?   A . n 
A 1 2  ALA 2  1  ?  ?   ?   A . n 
A 1 3  ILE 3  2  ?  ?   ?   A . n 
A 1 4  THR 4  3  ?  ?   ?   A . n 
A 1 5  GLU 5  4  ?  ?   ?   A . n 
A 1 6  PHE 6  5  ?  ?   ?   A . n 
A 1 7  ASP 7  6  ?  ?   ?   A . n 
A 1 8  THR 8  7  ?  ?   ?   A . n 
A 1 9  SER 9  8  8  SER SER A . n 
A 1 10 LEU 10 9  9  LEU LEU A . n 
A 1 11 PRO 11 10 10 PRO PRO A . n 
A 1 12 SER 12 11 11 SER SER A . n 
A 1 13 ILE 13 12 12 ILE ILE A . n 
A 1 14 ARG 14 13 13 ARG ARG A . n 
A 1 15 GLN 15 14 14 GLN GLN A . n 
A 1 16 LEU 16 15 15 LEU LEU A . n 
A 1 17 GLN 17 16 16 GLN GLN A . n 
A 1 18 ASN 18 17 17 ASN ASN A . n 
A 1 19 LEU 19 18 18 LEU LEU A . n 
A 1 20 ILE 20 19 19 ILE ILE A . n 
A 1 21 LYS 21 20 20 LYS LYS A . n 
A 1 22 GLN 22 21 21 GLN GLN A . n 
A 1 23 ALA 23 22 22 ALA ALA A . n 
A 1 24 ALA 24 23 23 ALA ALA A . n 
A 1 25 PRO 25 24 24 PRO PRO A . n 
A 1 26 VAL 26 25 25 VAL VAL A . n 
A 1 27 GLU 27 26 26 GLU GLU A . n 
A 1 28 ILE 28 27 27 ILE ILE A . n 
A 1 29 LYS 29 28 28 LYS LYS A . n 
A 1 30 LEU 30 29 29 LEU LEU A . n 
A 1 31 VAL 31 30 30 VAL VAL A . n 
A 1 32 THR 32 31 31 THR THR A . n 
A 1 33 GLY 33 32 32 GLY GLY A . n 
A 1 34 ASP 34 33 33 ASP ASP A . n 
A 1 35 ALA 35 34 34 ALA ALA A . n 
A 1 36 ILE 36 35 35 ILE ILE A . n 
A 1 37 THR 37 36 36 THR THR A . n 
A 1 38 GLY 38 37 37 GLY GLY A . n 
A 1 39 ARG 39 38 38 ARG ARG A . n 
A 1 40 VAL 40 39 39 VAL VAL A . n 
A 1 41 LEU 41 40 40 LEU LEU A . n 
A 1 42 TRP 42 41 41 TRP TRP A . n 
A 1 43 GLN 43 42 42 GLN GLN A . n 
A 1 44 ASP 44 43 43 ASP ASP A . n 
A 1 45 PRO 45 44 44 PRO PRO A . n 
A 1 46 THR 46 45 45 THR THR A . n 
A 1 47 CYS 47 46 46 CYS CYS A . n 
A 1 48 VAL 48 47 47 VAL VAL A . n 
A 1 49 CYS 49 48 48 CYS CYS A . n 
A 1 50 ILE 50 49 49 ILE ILE A . n 
A 1 51 ALA 51 50 50 ALA ALA A . n 
A 1 52 ASP 52 51 51 ASP ASP A . n 
A 1 53 GLU 53 52 ?  ?   ?   A . n 
A 1 54 ASN 54 53 ?  ?   ?   A . n 
A 1 55 SER 55 54 ?  ?   ?   A . n 
A 1 56 ARG 56 55 55 ARG ARG A . n 
A 1 57 GLN 57 56 56 GLN GLN A . n 
A 1 58 THR 58 57 57 THR THR A . n 
A 1 59 THR 59 58 58 THR THR A . n 
A 1 60 ILE 60 59 59 ILE ILE A . n 
A 1 61 TRP 61 60 60 TRP TRP A . n 
A 1 62 LYS 62 61 61 LYS LYS A . n 
A 1 63 GLN 63 62 62 GLN GLN A . n 
A 1 64 ALA 64 63 63 ALA ALA A . n 
A 1 65 ILE 65 64 64 ILE ILE A . n 
A 1 66 ALA 66 65 65 ALA ALA A . n 
A 1 67 TYR 67 66 66 TYR TYR A . n 
A 1 68 LEU 68 67 67 LEU LEU A . n 
A 1 69 GLN 69 68 68 GLN GLN A . n 
A 1 70 PRO 70 69 69 PRO PRO A . n 
A 1 71 LYS 71 70 70 LYS LYS A . n 
A 1 72 GLY 72 71 ?  ?   ?   A . n 
B 1 1  MET 1  0  ?  ?   ?   B . n 
B 1 2  ALA 2  1  ?  ?   ?   B . n 
B 1 3  ILE 3  2  ?  ?   ?   B . n 
B 1 4  THR 4  3  ?  ?   ?   B . n 
B 1 5  GLU 5  4  ?  ?   ?   B . n 
B 1 6  PHE 6  5  ?  ?   ?   B . n 
B 1 7  ASP 7  6  ?  ?   ?   B . n 
B 1 8  THR 8  7  ?  ?   ?   B . n 
B 1 9  SER 9  8  8  SER SER B . n 
B 1 10 LEU 10 9  9  LEU LEU B . n 
B 1 11 PRO 11 10 10 PRO PRO B . n 
B 1 12 SER 12 11 11 SER SER B . n 
B 1 13 ILE 13 12 12 ILE ILE B . n 
B 1 14 ARG 14 13 13 ARG ARG B . n 
B 1 15 GLN 15 14 14 GLN GLN B . n 
B 1 16 LEU 16 15 15 LEU LEU B . n 
B 1 17 GLN 17 16 16 GLN GLN B . n 
B 1 18 ASN 18 17 17 ASN ASN B . n 
B 1 19 LEU 19 18 18 LEU LEU B . n 
B 1 20 ILE 20 19 19 ILE ILE B . n 
B 1 21 LYS 21 20 20 LYS LYS B . n 
B 1 22 GLN 22 21 21 GLN GLN B . n 
B 1 23 ALA 23 22 22 ALA ALA B . n 
B 1 24 ALA 24 23 23 ALA ALA B . n 
B 1 25 PRO 25 24 24 PRO PRO B . n 
B 1 26 VAL 26 25 25 VAL VAL B . n 
B 1 27 GLU 27 26 26 GLU GLU B . n 
B 1 28 ILE 28 27 27 ILE ILE B . n 
B 1 29 LYS 29 28 28 LYS LYS B . n 
B 1 30 LEU 30 29 29 LEU LEU B . n 
B 1 31 VAL 31 30 30 VAL VAL B . n 
B 1 32 THR 32 31 31 THR THR B . n 
B 1 33 GLY 33 32 32 GLY GLY B . n 
B 1 34 ASP 34 33 33 ASP ASP B . n 
B 1 35 ALA 35 34 34 ALA ALA B . n 
B 1 36 ILE 36 35 35 ILE ILE B . n 
B 1 37 THR 37 36 36 THR THR B . n 
B 1 38 GLY 38 37 37 GLY GLY B . n 
B 1 39 ARG 39 38 38 ARG ARG B . n 
B 1 40 VAL 40 39 39 VAL VAL B . n 
B 1 41 LEU 41 40 40 LEU LEU B . n 
B 1 42 TRP 42 41 41 TRP TRP B . n 
B 1 43 GLN 43 42 42 GLN GLN B . n 
B 1 44 ASP 44 43 43 ASP ASP B . n 
B 1 45 PRO 45 44 44 PRO PRO B . n 
B 1 46 THR 46 45 45 THR THR B . n 
B 1 47 CYS 47 46 46 CYS CYS B . n 
B 1 48 VAL 48 47 47 VAL VAL B . n 
B 1 49 CYS 49 48 48 CYS CYS B . n 
B 1 50 ILE 50 49 49 ILE ILE B . n 
B 1 51 ALA 51 50 50 ALA ALA B . n 
B 1 52 ASP 52 51 51 ASP ASP B . n 
B 1 53 GLU 53 52 ?  ?   ?   B . n 
B 1 54 ASN 54 53 ?  ?   ?   B . n 
B 1 55 SER 55 54 ?  ?   ?   B . n 
B 1 56 ARG 56 55 55 ARG ARG B . n 
B 1 57 GLN 57 56 56 GLN GLN B . n 
B 1 58 THR 58 57 57 THR THR B . n 
B 1 59 THR 59 58 58 THR THR B . n 
B 1 60 ILE 60 59 59 ILE ILE B . n 
B 1 61 TRP 61 60 60 TRP TRP B . n 
B 1 62 LYS 62 61 61 LYS LYS B . n 
B 1 63 GLN 63 62 62 GLN GLN B . n 
B 1 64 ALA 64 63 63 ALA ALA B . n 
B 1 65 ILE 65 64 64 ILE ILE B . n 
B 1 66 ALA 66 65 65 ALA ALA B . n 
B 1 67 TYR 67 66 66 TYR TYR B . n 
B 1 68 LEU 68 67 67 LEU LEU B . n 
B 1 69 GLN 69 68 68 GLN GLN B . n 
B 1 70 PRO 70 69 69 PRO PRO B . n 
B 1 71 LYS 71 70 70 LYS LYS B . n 
B 1 72 GLY 72 71 ?  ?   ?   B . n 
# 
_pdbx_struct_assembly.id                   1 
_pdbx_struct_assembly.details              author_and_software_defined_assembly 
_pdbx_struct_assembly.method_details       PISA 
_pdbx_struct_assembly.oligomeric_details   hexameric 
_pdbx_struct_assembly.oligomeric_count     6 
# 
_pdbx_struct_assembly_gen.assembly_id       1 
_pdbx_struct_assembly_gen.oper_expression   1,2,3 
_pdbx_struct_assembly_gen.asym_id_list      A,B 
# 
loop_
_pdbx_struct_assembly_prop.biol_id 
_pdbx_struct_assembly_prop.type 
_pdbx_struct_assembly_prop.value 
_pdbx_struct_assembly_prop.details 
1 'ABSA (A^2)' 8730  ? 
1 MORE         -31   ? 
1 'SSA (A^2)'  16100 ? 
# 
loop_
_pdbx_struct_oper_list.id 
_pdbx_struct_oper_list.type 
_pdbx_struct_oper_list.name 
_pdbx_struct_oper_list.symmetry_operation 
_pdbx_struct_oper_list.matrix[1][1] 
_pdbx_struct_oper_list.matrix[1][2] 
_pdbx_struct_oper_list.matrix[1][3] 
_pdbx_struct_oper_list.vector[1] 
_pdbx_struct_oper_list.matrix[2][1] 
_pdbx_struct_oper_list.matrix[2][2] 
_pdbx_struct_oper_list.matrix[2][3] 
_pdbx_struct_oper_list.vector[2] 
_pdbx_struct_oper_list.matrix[3][1] 
_pdbx_struct_oper_list.matrix[3][2] 
_pdbx_struct_oper_list.matrix[3][3] 
_pdbx_struct_oper_list.vector[3] 
1 'identity operation'         1_555 x,y,z       1.0000000000  0.0000000000  0.0000000000  0.0000000000   0.0000000000  1.0000000000 0.0000000000 0.0000000000  0.0000000000  0.0000000000 1.0000000000 0.0000000000   
2 'crystal symmetry operation' 2_545 -y,x-y-1,z  -0.4999999785 0.6512651107  -0.5708360334 -28.1108985321 -0.6515015305 0.1513995178 0.7433868049 2.0457977954  0.5705661900  0.7435939360 0.3486004607 -1.7968688465  
3 'crystal symmetry operation' 3_655 -x+y+1,-x,z -0.4999999785 -0.6515015305 0.5705661900  -11.6973756570 0.6512651107  0.1513995178 0.7435939360 19.3340554220 -0.5708360334 0.7433868049 0.3486004607 -16.9411435930 
# 
loop_
_pdbx_audit_revision_history.ordinal 
_pdbx_audit_revision_history.data_content_type 
_pdbx_audit_revision_history.major_revision 
_pdbx_audit_revision_history.minor_revision 
_pdbx_audit_revision_history.revision_date 
1 'Structure model' 1 0 2009-07-14 
2 'Structure model' 1 1 2011-07-13 
3 'Structure model' 1 2 2012-03-21 
4 'Structure model' 1 3 2023-09-06 
# 
_pdbx_audit_revision_details.ordinal             1 
_pdbx_audit_revision_details.revision_ordinal    1 
_pdbx_audit_revision_details.data_content_type   'Structure model' 
_pdbx_audit_revision_details.provider            repository 
_pdbx_audit_revision_details.type                'Initial release' 
_pdbx_audit_revision_details.description         ? 
_pdbx_audit_revision_details.details             ? 
# 
loop_
_pdbx_audit_revision_group.ordinal 
_pdbx_audit_revision_group.revision_ordinal 
_pdbx_audit_revision_group.data_content_type 
_pdbx_audit_revision_group.group 
1 2 'Structure model' 'Source and taxonomy'       
2 2 'Structure model' 'Version format compliance' 
3 3 'Structure model' 'Database references'       
4 4 'Structure model' 'Data collection'           
5 4 'Structure model' 'Database references'       
6 4 'Structure model' 'Derived calculations'      
7 4 'Structure model' 'Refinement description'    
# 
loop_
_pdbx_audit_revision_category.ordinal 
_pdbx_audit_revision_category.revision_ordinal 
_pdbx_audit_revision_category.data_content_type 
_pdbx_audit_revision_category.category 
1 4 'Structure model' chem_comp_atom                
2 4 'Structure model' chem_comp_bond                
3 4 'Structure model' database_2                    
4 4 'Structure model' pdbx_initial_refinement_model 
5 4 'Structure model' struct_ncs_dom_lim            
6 4 'Structure model' struct_sheet                  
# 
loop_
_pdbx_audit_revision_item.ordinal 
_pdbx_audit_revision_item.revision_ordinal 
_pdbx_audit_revision_item.data_content_type 
_pdbx_audit_revision_item.item 
1  4 'Structure model' '_database_2.pdbx_DOI'                  
2  4 'Structure model' '_database_2.pdbx_database_accession'   
3  4 'Structure model' '_struct_ncs_dom_lim.beg_auth_comp_id'  
4  4 'Structure model' '_struct_ncs_dom_lim.beg_label_asym_id' 
5  4 'Structure model' '_struct_ncs_dom_lim.beg_label_comp_id' 
6  4 'Structure model' '_struct_ncs_dom_lim.beg_label_seq_id'  
7  4 'Structure model' '_struct_ncs_dom_lim.end_auth_comp_id'  
8  4 'Structure model' '_struct_ncs_dom_lim.end_label_asym_id' 
9  4 'Structure model' '_struct_ncs_dom_lim.end_label_comp_id' 
10 4 'Structure model' '_struct_ncs_dom_lim.end_label_seq_id'  
11 4 'Structure model' '_struct_sheet.number_strands'          
# 
_pdbx_phasing_MR.entry_id                     3HFN 
_pdbx_phasing_MR.method_rotation              ? 
_pdbx_phasing_MR.method_translation           ? 
_pdbx_phasing_MR.model_details                ? 
_pdbx_phasing_MR.R_factor                     50.510 
_pdbx_phasing_MR.R_rigid_body                 ? 
_pdbx_phasing_MR.correlation_coeff_Fo_to_Fc   ? 
_pdbx_phasing_MR.correlation_coeff_Io_to_Ic   ? 
_pdbx_phasing_MR.d_res_high_rotation          2.200 
_pdbx_phasing_MR.d_res_low_rotation           30.290 
_pdbx_phasing_MR.d_res_high_translation       2.200 
_pdbx_phasing_MR.d_res_low_translation        30.290 
_pdbx_phasing_MR.packing                      ? 
_pdbx_phasing_MR.reflns_percent_rotation      ? 
_pdbx_phasing_MR.reflns_percent_translation   ? 
_pdbx_phasing_MR.sigma_F_rotation             ? 
_pdbx_phasing_MR.sigma_F_translation          ? 
_pdbx_phasing_MR.sigma_I_rotation             ? 
_pdbx_phasing_MR.sigma_I_translation          ? 
# 
_phasing.method   MR 
# 
loop_
_software.pdbx_ordinal 
_software.name 
_software.version 
_software.date 
_software.type 
_software.contact_author 
_software.contact_author_email 
_software.classification 
_software.location 
_software.language 
_software.citation_id 
1 XSCALE      .     ?                          package 'Wolfgang Kabsch'    ?                           'data scaling'    
http://www.mpimf-heidelberg.mpg.de/~kabsch/xds/html_doc/xscale_program.html ?          ? 
2 PHASER      2.1.1 'Tue Nov 20 13:06:04 2007' program 'Randy J. Read'      cimr-phaser@lists.cam.ac.uk phasing           
http://www-structmed.cimr.cam.ac.uk/phaser/                                 ?          ? 
3 REFMAC      .     ?                          program 'Garib N. Murshudov' garib@ysbl.york.ac.uk       refinement        
http://www.ccp4.ac.uk/dist/html/refmac5.html                                Fortran_77 ? 
4 PDB_EXTRACT 3.005 'June 11, 2008'            package PDB                  help@deposit.rcsb.org       'data extraction' 
http://sw-tools.pdb.org/apps/PDB_EXTRACT/                                   C++        ? 
5 XDS         .     ?                          ?       ?                    ?                           'data scaling'    ? ? ? 
6 XDS         .     ?                          ?       ?                    ?                           'data reduction'  ? ? ? 
# 
_pdbx_validate_close_contact.id               1 
_pdbx_validate_close_contact.PDB_model_num    1 
_pdbx_validate_close_contact.auth_atom_id_1   O 
_pdbx_validate_close_contact.auth_asym_id_1   A 
_pdbx_validate_close_contact.auth_comp_id_1   TRP 
_pdbx_validate_close_contact.auth_seq_id_1    60 
_pdbx_validate_close_contact.PDB_ins_code_1   ? 
_pdbx_validate_close_contact.label_alt_id_1   ? 
_pdbx_validate_close_contact.auth_atom_id_2   N 
_pdbx_validate_close_contact.auth_asym_id_2   A 
_pdbx_validate_close_contact.auth_comp_id_2   GLN 
_pdbx_validate_close_contact.auth_seq_id_2    62 
_pdbx_validate_close_contact.PDB_ins_code_2   ? 
_pdbx_validate_close_contact.label_alt_id_2   ? 
_pdbx_validate_close_contact.dist             2.06 
# 
loop_
_pdbx_validate_rmsd_angle.id 
_pdbx_validate_rmsd_angle.PDB_model_num 
_pdbx_validate_rmsd_angle.auth_atom_id_1 
_pdbx_validate_rmsd_angle.auth_asym_id_1 
_pdbx_validate_rmsd_angle.auth_comp_id_1 
_pdbx_validate_rmsd_angle.auth_seq_id_1 
_pdbx_validate_rmsd_angle.PDB_ins_code_1 
_pdbx_validate_rmsd_angle.label_alt_id_1 
_pdbx_validate_rmsd_angle.auth_atom_id_2 
_pdbx_validate_rmsd_angle.auth_asym_id_2 
_pdbx_validate_rmsd_angle.auth_comp_id_2 
_pdbx_validate_rmsd_angle.auth_seq_id_2 
_pdbx_validate_rmsd_angle.PDB_ins_code_2 
_pdbx_validate_rmsd_angle.label_alt_id_2 
_pdbx_validate_rmsd_angle.auth_atom_id_3 
_pdbx_validate_rmsd_angle.auth_asym_id_3 
_pdbx_validate_rmsd_angle.auth_comp_id_3 
_pdbx_validate_rmsd_angle.auth_seq_id_3 
_pdbx_validate_rmsd_angle.PDB_ins_code_3 
_pdbx_validate_rmsd_angle.label_alt_id_3 
_pdbx_validate_rmsd_angle.angle_value 
_pdbx_validate_rmsd_angle.angle_target_value 
_pdbx_validate_rmsd_angle.angle_deviation 
_pdbx_validate_rmsd_angle.angle_standard_deviation 
_pdbx_validate_rmsd_angle.linker_flag 
1 1 CB A ALA 23 ? ? CA A ALA 23 ? ? C   A ALA 23 ? ? 96.18  110.10 -13.92 1.50 N 
2 1 CA A LEU 40 ? ? CB A LEU 40 ? ? CG  A LEU 40 ? ? 137.03 115.30 21.73  2.30 N 
3 1 CA A CYS 46 ? ? CB A CYS 46 ? ? SG  A CYS 46 ? ? 123.70 114.20 9.50   1.10 N 
4 1 CB A ASP 51 ? ? CG A ASP 51 ? ? OD1 A ASP 51 ? ? 124.51 118.30 6.21   0.90 N 
# 
loop_
_pdbx_validate_torsion.id 
_pdbx_validate_torsion.PDB_model_num 
_pdbx_validate_torsion.auth_comp_id 
_pdbx_validate_torsion.auth_asym_id 
_pdbx_validate_torsion.auth_seq_id 
_pdbx_validate_torsion.PDB_ins_code 
_pdbx_validate_torsion.label_alt_id 
_pdbx_validate_torsion.phi 
_pdbx_validate_torsion.psi 
1 1 ALA A 22 ? ? 68.45  -7.10   
2 1 ASP A 43 ? ? 176.17 -170.41 
3 1 LYS A 61 ? ? -59.89 -1.09   
# 
loop_
_pdbx_unobs_or_zero_occ_residues.id 
_pdbx_unobs_or_zero_occ_residues.PDB_model_num 
_pdbx_unobs_or_zero_occ_residues.polymer_flag 
_pdbx_unobs_or_zero_occ_residues.occupancy_flag 
_pdbx_unobs_or_zero_occ_residues.auth_asym_id 
_pdbx_unobs_or_zero_occ_residues.auth_comp_id 
_pdbx_unobs_or_zero_occ_residues.auth_seq_id 
_pdbx_unobs_or_zero_occ_residues.PDB_ins_code 
_pdbx_unobs_or_zero_occ_residues.label_asym_id 
_pdbx_unobs_or_zero_occ_residues.label_comp_id 
_pdbx_unobs_or_zero_occ_residues.label_seq_id 
1  1 Y 1 A MET 0  ? A MET 1  
2  1 Y 1 A ALA 1  ? A ALA 2  
3  1 Y 1 A ILE 2  ? A ILE 3  
4  1 Y 1 A THR 3  ? A THR 4  
5  1 Y 1 A GLU 4  ? A GLU 5  
6  1 Y 1 A PHE 5  ? A PHE 6  
7  1 Y 1 A ASP 6  ? A ASP 7  
8  1 Y 1 A THR 7  ? A THR 8  
9  1 Y 1 A GLU 52 ? A GLU 53 
10 1 Y 1 A ASN 53 ? A ASN 54 
11 1 Y 1 A SER 54 ? A SER 55 
12 1 Y 1 A GLY 71 ? A GLY 72 
13 1 Y 1 B MET 0  ? B MET 1  
14 1 Y 1 B ALA 1  ? B ALA 2  
15 1 Y 1 B ILE 2  ? B ILE 3  
16 1 Y 1 B THR 3  ? B THR 4  
17 1 Y 1 B GLU 4  ? B GLU 5  
18 1 Y 1 B PHE 5  ? B PHE 6  
19 1 Y 1 B ASP 6  ? B ASP 7  
20 1 Y 1 B THR 7  ? B THR 8  
21 1 Y 1 B GLU 52 ? B GLU 53 
22 1 Y 1 B ASN 53 ? B ASN 54 
23 1 Y 1 B SER 54 ? B SER 55 
24 1 Y 1 B GLY 71 ? B GLY 72 
# 
loop_
_chem_comp_atom.comp_id 
_chem_comp_atom.atom_id 
_chem_comp_atom.type_symbol 
_chem_comp_atom.pdbx_aromatic_flag 
_chem_comp_atom.pdbx_stereo_config 
_chem_comp_atom.pdbx_ordinal 
ALA N    N N N 1   
ALA CA   C N S 2   
ALA C    C N N 3   
ALA O    O N N 4   
ALA CB   C N N 5   
ALA OXT  O N N 6   
ALA H    H N N 7   
ALA H2   H N N 8   
ALA HA   H N N 9   
ALA HB1  H N N 10  
ALA HB2  H N N 11  
ALA HB3  H N N 12  
ALA HXT  H N N 13  
ARG N    N N N 14  
ARG CA   C N S 15  
ARG C    C N N 16  
ARG O    O N N 17  
ARG CB   C N N 18  
ARG CG   C N N 19  
ARG CD   C N N 20  
ARG NE   N N N 21  
ARG CZ   C N N 22  
ARG NH1  N N N 23  
ARG NH2  N N N 24  
ARG OXT  O N N 25  
ARG H    H N N 26  
ARG H2   H N N 27  
ARG HA   H N N 28  
ARG HB2  H N N 29  
ARG HB3  H N N 30  
ARG HG2  H N N 31  
ARG HG3  H N N 32  
ARG HD2  H N N 33  
ARG HD3  H N N 34  
ARG HE   H N N 35  
ARG HH11 H N N 36  
ARG HH12 H N N 37  
ARG HH21 H N N 38  
ARG HH22 H N N 39  
ARG HXT  H N N 40  
ASN N    N N N 41  
ASN CA   C N S 42  
ASN C    C N N 43  
ASN O    O N N 44  
ASN CB   C N N 45  
ASN CG   C N N 46  
ASN OD1  O N N 47  
ASN ND2  N N N 48  
ASN OXT  O N N 49  
ASN H    H N N 50  
ASN H2   H N N 51  
ASN HA   H N N 52  
ASN HB2  H N N 53  
ASN HB3  H N N 54  
ASN HD21 H N N 55  
ASN HD22 H N N 56  
ASN HXT  H N N 57  
ASP N    N N N 58  
ASP CA   C N S 59  
ASP C    C N N 60  
ASP O    O N N 61  
ASP CB   C N N 62  
ASP CG   C N N 63  
ASP OD1  O N N 64  
ASP OD2  O N N 65  
ASP OXT  O N N 66  
ASP H    H N N 67  
ASP H2   H N N 68  
ASP HA   H N N 69  
ASP HB2  H N N 70  
ASP HB3  H N N 71  
ASP HD2  H N N 72  
ASP HXT  H N N 73  
CYS N    N N N 74  
CYS CA   C N R 75  
CYS C    C N N 76  
CYS O    O N N 77  
CYS CB   C N N 78  
CYS SG   S N N 79  
CYS OXT  O N N 80  
CYS H    H N N 81  
CYS H2   H N N 82  
CYS HA   H N N 83  
CYS HB2  H N N 84  
CYS HB3  H N N 85  
CYS HG   H N N 86  
CYS HXT  H N N 87  
GLN N    N N N 88  
GLN CA   C N S 89  
GLN C    C N N 90  
GLN O    O N N 91  
GLN CB   C N N 92  
GLN CG   C N N 93  
GLN CD   C N N 94  
GLN OE1  O N N 95  
GLN NE2  N N N 96  
GLN OXT  O N N 97  
GLN H    H N N 98  
GLN H2   H N N 99  
GLN HA   H N N 100 
GLN HB2  H N N 101 
GLN HB3  H N N 102 
GLN HG2  H N N 103 
GLN HG3  H N N 104 
GLN HE21 H N N 105 
GLN HE22 H N N 106 
GLN HXT  H N N 107 
GLU N    N N N 108 
GLU CA   C N S 109 
GLU C    C N N 110 
GLU O    O N N 111 
GLU CB   C N N 112 
GLU CG   C N N 113 
GLU CD   C N N 114 
GLU OE1  O N N 115 
GLU OE2  O N N 116 
GLU OXT  O N N 117 
GLU H    H N N 118 
GLU H2   H N N 119 
GLU HA   H N N 120 
GLU HB2  H N N 121 
GLU HB3  H N N 122 
GLU HG2  H N N 123 
GLU HG3  H N N 124 
GLU HE2  H N N 125 
GLU HXT  H N N 126 
GLY N    N N N 127 
GLY CA   C N N 128 
GLY C    C N N 129 
GLY O    O N N 130 
GLY OXT  O N N 131 
GLY H    H N N 132 
GLY H2   H N N 133 
GLY HA2  H N N 134 
GLY HA3  H N N 135 
GLY HXT  H N N 136 
ILE N    N N N 137 
ILE CA   C N S 138 
ILE C    C N N 139 
ILE O    O N N 140 
ILE CB   C N S 141 
ILE CG1  C N N 142 
ILE CG2  C N N 143 
ILE CD1  C N N 144 
ILE OXT  O N N 145 
ILE H    H N N 146 
ILE H2   H N N 147 
ILE HA   H N N 148 
ILE HB   H N N 149 
ILE HG12 H N N 150 
ILE HG13 H N N 151 
ILE HG21 H N N 152 
ILE HG22 H N N 153 
ILE HG23 H N N 154 
ILE HD11 H N N 155 
ILE HD12 H N N 156 
ILE HD13 H N N 157 
ILE HXT  H N N 158 
LEU N    N N N 159 
LEU CA   C N S 160 
LEU C    C N N 161 
LEU O    O N N 162 
LEU CB   C N N 163 
LEU CG   C N N 164 
LEU CD1  C N N 165 
LEU CD2  C N N 166 
LEU OXT  O N N 167 
LEU H    H N N 168 
LEU H2   H N N 169 
LEU HA   H N N 170 
LEU HB2  H N N 171 
LEU HB3  H N N 172 
LEU HG   H N N 173 
LEU HD11 H N N 174 
LEU HD12 H N N 175 
LEU HD13 H N N 176 
LEU HD21 H N N 177 
LEU HD22 H N N 178 
LEU HD23 H N N 179 
LEU HXT  H N N 180 
LYS N    N N N 181 
LYS CA   C N S 182 
LYS C    C N N 183 
LYS O    O N N 184 
LYS CB   C N N 185 
LYS CG   C N N 186 
LYS CD   C N N 187 
LYS CE   C N N 188 
LYS NZ   N N N 189 
LYS OXT  O N N 190 
LYS H    H N N 191 
LYS H2   H N N 192 
LYS HA   H N N 193 
LYS HB2  H N N 194 
LYS HB3  H N N 195 
LYS HG2  H N N 196 
LYS HG3  H N N 197 
LYS HD2  H N N 198 
LYS HD3  H N N 199 
LYS HE2  H N N 200 
LYS HE3  H N N 201 
LYS HZ1  H N N 202 
LYS HZ2  H N N 203 
LYS HZ3  H N N 204 
LYS HXT  H N N 205 
MET N    N N N 206 
MET CA   C N S 207 
MET C    C N N 208 
MET O    O N N 209 
MET CB   C N N 210 
MET CG   C N N 211 
MET SD   S N N 212 
MET CE   C N N 213 
MET OXT  O N N 214 
MET H    H N N 215 
MET H2   H N N 216 
MET HA   H N N 217 
MET HB2  H N N 218 
MET HB3  H N N 219 
MET HG2  H N N 220 
MET HG3  H N N 221 
MET HE1  H N N 222 
MET HE2  H N N 223 
MET HE3  H N N 224 
MET HXT  H N N 225 
PHE N    N N N 226 
PHE CA   C N S 227 
PHE C    C N N 228 
PHE O    O N N 229 
PHE CB   C N N 230 
PHE CG   C Y N 231 
PHE CD1  C Y N 232 
PHE CD2  C Y N 233 
PHE CE1  C Y N 234 
PHE CE2  C Y N 235 
PHE CZ   C Y N 236 
PHE OXT  O N N 237 
PHE H    H N N 238 
PHE H2   H N N 239 
PHE HA   H N N 240 
PHE HB2  H N N 241 
PHE HB3  H N N 242 
PHE HD1  H N N 243 
PHE HD2  H N N 244 
PHE HE1  H N N 245 
PHE HE2  H N N 246 
PHE HZ   H N N 247 
PHE HXT  H N N 248 
PRO N    N N N 249 
PRO CA   C N S 250 
PRO C    C N N 251 
PRO O    O N N 252 
PRO CB   C N N 253 
PRO CG   C N N 254 
PRO CD   C N N 255 
PRO OXT  O N N 256 
PRO H    H N N 257 
PRO HA   H N N 258 
PRO HB2  H N N 259 
PRO HB3  H N N 260 
PRO HG2  H N N 261 
PRO HG3  H N N 262 
PRO HD2  H N N 263 
PRO HD3  H N N 264 
PRO HXT  H N N 265 
SER N    N N N 266 
SER CA   C N S 267 
SER C    C N N 268 
SER O    O N N 269 
SER CB   C N N 270 
SER OG   O N N 271 
SER OXT  O N N 272 
SER H    H N N 273 
SER H2   H N N 274 
SER HA   H N N 275 
SER HB2  H N N 276 
SER HB3  H N N 277 
SER HG   H N N 278 
SER HXT  H N N 279 
THR N    N N N 280 
THR CA   C N S 281 
THR C    C N N 282 
THR O    O N N 283 
THR CB   C N R 284 
THR OG1  O N N 285 
THR CG2  C N N 286 
THR OXT  O N N 287 
THR H    H N N 288 
THR H2   H N N 289 
THR HA   H N N 290 
THR HB   H N N 291 
THR HG1  H N N 292 
THR HG21 H N N 293 
THR HG22 H N N 294 
THR HG23 H N N 295 
THR HXT  H N N 296 
TRP N    N N N 297 
TRP CA   C N S 298 
TRP C    C N N 299 
TRP O    O N N 300 
TRP CB   C N N 301 
TRP CG   C Y N 302 
TRP CD1  C Y N 303 
TRP CD2  C Y N 304 
TRP NE1  N Y N 305 
TRP CE2  C Y N 306 
TRP CE3  C Y N 307 
TRP CZ2  C Y N 308 
TRP CZ3  C Y N 309 
TRP CH2  C Y N 310 
TRP OXT  O N N 311 
TRP H    H N N 312 
TRP H2   H N N 313 
TRP HA   H N N 314 
TRP HB2  H N N 315 
TRP HB3  H N N 316 
TRP HD1  H N N 317 
TRP HE1  H N N 318 
TRP HE3  H N N 319 
TRP HZ2  H N N 320 
TRP HZ3  H N N 321 
TRP HH2  H N N 322 
TRP HXT  H N N 323 
TYR N    N N N 324 
TYR CA   C N S 325 
TYR C    C N N 326 
TYR O    O N N 327 
TYR CB   C N N 328 
TYR CG   C Y N 329 
TYR CD1  C Y N 330 
TYR CD2  C Y N 331 
TYR CE1  C Y N 332 
TYR CE2  C Y N 333 
TYR CZ   C Y N 334 
TYR OH   O N N 335 
TYR OXT  O N N 336 
TYR H    H N N 337 
TYR H2   H N N 338 
TYR HA   H N N 339 
TYR HB2  H N N 340 
TYR HB3  H N N 341 
TYR HD1  H N N 342 
TYR HD2  H N N 343 
TYR HE1  H N N 344 
TYR HE2  H N N 345 
TYR HH   H N N 346 
TYR HXT  H N N 347 
VAL N    N N N 348 
VAL CA   C N S 349 
VAL C    C N N 350 
VAL O    O N N 351 
VAL CB   C N N 352 
VAL CG1  C N N 353 
VAL CG2  C N N 354 
VAL OXT  O N N 355 
VAL H    H N N 356 
VAL H2   H N N 357 
VAL HA   H N N 358 
VAL HB   H N N 359 
VAL HG11 H N N 360 
VAL HG12 H N N 361 
VAL HG13 H N N 362 
VAL HG21 H N N 363 
VAL HG22 H N N 364 
VAL HG23 H N N 365 
VAL HXT  H N N 366 
# 
loop_
_chem_comp_bond.comp_id 
_chem_comp_bond.atom_id_1 
_chem_comp_bond.atom_id_2 
_chem_comp_bond.value_order 
_chem_comp_bond.pdbx_aromatic_flag 
_chem_comp_bond.pdbx_stereo_config 
_chem_comp_bond.pdbx_ordinal 
ALA N   CA   sing N N 1   
ALA N   H    sing N N 2   
ALA N   H2   sing N N 3   
ALA CA  C    sing N N 4   
ALA CA  CB   sing N N 5   
ALA CA  HA   sing N N 6   
ALA C   O    doub N N 7   
ALA C   OXT  sing N N 8   
ALA CB  HB1  sing N N 9   
ALA CB  HB2  sing N N 10  
ALA CB  HB3  sing N N 11  
ALA OXT HXT  sing N N 12  
ARG N   CA   sing N N 13  
ARG N   H    sing N N 14  
ARG N   H2   sing N N 15  
ARG CA  C    sing N N 16  
ARG CA  CB   sing N N 17  
ARG CA  HA   sing N N 18  
ARG C   O    doub N N 19  
ARG C   OXT  sing N N 20  
ARG CB  CG   sing N N 21  
ARG CB  HB2  sing N N 22  
ARG CB  HB3  sing N N 23  
ARG CG  CD   sing N N 24  
ARG CG  HG2  sing N N 25  
ARG CG  HG3  sing N N 26  
ARG CD  NE   sing N N 27  
ARG CD  HD2  sing N N 28  
ARG CD  HD3  sing N N 29  
ARG NE  CZ   sing N N 30  
ARG NE  HE   sing N N 31  
ARG CZ  NH1  sing N N 32  
ARG CZ  NH2  doub N N 33  
ARG NH1 HH11 sing N N 34  
ARG NH1 HH12 sing N N 35  
ARG NH2 HH21 sing N N 36  
ARG NH2 HH22 sing N N 37  
ARG OXT HXT  sing N N 38  
ASN N   CA   sing N N 39  
ASN N   H    sing N N 40  
ASN N   H2   sing N N 41  
ASN CA  C    sing N N 42  
ASN CA  CB   sing N N 43  
ASN CA  HA   sing N N 44  
ASN C   O    doub N N 45  
ASN C   OXT  sing N N 46  
ASN CB  CG   sing N N 47  
ASN CB  HB2  sing N N 48  
ASN CB  HB3  sing N N 49  
ASN CG  OD1  doub N N 50  
ASN CG  ND2  sing N N 51  
ASN ND2 HD21 sing N N 52  
ASN ND2 HD22 sing N N 53  
ASN OXT HXT  sing N N 54  
ASP N   CA   sing N N 55  
ASP N   H    sing N N 56  
ASP N   H2   sing N N 57  
ASP CA  C    sing N N 58  
ASP CA  CB   sing N N 59  
ASP CA  HA   sing N N 60  
ASP C   O    doub N N 61  
ASP C   OXT  sing N N 62  
ASP CB  CG   sing N N 63  
ASP CB  HB2  sing N N 64  
ASP CB  HB3  sing N N 65  
ASP CG  OD1  doub N N 66  
ASP CG  OD2  sing N N 67  
ASP OD2 HD2  sing N N 68  
ASP OXT HXT  sing N N 69  
CYS N   CA   sing N N 70  
CYS N   H    sing N N 71  
CYS N   H2   sing N N 72  
CYS CA  C    sing N N 73  
CYS CA  CB   sing N N 74  
CYS CA  HA   sing N N 75  
CYS C   O    doub N N 76  
CYS C   OXT  sing N N 77  
CYS CB  SG   sing N N 78  
CYS CB  HB2  sing N N 79  
CYS CB  HB3  sing N N 80  
CYS SG  HG   sing N N 81  
CYS OXT HXT  sing N N 82  
GLN N   CA   sing N N 83  
GLN N   H    sing N N 84  
GLN N   H2   sing N N 85  
GLN CA  C    sing N N 86  
GLN CA  CB   sing N N 87  
GLN CA  HA   sing N N 88  
GLN C   O    doub N N 89  
GLN C   OXT  sing N N 90  
GLN CB  CG   sing N N 91  
GLN CB  HB2  sing N N 92  
GLN CB  HB3  sing N N 93  
GLN CG  CD   sing N N 94  
GLN CG  HG2  sing N N 95  
GLN CG  HG3  sing N N 96  
GLN CD  OE1  doub N N 97  
GLN CD  NE2  sing N N 98  
GLN NE2 HE21 sing N N 99  
GLN NE2 HE22 sing N N 100 
GLN OXT HXT  sing N N 101 
GLU N   CA   sing N N 102 
GLU N   H    sing N N 103 
GLU N   H2   sing N N 104 
GLU CA  C    sing N N 105 
GLU CA  CB   sing N N 106 
GLU CA  HA   sing N N 107 
GLU C   O    doub N N 108 
GLU C   OXT  sing N N 109 
GLU CB  CG   sing N N 110 
GLU CB  HB2  sing N N 111 
GLU CB  HB3  sing N N 112 
GLU CG  CD   sing N N 113 
GLU CG  HG2  sing N N 114 
GLU CG  HG3  sing N N 115 
GLU CD  OE1  doub N N 116 
GLU CD  OE2  sing N N 117 
GLU OE2 HE2  sing N N 118 
GLU OXT HXT  sing N N 119 
GLY N   CA   sing N N 120 
GLY N   H    sing N N 121 
GLY N   H2   sing N N 122 
GLY CA  C    sing N N 123 
GLY CA  HA2  sing N N 124 
GLY CA  HA3  sing N N 125 
GLY C   O    doub N N 126 
GLY C   OXT  sing N N 127 
GLY OXT HXT  sing N N 128 
ILE N   CA   sing N N 129 
ILE N   H    sing N N 130 
ILE N   H2   sing N N 131 
ILE CA  C    sing N N 132 
ILE CA  CB   sing N N 133 
ILE CA  HA   sing N N 134 
ILE C   O    doub N N 135 
ILE C   OXT  sing N N 136 
ILE CB  CG1  sing N N 137 
ILE CB  CG2  sing N N 138 
ILE CB  HB   sing N N 139 
ILE CG1 CD1  sing N N 140 
ILE CG1 HG12 sing N N 141 
ILE CG1 HG13 sing N N 142 
ILE CG2 HG21 sing N N 143 
ILE CG2 HG22 sing N N 144 
ILE CG2 HG23 sing N N 145 
ILE CD1 HD11 sing N N 146 
ILE CD1 HD12 sing N N 147 
ILE CD1 HD13 sing N N 148 
ILE OXT HXT  sing N N 149 
LEU N   CA   sing N N 150 
LEU N   H    sing N N 151 
LEU N   H2   sing N N 152 
LEU CA  C    sing N N 153 
LEU CA  CB   sing N N 154 
LEU CA  HA   sing N N 155 
LEU C   O    doub N N 156 
LEU C   OXT  sing N N 157 
LEU CB  CG   sing N N 158 
LEU CB  HB2  sing N N 159 
LEU CB  HB3  sing N N 160 
LEU CG  CD1  sing N N 161 
LEU CG  CD2  sing N N 162 
LEU CG  HG   sing N N 163 
LEU CD1 HD11 sing N N 164 
LEU CD1 HD12 sing N N 165 
LEU CD1 HD13 sing N N 166 
LEU CD2 HD21 sing N N 167 
LEU CD2 HD22 sing N N 168 
LEU CD2 HD23 sing N N 169 
LEU OXT HXT  sing N N 170 
LYS N   CA   sing N N 171 
LYS N   H    sing N N 172 
LYS N   H2   sing N N 173 
LYS CA  C    sing N N 174 
LYS CA  CB   sing N N 175 
LYS CA  HA   sing N N 176 
LYS C   O    doub N N 177 
LYS C   OXT  sing N N 178 
LYS CB  CG   sing N N 179 
LYS CB  HB2  sing N N 180 
LYS CB  HB3  sing N N 181 
LYS CG  CD   sing N N 182 
LYS CG  HG2  sing N N 183 
LYS CG  HG3  sing N N 184 
LYS CD  CE   sing N N 185 
LYS CD  HD2  sing N N 186 
LYS CD  HD3  sing N N 187 
LYS CE  NZ   sing N N 188 
LYS CE  HE2  sing N N 189 
LYS CE  HE3  sing N N 190 
LYS NZ  HZ1  sing N N 191 
LYS NZ  HZ2  sing N N 192 
LYS NZ  HZ3  sing N N 193 
LYS OXT HXT  sing N N 194 
MET N   CA   sing N N 195 
MET N   H    sing N N 196 
MET N   H2   sing N N 197 
MET CA  C    sing N N 198 
MET CA  CB   sing N N 199 
MET CA  HA   sing N N 200 
MET C   O    doub N N 201 
MET C   OXT  sing N N 202 
MET CB  CG   sing N N 203 
MET CB  HB2  sing N N 204 
MET CB  HB3  sing N N 205 
MET CG  SD   sing N N 206 
MET CG  HG2  sing N N 207 
MET CG  HG3  sing N N 208 
MET SD  CE   sing N N 209 
MET CE  HE1  sing N N 210 
MET CE  HE2  sing N N 211 
MET CE  HE3  sing N N 212 
MET OXT HXT  sing N N 213 
PHE N   CA   sing N N 214 
PHE N   H    sing N N 215 
PHE N   H2   sing N N 216 
PHE CA  C    sing N N 217 
PHE CA  CB   sing N N 218 
PHE CA  HA   sing N N 219 
PHE C   O    doub N N 220 
PHE C   OXT  sing N N 221 
PHE CB  CG   sing N N 222 
PHE CB  HB2  sing N N 223 
PHE CB  HB3  sing N N 224 
PHE CG  CD1  doub Y N 225 
PHE CG  CD2  sing Y N 226 
PHE CD1 CE1  sing Y N 227 
PHE CD1 HD1  sing N N 228 
PHE CD2 CE2  doub Y N 229 
PHE CD2 HD2  sing N N 230 
PHE CE1 CZ   doub Y N 231 
PHE CE1 HE1  sing N N 232 
PHE CE2 CZ   sing Y N 233 
PHE CE2 HE2  sing N N 234 
PHE CZ  HZ   sing N N 235 
PHE OXT HXT  sing N N 236 
PRO N   CA   sing N N 237 
PRO N   CD   sing N N 238 
PRO N   H    sing N N 239 
PRO CA  C    sing N N 240 
PRO CA  CB   sing N N 241 
PRO CA  HA   sing N N 242 
PRO C   O    doub N N 243 
PRO C   OXT  sing N N 244 
PRO CB  CG   sing N N 245 
PRO CB  HB2  sing N N 246 
PRO CB  HB3  sing N N 247 
PRO CG  CD   sing N N 248 
PRO CG  HG2  sing N N 249 
PRO CG  HG3  sing N N 250 
PRO CD  HD2  sing N N 251 
PRO CD  HD3  sing N N 252 
PRO OXT HXT  sing N N 253 
SER N   CA   sing N N 254 
SER N   H    sing N N 255 
SER N   H2   sing N N 256 
SER CA  C    sing N N 257 
SER CA  CB   sing N N 258 
SER CA  HA   sing N N 259 
SER C   O    doub N N 260 
SER C   OXT  sing N N 261 
SER CB  OG   sing N N 262 
SER CB  HB2  sing N N 263 
SER CB  HB3  sing N N 264 
SER OG  HG   sing N N 265 
SER OXT HXT  sing N N 266 
THR N   CA   sing N N 267 
THR N   H    sing N N 268 
THR N   H2   sing N N 269 
THR CA  C    sing N N 270 
THR CA  CB   sing N N 271 
THR CA  HA   sing N N 272 
THR C   O    doub N N 273 
THR C   OXT  sing N N 274 
THR CB  OG1  sing N N 275 
THR CB  CG2  sing N N 276 
THR CB  HB   sing N N 277 
THR OG1 HG1  sing N N 278 
THR CG2 HG21 sing N N 279 
THR CG2 HG22 sing N N 280 
THR CG2 HG23 sing N N 281 
THR OXT HXT  sing N N 282 
TRP N   CA   sing N N 283 
TRP N   H    sing N N 284 
TRP N   H2   sing N N 285 
TRP CA  C    sing N N 286 
TRP CA  CB   sing N N 287 
TRP CA  HA   sing N N 288 
TRP C   O    doub N N 289 
TRP C   OXT  sing N N 290 
TRP CB  CG   sing N N 291 
TRP CB  HB2  sing N N 292 
TRP CB  HB3  sing N N 293 
TRP CG  CD1  doub Y N 294 
TRP CG  CD2  sing Y N 295 
TRP CD1 NE1  sing Y N 296 
TRP CD1 HD1  sing N N 297 
TRP CD2 CE2  doub Y N 298 
TRP CD2 CE3  sing Y N 299 
TRP NE1 CE2  sing Y N 300 
TRP NE1 HE1  sing N N 301 
TRP CE2 CZ2  sing Y N 302 
TRP CE3 CZ3  doub Y N 303 
TRP CE3 HE3  sing N N 304 
TRP CZ2 CH2  doub Y N 305 
TRP CZ2 HZ2  sing N N 306 
TRP CZ3 CH2  sing Y N 307 
TRP CZ3 HZ3  sing N N 308 
TRP CH2 HH2  sing N N 309 
TRP OXT HXT  sing N N 310 
TYR N   CA   sing N N 311 
TYR N   H    sing N N 312 
TYR N   H2   sing N N 313 
TYR CA  C    sing N N 314 
TYR CA  CB   sing N N 315 
TYR CA  HA   sing N N 316 
TYR C   O    doub N N 317 
TYR C   OXT  sing N N 318 
TYR CB  CG   sing N N 319 
TYR CB  HB2  sing N N 320 
TYR CB  HB3  sing N N 321 
TYR CG  CD1  doub Y N 322 
TYR CG  CD2  sing Y N 323 
TYR CD1 CE1  sing Y N 324 
TYR CD1 HD1  sing N N 325 
TYR CD2 CE2  doub Y N 326 
TYR CD2 HD2  sing N N 327 
TYR CE1 CZ   doub Y N 328 
TYR CE1 HE1  sing N N 329 
TYR CE2 CZ   sing Y N 330 
TYR CE2 HE2  sing N N 331 
TYR CZ  OH   sing N N 332 
TYR OH  HH   sing N N 333 
TYR OXT HXT  sing N N 334 
VAL N   CA   sing N N 335 
VAL N   H    sing N N 336 
VAL N   H2   sing N N 337 
VAL CA  C    sing N N 338 
VAL CA  CB   sing N N 339 
VAL CA  HA   sing N N 340 
VAL C   O    doub N N 341 
VAL C   OXT  sing N N 342 
VAL CB  CG1  sing N N 343 
VAL CB  CG2  sing N N 344 
VAL CB  HB   sing N N 345 
VAL CG1 HG11 sing N N 346 
VAL CG1 HG12 sing N N 347 
VAL CG1 HG13 sing N N 348 
VAL CG2 HG21 sing N N 349 
VAL CG2 HG22 sing N N 350 
VAL CG2 HG23 sing N N 351 
VAL OXT HXT  sing N N 352 
# 
_pdbx_initial_refinement_model.id               1 
_pdbx_initial_refinement_model.entity_id_list   ? 
_pdbx_initial_refinement_model.type             'experimental model' 
_pdbx_initial_refinement_model.source_name      PDB 
_pdbx_initial_refinement_model.accession_code   1U1T 
_pdbx_initial_refinement_model.details          'PDB entry 1U1T' 
# 
loop_
_pdbx_reflns_twin.domain_id 
_pdbx_reflns_twin.crystal_id 
_pdbx_reflns_twin.diffrn_id 
_pdbx_reflns_twin.fraction 
_pdbx_reflns_twin.operator 
_pdbx_reflns_twin.type 
_pdbx_reflns_twin.mean_F_square_over_mean_F2 
_pdbx_reflns_twin.mean_I2_over_mean_I_square 
1 1 1 0.085 'H,  K,  L'    ? ? ? 
2 1 1 0.455 '-H,  H+K, -L' ? ? ? 
3 1 1 0.460 'K,  H, -L'    ? ? ? 
# 
